data_5LU4
#
_entry.id   5LU4
#
_cell.length_a   74.159
_cell.length_b   126.515
_cell.length_c   218.998
_cell.angle_alpha   90.000
_cell.angle_beta   90.000
_cell.angle_gamma   90.000
#
_symmetry.space_group_name_H-M   'P 21 21 21'
#
loop_
_entity.id
_entity.type
_entity.pdbx_description
1 polymer 'Pyruvate, phosphate dikinase, chloroplastic'
2 non-polymer "ADENOSINE-5'-DIPHOSPHATE"
3 non-polymer 'MAGNESIUM ION'
4 non-polymer 'PYRUVIC ACID'
5 water water
#
_entity_poly.entity_id   1
_entity_poly.type   'polypeptide(L)'
_entity_poly.pdbx_seq_one_letter_code
;KKRVFTFGKGRSEGNRDMKSLLGGKGANLAEMSSIGLSVPPGLTISTEACEEYQQNGKSLPPGLWDEISEGLDYVQKEMS
ASLGDPSKPLLLSVRSGAAISMPGMMDTVLNLGLNDEVVAGLAGKSGARFAYDSYRRFLDMFGNVVMGIPHSLFDEKLEQ
MKAEKGIHLDTDLTAADLKDLVEKYKNVYVEAKGEKFPTDPKKQLELAVNAVFDSWDSPRANKYRSINQITGLKGTAVNI
QSMVFGNMGNTSGTGVLFTRNPSTGEKKLYGEFLINAQGEDVVAGIRTPEDLGTMETCMPEAYKELVENCEILERHYKDM
MDIEFTVQENRLWMLQCRTGKRTGKGAVRIAVDMVNEGLIDTRTAIKRVETQHLDQLLHPQFEDPSAYKSHVVATGLPAS
PGAAVGQVCFSAEDAETWHAQGKSAILVRTETSPEDVGGMHAAAGILTARGGMTSHAAVVARGWGKCCVSGCADIRVNDD
MKIFTIGDRVIKEGDWLSLNGTTGEVILGKQLLAPPAMSNDLEIFMSWADQARRLKVMANADTPNDALTARNNGAQGIGL
CRTEHMFFASDERIKAVRKMIMAVTPEQRKVALDLLLPYQRSDFEGIFRAMDGLPVTIRLLDPPLHEFLPEGDLEHIVNE
LAVDTGMSADEIYSKIENLSEVNPMLGFRGCRLGISYPELTEMQVRAIFQAAVSMTNQGVTVIPEIMVPLVGTPQELRHQ
ISVIRGVAANVFAEMGVTLEYKVGTMIEIPRAALIAEEIGKEADFFSFGTNDLTQMTFGYSRDDVGKFLQIYLAQGILQH
DPFEVIDQKGVGQLIKMATEKGRAANPSLKVGICGEHGGEPSSVAFFDGVGLDYVSCSPFRVPIARLAAAQVIV
;
_entity_poly.pdbx_strand_id   A,B
#
# COMPACT_ATOMS: atom_id res chain seq x y z
N LYS A 1 -31.35 -8.51 -38.96
CA LYS A 1 -31.11 -10.04 -38.77
C LYS A 1 -31.07 -10.23 -37.23
N LYS A 2 -30.29 -11.20 -36.69
CA LYS A 2 -30.31 -11.43 -35.26
C LYS A 2 -29.44 -10.44 -34.53
N ARG A 3 -29.97 -9.82 -33.48
CA ARG A 3 -29.26 -8.83 -32.72
C ARG A 3 -29.22 -9.04 -31.24
N VAL A 4 -30.06 -9.92 -30.70
CA VAL A 4 -30.00 -10.27 -29.27
C VAL A 4 -29.54 -11.74 -29.13
N PHE A 5 -28.45 -11.96 -28.41
CA PHE A 5 -27.88 -13.26 -28.11
C PHE A 5 -27.89 -13.56 -26.62
N THR A 6 -28.72 -14.50 -26.19
CA THR A 6 -28.84 -14.86 -24.77
C THR A 6 -27.67 -15.73 -24.28
N PHE A 7 -27.55 -15.85 -22.97
CA PHE A 7 -26.62 -16.78 -22.37
C PHE A 7 -27.10 -17.12 -20.96
N GLY A 8 -27.09 -18.40 -20.61
CA GLY A 8 -27.61 -18.87 -19.32
C GLY A 8 -27.03 -20.23 -18.98
N LYS A 9 -27.78 -21.02 -18.22
CA LYS A 9 -27.24 -22.25 -17.65
C LYS A 9 -26.94 -23.28 -18.77
N GLY A 10 -25.65 -23.50 -19.00
CA GLY A 10 -25.21 -24.48 -19.97
C GLY A 10 -25.46 -24.20 -21.43
N ARG A 11 -26.05 -23.05 -21.74
CA ARG A 11 -26.37 -22.70 -23.12
C ARG A 11 -26.04 -21.20 -23.31
N SER A 12 -25.76 -20.87 -24.56
CA SER A 12 -25.47 -19.54 -24.97
C SER A 12 -25.52 -19.48 -26.48
N GLU A 13 -26.15 -18.48 -27.03
CA GLU A 13 -26.26 -18.28 -28.46
C GLU A 13 -25.02 -17.81 -29.21
N GLY A 14 -23.97 -17.46 -28.51
CA GLY A 14 -22.75 -17.01 -29.08
C GLY A 14 -21.60 -17.71 -28.43
N ASN A 15 -20.39 -17.32 -28.86
CA ASN A 15 -19.14 -18.07 -28.51
C ASN A 15 -18.01 -17.09 -28.51
N ARG A 16 -16.84 -17.53 -28.08
CA ARG A 16 -15.72 -16.61 -27.88
C ARG A 16 -15.14 -16.05 -29.13
N ASP A 17 -15.55 -16.58 -30.27
CA ASP A 17 -15.04 -16.07 -31.56
C ASP A 17 -15.87 -14.91 -32.12
N MET A 18 -17.07 -14.70 -31.62
CA MET A 18 -17.97 -13.65 -32.18
C MET A 18 -17.81 -12.25 -31.45
N LYS A 19 -16.59 -11.75 -31.40
CA LYS A 19 -16.26 -10.54 -30.73
C LYS A 19 -16.63 -9.33 -31.58
N SER A 20 -16.77 -9.47 -32.88
CA SER A 20 -17.27 -8.38 -33.68
C SER A 20 -18.70 -7.91 -33.43
N LEU A 21 -19.58 -8.82 -33.08
CA LEU A 21 -20.97 -8.55 -32.84
C LEU A 21 -21.27 -8.52 -31.36
N LEU A 22 -20.40 -9.09 -30.52
CA LEU A 22 -20.68 -9.20 -29.09
C LEU A 22 -19.63 -8.61 -28.20
N GLY A 23 -18.51 -8.15 -28.74
CA GLY A 23 -17.42 -7.69 -27.95
C GLY A 23 -16.76 -8.81 -27.16
N GLY A 24 -15.57 -8.58 -26.67
CA GLY A 24 -14.94 -9.58 -25.89
C GLY A 24 -15.71 -9.97 -24.67
N LYS A 25 -16.43 -9.05 -24.12
CA LYS A 25 -17.12 -9.24 -22.83
C LYS A 25 -18.31 -10.13 -23.07
N GLY A 26 -19.14 -9.81 -24.03
CA GLY A 26 -20.32 -10.58 -24.31
C GLY A 26 -19.96 -11.95 -24.95
N ALA A 27 -18.90 -11.96 -25.76
CA ALA A 27 -18.44 -13.16 -26.36
C ALA A 27 -17.95 -14.15 -25.28
N ASN A 28 -17.11 -13.69 -24.35
CA ASN A 28 -16.58 -14.54 -23.31
C ASN A 28 -17.64 -14.84 -22.25
N LEU A 29 -18.67 -14.01 -22.10
CA LEU A 29 -19.77 -14.39 -21.25
C LEU A 29 -20.54 -15.58 -21.85
N ALA A 30 -20.71 -15.57 -23.15
CA ALA A 30 -21.34 -16.66 -23.85
C ALA A 30 -20.49 -17.94 -23.77
N GLU A 31 -19.18 -17.77 -23.86
CA GLU A 31 -18.30 -18.92 -23.86
C GLU A 31 -18.27 -19.59 -22.52
N MET A 32 -18.23 -18.80 -21.45
CA MET A 32 -18.27 -19.35 -20.12
C MET A 32 -19.61 -20.02 -19.82
N SER A 33 -20.68 -19.50 -20.37
CA SER A 33 -21.95 -20.16 -20.20
C SER A 33 -22.03 -21.53 -20.96
N SER A 34 -21.34 -21.62 -22.12
CA SER A 34 -21.33 -22.82 -22.90
C SER A 34 -20.50 -23.88 -22.20
N ILE A 35 -19.35 -23.51 -21.68
CA ILE A 35 -18.48 -24.44 -20.98
C ILE A 35 -19.19 -25.10 -19.77
N GLY A 36 -20.16 -24.40 -19.14
CA GLY A 36 -20.87 -24.90 -17.96
C GLY A 36 -20.56 -24.19 -16.67
N LEU A 37 -19.89 -23.03 -16.73
CA LEU A 37 -19.63 -22.25 -15.51
C LEU A 37 -20.88 -21.49 -15.06
N SER A 38 -20.93 -21.15 -13.79
CA SER A 38 -22.05 -20.45 -13.17
C SER A 38 -21.94 -19.04 -13.57
N VAL A 39 -22.65 -18.67 -14.62
CA VAL A 39 -22.60 -17.30 -15.14
C VAL A 39 -24.01 -16.68 -15.01
N PRO A 40 -24.16 -15.50 -14.43
CA PRO A 40 -25.47 -15.01 -14.33
C PRO A 40 -26.14 -14.81 -15.68
N PRO A 41 -27.39 -15.23 -15.83
CA PRO A 41 -27.99 -15.18 -17.15
C PRO A 41 -28.27 -13.80 -17.63
N GLY A 42 -28.12 -13.60 -18.94
CA GLY A 42 -28.37 -12.32 -19.53
C GLY A 42 -28.47 -12.40 -21.03
N LEU A 43 -28.26 -11.29 -21.70
CA LEU A 43 -28.34 -11.19 -23.13
C LEU A 43 -27.42 -10.10 -23.61
N THR A 44 -27.05 -10.17 -24.90
CA THR A 44 -26.15 -9.24 -25.52
C THR A 44 -26.81 -8.66 -26.75
N ILE A 45 -26.88 -7.29 -26.81
CA ILE A 45 -27.35 -6.59 -27.96
C ILE A 45 -26.15 -6.35 -28.82
N SER A 46 -26.31 -6.66 -30.09
CA SER A 46 -25.22 -6.67 -31.05
C SER A 46 -24.60 -5.25 -31.25
N THR A 47 -23.39 -5.22 -31.75
CA THR A 47 -22.76 -4.02 -32.19
C THR A 47 -23.44 -3.48 -33.40
N GLU A 48 -24.12 -4.30 -34.21
CA GLU A 48 -24.80 -3.81 -35.37
C GLU A 48 -26.04 -3.01 -34.96
N ALA A 49 -26.58 -3.28 -33.79
CA ALA A 49 -27.62 -2.44 -33.25
C ALA A 49 -27.11 -1.06 -32.83
N CYS A 50 -25.86 -1.00 -32.34
CA CYS A 50 -25.21 0.25 -32.03
C CYS A 50 -24.88 1.03 -33.29
N GLU A 51 -24.42 0.36 -34.33
CA GLU A 51 -24.16 1.01 -35.60
C GLU A 51 -25.44 1.59 -36.18
N GLU A 52 -26.52 0.85 -36.11
CA GLU A 52 -27.79 1.29 -36.67
C GLU A 52 -28.39 2.39 -35.80
N TYR A 53 -28.13 2.34 -34.49
CA TYR A 53 -28.58 3.42 -33.61
C TYR A 53 -27.87 4.73 -33.95
N GLN A 54 -26.56 4.67 -34.21
CA GLN A 54 -25.78 5.83 -34.46
C GLN A 54 -26.05 6.43 -35.79
N GLN A 55 -26.77 5.75 -36.68
CA GLN A 55 -27.00 6.28 -38.04
C GLN A 55 -28.44 6.61 -38.31
N ASN A 56 -29.39 6.08 -37.56
CA ASN A 56 -30.78 6.41 -37.74
C ASN A 56 -31.28 7.64 -36.90
N GLY A 57 -30.35 8.42 -36.35
CA GLY A 57 -30.78 9.49 -35.46
C GLY A 57 -31.05 9.10 -34.01
N LYS A 58 -30.15 8.27 -33.47
CA LYS A 58 -30.16 7.92 -32.07
C LYS A 58 -31.49 7.33 -31.62
N SER A 59 -31.87 6.22 -32.28
CA SER A 59 -33.09 5.50 -31.98
C SER A 59 -32.91 3.99 -32.05
N LEU A 60 -33.79 3.25 -31.39
CA LEU A 60 -33.76 1.80 -31.51
C LEU A 60 -34.34 1.37 -32.86
N PRO A 61 -33.69 0.35 -33.51
CA PRO A 61 -34.34 -0.18 -34.73
C PRO A 61 -35.63 -0.96 -34.39
N PRO A 62 -36.52 -1.10 -35.38
CA PRO A 62 -37.88 -1.58 -35.15
C PRO A 62 -38.04 -2.85 -34.21
N GLY A 63 -37.53 -3.97 -34.67
CA GLY A 63 -37.82 -5.08 -33.83
C GLY A 63 -36.94 -5.21 -32.62
N LEU A 64 -36.00 -4.31 -32.35
CA LEU A 64 -34.98 -4.57 -31.33
C LEU A 64 -35.57 -4.67 -29.96
N TRP A 65 -36.50 -3.76 -29.60
CA TRP A 65 -37.04 -3.84 -28.22
C TRP A 65 -37.85 -5.14 -27.95
N ASP A 66 -38.61 -5.59 -28.92
CA ASP A 66 -39.32 -6.87 -28.80
C ASP A 66 -38.34 -8.03 -28.74
N GLU A 67 -37.25 -7.90 -29.48
CA GLU A 67 -36.17 -8.85 -29.42
C GLU A 67 -35.47 -8.85 -28.06
N ILE A 68 -35.31 -7.68 -27.46
CA ILE A 68 -34.77 -7.57 -26.11
C ILE A 68 -35.73 -8.21 -25.10
N SER A 69 -37.04 -8.04 -25.31
CA SER A 69 -38.02 -8.63 -24.41
C SER A 69 -38.03 -10.15 -24.50
N GLU A 70 -37.70 -10.70 -25.67
CA GLU A 70 -37.59 -12.14 -25.82
C GLU A 70 -36.43 -12.65 -24.95
N GLY A 71 -35.26 -12.00 -25.03
CA GLY A 71 -34.15 -12.45 -24.21
C GLY A 71 -34.43 -12.23 -22.72
N LEU A 72 -35.15 -11.15 -22.37
CA LEU A 72 -35.46 -10.93 -21.00
C LEU A 72 -36.44 -11.99 -20.49
N ASP A 73 -37.32 -12.51 -21.34
CA ASP A 73 -38.22 -13.60 -20.95
C ASP A 73 -37.42 -14.82 -20.60
N TYR A 74 -36.33 -15.01 -21.33
CA TYR A 74 -35.43 -16.16 -21.07
C TYR A 74 -34.75 -15.94 -19.70
N VAL A 75 -34.27 -14.73 -19.43
CA VAL A 75 -33.60 -14.42 -18.16
C VAL A 75 -34.59 -14.49 -16.99
N GLN A 76 -35.78 -13.92 -17.20
CA GLN A 76 -36.80 -14.01 -16.20
C GLN A 76 -37.21 -15.45 -15.90
N LYS A 77 -37.28 -16.28 -16.94
CA LYS A 77 -37.67 -17.70 -16.78
C LYS A 77 -36.61 -18.46 -15.95
N GLU A 78 -35.33 -18.20 -16.21
CA GLU A 78 -34.29 -18.90 -15.52
C GLU A 78 -34.17 -18.44 -14.09
N MET A 79 -34.23 -17.12 -13.87
CA MET A 79 -34.13 -16.55 -12.50
C MET A 79 -35.40 -16.68 -11.69
N SER A 80 -36.54 -16.97 -12.33
CA SER A 80 -37.83 -17.08 -11.63
C SER A 80 -38.18 -15.75 -10.94
N ALA A 81 -37.89 -14.67 -11.66
CA ALA A 81 -38.14 -13.31 -11.19
C ALA A 81 -38.44 -12.44 -12.36
N SER A 82 -39.46 -11.62 -12.24
CA SER A 82 -39.83 -10.65 -13.28
C SER A 82 -39.33 -9.23 -12.93
N LEU A 83 -39.04 -8.48 -13.98
CA LEU A 83 -38.56 -7.10 -13.84
C LEU A 83 -39.75 -6.23 -13.37
N GLY A 84 -39.52 -5.56 -12.25
CA GLY A 84 -40.51 -4.72 -11.64
C GLY A 84 -41.55 -5.38 -10.77
N ASP A 85 -41.40 -6.65 -10.50
CA ASP A 85 -42.36 -7.38 -9.67
C ASP A 85 -41.85 -7.39 -8.23
N PRO A 86 -42.50 -6.66 -7.32
CA PRO A 86 -42.03 -6.68 -5.93
C PRO A 86 -42.04 -8.03 -5.26
N SER A 87 -42.86 -8.98 -5.72
CA SER A 87 -42.88 -10.33 -5.13
C SER A 87 -41.60 -11.14 -5.48
N LYS A 88 -41.26 -11.13 -6.78
CA LYS A 88 -40.07 -11.81 -7.27
C LYS A 88 -39.25 -10.87 -8.16
N PRO A 89 -38.50 -9.96 -7.56
CA PRO A 89 -37.82 -8.91 -8.34
C PRO A 89 -36.60 -9.40 -9.07
N LEU A 90 -36.43 -8.96 -10.31
CA LEU A 90 -35.24 -9.22 -11.11
C LEU A 90 -34.48 -7.95 -11.27
N LEU A 91 -33.26 -7.89 -10.75
CA LEU A 91 -32.43 -6.70 -10.93
C LEU A 91 -31.34 -6.98 -11.92
N LEU A 92 -30.98 -5.95 -12.70
CA LEU A 92 -30.13 -6.12 -13.87
C LEU A 92 -28.90 -5.28 -13.75
N SER A 93 -27.91 -5.62 -14.60
CA SER A 93 -26.76 -4.77 -14.80
C SER A 93 -26.67 -4.46 -16.29
N VAL A 94 -26.21 -3.27 -16.66
CA VAL A 94 -26.11 -2.90 -18.04
C VAL A 94 -24.66 -2.64 -18.28
N ARG A 95 -24.06 -3.40 -19.20
CA ARG A 95 -22.61 -3.40 -19.36
C ARG A 95 -22.29 -3.06 -20.78
N SER A 96 -21.21 -2.35 -21.00
CA SER A 96 -20.72 -2.02 -22.32
C SER A 96 -19.61 -3.04 -22.70
N GLY A 97 -19.38 -3.08 -24.00
CA GLY A 97 -18.28 -3.85 -24.53
C GLY A 97 -18.13 -3.89 -26.02
N ALA A 98 -16.97 -3.54 -26.49
CA ALA A 98 -16.64 -3.60 -27.89
C ALA A 98 -15.71 -4.76 -28.17
N ALA A 99 -15.38 -4.95 -29.43
CA ALA A 99 -14.48 -5.98 -29.81
C ALA A 99 -13.05 -5.84 -29.25
N ILE A 100 -12.64 -4.62 -28.94
CA ILE A 100 -11.34 -4.32 -28.38
C ILE A 100 -11.63 -3.51 -27.12
N SER A 101 -10.89 -3.80 -26.05
CA SER A 101 -11.03 -3.04 -24.78
C SER A 101 -10.62 -1.61 -25.05
N MET A 102 -11.52 -0.66 -24.73
CA MET A 102 -11.25 0.73 -25.04
C MET A 102 -11.95 1.77 -24.10
N PRO A 103 -11.32 2.93 -23.85
CA PRO A 103 -11.97 3.93 -23.02
C PRO A 103 -13.10 4.70 -23.72
N GLY A 104 -13.86 5.48 -22.93
CA GLY A 104 -14.96 6.27 -23.44
C GLY A 104 -16.28 5.52 -23.39
N MET A 105 -16.25 4.20 -23.22
CA MET A 105 -17.49 3.43 -23.20
C MET A 105 -18.14 3.73 -21.86
N MET A 106 -19.42 3.48 -21.78
CA MET A 106 -20.16 3.74 -20.57
C MET A 106 -19.71 2.76 -19.49
N ASP A 107 -19.45 3.26 -18.29
CA ASP A 107 -19.29 2.45 -17.09
C ASP A 107 -20.57 1.71 -16.76
N THR A 108 -20.43 0.53 -16.18
CA THR A 108 -21.57 -0.33 -15.90
C THR A 108 -22.50 0.20 -14.80
N VAL A 109 -23.78 0.09 -15.02
CA VAL A 109 -24.77 0.33 -14.00
C VAL A 109 -25.13 -1.01 -13.36
N LEU A 110 -25.02 -1.14 -12.07
CA LEU A 110 -25.54 -2.23 -11.31
C LEU A 110 -26.86 -1.94 -10.62
N ASN A 111 -27.51 -2.96 -10.11
CA ASN A 111 -28.74 -2.83 -9.36
C ASN A 111 -29.90 -2.10 -10.07
N LEU A 112 -29.95 -2.19 -11.38
CA LEU A 112 -31.01 -1.57 -12.17
C LEU A 112 -32.31 -2.27 -11.97
N GLY A 113 -33.40 -1.55 -11.98
CA GLY A 113 -34.72 -2.10 -11.80
C GLY A 113 -35.32 -1.87 -10.44
N LEU A 114 -34.85 -0.87 -9.68
CA LEU A 114 -35.33 -0.60 -8.36
C LEU A 114 -36.15 0.70 -8.30
N ASN A 115 -37.15 0.69 -7.41
CA ASN A 115 -37.97 1.80 -7.07
C ASN A 115 -38.49 1.58 -5.64
N ASP A 116 -39.45 2.35 -5.18
CA ASP A 116 -39.92 2.17 -3.82
C ASP A 116 -40.58 0.82 -3.57
N GLU A 117 -41.40 0.35 -4.53
CA GLU A 117 -42.16 -0.87 -4.38
C GLU A 117 -41.23 -2.06 -4.40
N VAL A 118 -40.27 -2.06 -5.35
CA VAL A 118 -39.38 -3.17 -5.56
C VAL A 118 -38.46 -3.34 -4.36
N VAL A 119 -37.99 -2.25 -3.81
CA VAL A 119 -37.12 -2.31 -2.64
C VAL A 119 -37.88 -2.83 -1.43
N ALA A 120 -39.18 -2.57 -1.36
CA ALA A 120 -39.98 -3.05 -0.24
C ALA A 120 -40.02 -4.55 -0.28
N GLY A 121 -40.31 -5.09 -1.45
CA GLY A 121 -40.34 -6.53 -1.66
C GLY A 121 -38.97 -7.19 -1.56
N LEU A 122 -37.95 -6.51 -2.06
CA LEU A 122 -36.59 -6.97 -1.92
C LEU A 122 -36.10 -6.98 -0.47
N ALA A 123 -36.47 -5.97 0.29
CA ALA A 123 -36.15 -5.96 1.71
C ALA A 123 -36.86 -7.09 2.44
N GLY A 124 -38.09 -7.40 2.01
CA GLY A 124 -38.89 -8.47 2.61
C GLY A 124 -38.28 -9.82 2.33
N LYS A 125 -37.69 -10.00 1.15
CA LYS A 125 -37.13 -11.28 0.77
C LYS A 125 -35.71 -11.51 1.33
N SER A 126 -34.84 -10.52 1.16
CA SER A 126 -33.38 -10.71 1.26
C SER A 126 -32.69 -9.84 2.34
N GLY A 127 -33.45 -9.08 3.13
CA GLY A 127 -32.86 -8.21 4.15
C GLY A 127 -32.96 -6.76 3.78
N ALA A 128 -33.20 -5.91 4.78
CA ALA A 128 -33.55 -4.51 4.54
C ALA A 128 -32.33 -3.68 4.23
N ARG A 129 -31.29 -3.79 5.03
CA ARG A 129 -30.09 -2.99 4.77
C ARG A 129 -29.43 -3.35 3.44
N PHE A 130 -29.45 -4.62 3.08
CA PHE A 130 -29.02 -5.00 1.71
C PHE A 130 -29.83 -4.27 0.63
N ALA A 131 -31.14 -4.23 0.80
CA ALA A 131 -32.00 -3.68 -0.23
C ALA A 131 -31.81 -2.14 -0.38
N TYR A 132 -31.84 -1.42 0.72
CA TYR A 132 -31.66 0.00 0.66
C TYR A 132 -30.22 0.41 0.33
N ASP A 133 -29.26 -0.44 0.66
CA ASP A 133 -27.88 -0.20 0.23
C ASP A 133 -27.77 -0.38 -1.30
N SER A 134 -28.46 -1.35 -1.84
CA SER A 134 -28.43 -1.58 -3.27
C SER A 134 -29.15 -0.51 -4.00
N TYR A 135 -30.21 -0.02 -3.42
CA TYR A 135 -31.00 1.16 -3.96
C TYR A 135 -30.23 2.46 -3.90
N ARG A 136 -29.47 2.63 -2.82
CA ARG A 136 -28.47 3.69 -2.77
C ARG A 136 -27.51 3.60 -3.95
N ARG A 137 -26.94 2.40 -4.17
CA ARG A 137 -25.97 2.19 -5.26
C ARG A 137 -26.56 2.47 -6.61
N PHE A 138 -27.80 2.04 -6.80
CA PHE A 138 -28.44 2.21 -8.08
C PHE A 138 -28.66 3.69 -8.42
N LEU A 139 -29.24 4.45 -7.48
CA LEU A 139 -29.44 5.86 -7.71
C LEU A 139 -28.13 6.57 -8.01
N ASP A 140 -27.10 6.26 -7.26
CA ASP A 140 -25.80 6.84 -7.48
C ASP A 140 -25.24 6.48 -8.83
N MET A 141 -25.20 5.18 -9.17
CA MET A 141 -24.59 4.74 -10.42
C MET A 141 -25.44 5.16 -11.60
N PHE A 142 -26.71 4.88 -11.52
CA PHE A 142 -27.61 5.24 -12.62
C PHE A 142 -27.64 6.79 -12.94
N GLY A 143 -27.78 7.63 -11.92
CA GLY A 143 -27.63 9.04 -12.10
C GLY A 143 -26.28 9.50 -12.63
N ASN A 144 -25.24 8.91 -12.08
CA ASN A 144 -23.86 9.16 -12.59
C ASN A 144 -23.66 8.77 -14.05
N VAL A 145 -24.02 7.57 -14.38
CA VAL A 145 -23.61 6.99 -15.63
C VAL A 145 -24.61 7.22 -16.72
N VAL A 146 -25.90 7.25 -16.42
CA VAL A 146 -26.94 7.42 -17.41
C VAL A 146 -27.45 8.87 -17.51
N MET A 147 -27.58 9.57 -16.39
CA MET A 147 -28.11 10.87 -16.33
C MET A 147 -27.05 11.97 -16.29
N GLY A 148 -25.77 11.58 -16.28
CA GLY A 148 -24.69 12.62 -16.34
C GLY A 148 -24.53 13.51 -15.10
N ILE A 149 -25.17 13.16 -14.01
CA ILE A 149 -24.97 13.80 -12.74
C ILE A 149 -23.59 13.40 -12.15
N PRO A 150 -22.81 14.35 -11.62
CA PRO A 150 -21.57 13.96 -11.01
C PRO A 150 -21.77 13.06 -9.81
N HIS A 151 -20.86 12.07 -9.63
CA HIS A 151 -20.86 11.21 -8.44
C HIS A 151 -20.70 11.98 -7.12
N SER A 152 -20.12 13.20 -7.15
CA SER A 152 -19.88 13.99 -5.98
C SER A 152 -21.19 14.38 -5.29
N LEU A 153 -22.25 14.65 -6.06
CA LEU A 153 -23.49 15.10 -5.48
C LEU A 153 -24.14 14.02 -4.62
N PHE A 154 -23.89 12.76 -4.96
CA PHE A 154 -24.39 11.67 -4.12
C PHE A 154 -23.49 11.43 -2.91
N ASP A 155 -22.18 11.49 -3.10
CA ASP A 155 -21.25 11.25 -2.00
C ASP A 155 -21.39 12.35 -0.93
N GLU A 156 -21.77 13.56 -1.33
CA GLU A 156 -21.86 14.62 -0.34
C GLU A 156 -23.14 14.51 0.48
N LYS A 157 -24.18 13.89 -0.07
CA LYS A 157 -25.35 13.62 0.75
C LYS A 157 -25.05 12.51 1.75
N LEU A 158 -24.16 11.60 1.37
CA LEU A 158 -23.73 10.52 2.26
C LEU A 158 -22.95 11.10 3.42
N GLU A 159 -21.92 11.88 3.12
CA GLU A 159 -21.11 12.52 4.16
C GLU A 159 -21.92 13.52 4.98
N GLN A 160 -22.93 14.12 4.36
CA GLN A 160 -23.82 15.04 5.08
C GLN A 160 -24.66 14.32 6.13
N MET A 161 -25.14 13.12 5.80
CA MET A 161 -25.86 12.29 6.78
C MET A 161 -24.91 11.77 7.87
N LYS A 162 -23.67 11.42 7.49
CA LYS A 162 -22.68 11.02 8.49
C LYS A 162 -22.33 12.14 9.47
N ALA A 163 -22.38 13.39 9.01
CA ALA A 163 -22.10 14.51 9.88
C ALA A 163 -23.30 14.81 10.75
N GLU A 164 -24.49 14.90 10.14
CA GLU A 164 -25.73 15.26 10.87
C GLU A 164 -26.12 14.21 11.91
N LYS A 165 -25.75 12.94 11.63
CA LYS A 165 -26.00 11.83 12.57
C LYS A 165 -24.79 11.51 13.49
N GLY A 166 -23.59 11.92 13.10
CA GLY A 166 -22.39 11.65 13.89
C GLY A 166 -21.77 10.28 13.61
N ILE A 167 -22.28 9.51 12.65
CA ILE A 167 -21.64 8.26 12.31
C ILE A 167 -20.32 8.52 11.58
N HIS A 168 -19.49 7.48 11.53
CA HIS A 168 -18.11 7.55 11.05
C HIS A 168 -17.95 6.76 9.75
N LEU A 169 -18.19 5.45 9.82
CA LEU A 169 -18.04 4.54 8.70
C LEU A 169 -19.40 4.21 8.08
N ASP A 170 -19.37 3.63 6.88
CA ASP A 170 -20.60 3.26 6.20
C ASP A 170 -21.36 2.17 6.96
N THR A 171 -20.63 1.20 7.53
CA THR A 171 -21.23 0.08 8.26
C THR A 171 -22.16 0.53 9.43
N ASP A 172 -21.94 1.70 9.99
CA ASP A 172 -22.72 2.17 11.13
C ASP A 172 -24.09 2.83 10.72
N LEU A 173 -24.52 2.65 9.47
CA LEU A 173 -25.81 3.17 9.06
C LEU A 173 -26.80 2.02 9.07
N THR A 174 -27.95 2.27 9.69
CA THR A 174 -29.00 1.26 9.77
C THR A 174 -29.84 1.26 8.50
N ALA A 175 -30.82 0.35 8.46
CA ALA A 175 -31.68 0.20 7.31
C ALA A 175 -32.51 1.43 7.10
N ALA A 176 -33.03 2.00 8.21
CA ALA A 176 -33.82 3.23 8.13
C ALA A 176 -32.95 4.44 7.71
N ASP A 177 -31.68 4.45 8.14
CA ASP A 177 -30.75 5.48 7.72
C ASP A 177 -30.50 5.45 6.22
N LEU A 178 -30.26 4.26 5.67
CA LEU A 178 -30.14 4.13 4.22
C LEU A 178 -31.46 4.42 3.53
N LYS A 179 -32.58 4.11 4.16
CA LYS A 179 -33.88 4.40 3.58
C LYS A 179 -34.12 5.92 3.46
N ASP A 180 -33.53 6.70 4.38
CA ASP A 180 -33.54 8.13 4.30
C ASP A 180 -32.52 8.65 3.28
N LEU A 181 -31.33 8.07 3.24
CA LEU A 181 -30.33 8.47 2.26
C LEU A 181 -30.85 8.22 0.84
N VAL A 182 -31.71 7.22 0.69
CA VAL A 182 -32.38 6.97 -0.59
C VAL A 182 -33.20 8.18 -1.02
N GLU A 183 -33.93 8.75 -0.07
CA GLU A 183 -34.74 9.97 -0.33
C GLU A 183 -33.87 11.16 -0.69
N LYS A 184 -32.73 11.28 -0.02
CA LYS A 184 -31.78 12.32 -0.34
C LYS A 184 -31.22 12.17 -1.74
N TYR A 185 -30.89 10.96 -2.12
CA TYR A 185 -30.38 10.72 -3.45
C TYR A 185 -31.39 10.99 -4.51
N LYS A 186 -32.66 10.69 -4.24
CA LYS A 186 -33.72 10.98 -5.18
C LYS A 186 -33.83 12.47 -5.42
N ASN A 187 -33.65 13.26 -4.35
CA ASN A 187 -33.66 14.73 -4.42
C ASN A 187 -32.51 15.28 -5.24
N VAL A 188 -31.38 14.58 -5.24
CA VAL A 188 -30.23 14.96 -6.08
C VAL A 188 -30.63 15.08 -7.57
N TYR A 189 -31.45 14.12 -8.01
CA TYR A 189 -31.94 14.18 -9.37
C TYR A 189 -32.65 15.54 -9.71
N VAL A 190 -33.53 15.96 -8.82
CA VAL A 190 -34.32 17.16 -9.03
C VAL A 190 -33.47 18.44 -8.88
N GLU A 191 -32.57 18.42 -7.92
CA GLU A 191 -31.61 19.48 -7.71
C GLU A 191 -30.60 19.64 -8.83
N ALA A 192 -30.27 18.62 -9.57
CA ALA A 192 -29.21 18.73 -10.57
C ALA A 192 -29.75 18.97 -12.03
N LYS A 193 -30.80 18.20 -12.37
CA LYS A 193 -31.36 18.17 -13.72
C LYS A 193 -32.79 18.77 -13.83
N GLY A 194 -33.46 19.00 -12.70
CA GLY A 194 -34.84 19.35 -12.73
C GLY A 194 -35.87 18.34 -13.00
N GLU A 195 -35.47 17.09 -13.20
CA GLU A 195 -36.38 15.93 -13.46
C GLU A 195 -36.16 14.96 -12.38
N LYS A 196 -37.23 14.29 -11.94
CA LYS A 196 -37.19 13.21 -10.93
C LYS A 196 -36.69 11.93 -11.59
N PHE A 197 -36.48 10.94 -10.76
CA PHE A 197 -35.83 9.70 -11.15
C PHE A 197 -36.80 8.77 -11.85
N PRO A 198 -36.40 8.08 -12.96
CA PRO A 198 -37.27 7.06 -13.58
C PRO A 198 -37.61 5.94 -12.61
N THR A 199 -38.91 5.82 -12.28
CA THR A 199 -39.35 4.72 -11.45
C THR A 199 -39.61 3.45 -12.24
N ASP A 200 -39.84 3.56 -13.54
CA ASP A 200 -40.26 2.41 -14.36
C ASP A 200 -39.06 1.71 -14.84
N PRO A 201 -38.85 0.42 -14.43
CA PRO A 201 -37.62 -0.27 -14.81
C PRO A 201 -37.46 -0.42 -16.33
N LYS A 202 -38.57 -0.45 -17.08
CA LYS A 202 -38.46 -0.56 -18.52
C LYS A 202 -37.84 0.69 -19.09
N LYS A 203 -38.18 1.88 -18.53
CA LYS A 203 -37.57 3.18 -18.96
C LYS A 203 -36.15 3.29 -18.42
N GLN A 204 -35.89 2.76 -17.22
CA GLN A 204 -34.55 2.72 -16.71
C GLN A 204 -33.65 1.93 -17.66
N LEU A 205 -34.14 0.78 -18.11
CA LEU A 205 -33.35 -0.08 -18.97
C LEU A 205 -33.14 0.60 -20.32
N GLU A 206 -34.18 1.21 -20.85
CA GLU A 206 -34.06 1.88 -22.16
C GLU A 206 -33.11 3.04 -22.13
N LEU A 207 -33.13 3.81 -21.05
CA LEU A 207 -32.16 4.88 -20.88
C LEU A 207 -30.75 4.37 -20.73
N ALA A 208 -30.57 3.20 -20.11
CA ALA A 208 -29.23 2.66 -19.93
C ALA A 208 -28.70 2.15 -21.28
N VAL A 209 -29.56 1.52 -22.08
CA VAL A 209 -29.15 1.03 -23.39
C VAL A 209 -28.80 2.17 -24.29
N ASN A 210 -29.64 3.20 -24.31
CA ASN A 210 -29.36 4.46 -25.07
C ASN A 210 -28.07 5.10 -24.65
N ALA A 211 -27.75 4.98 -23.38
CA ALA A 211 -26.54 5.56 -22.86
C ALA A 211 -25.31 4.82 -23.29
N VAL A 212 -25.36 3.49 -23.29
CA VAL A 212 -24.22 2.74 -23.76
C VAL A 212 -23.97 2.99 -25.25
N PHE A 213 -25.04 3.06 -26.02
CA PHE A 213 -24.90 3.35 -27.42
C PHE A 213 -24.35 4.74 -27.64
N ASP A 214 -24.85 5.72 -26.86
CA ASP A 214 -24.33 7.07 -26.97
C ASP A 214 -22.87 7.16 -26.61
N SER A 215 -22.39 6.31 -25.70
CA SER A 215 -21.00 6.34 -25.30
C SER A 215 -20.05 5.99 -26.39
N TRP A 216 -20.50 5.28 -27.44
CA TRP A 216 -19.63 4.95 -28.58
C TRP A 216 -19.17 6.18 -29.31
N ASP A 217 -20.06 7.18 -29.41
CA ASP A 217 -19.76 8.51 -30.00
C ASP A 217 -19.21 9.52 -28.97
N SER A 218 -18.81 9.06 -27.77
CA SER A 218 -18.27 9.96 -26.78
C SER A 218 -16.95 10.54 -27.24
N PRO A 219 -16.60 11.75 -26.76
CA PRO A 219 -15.33 12.35 -27.23
C PRO A 219 -14.09 11.54 -26.82
N ARG A 220 -14.10 10.89 -25.67
CA ARG A 220 -12.92 10.18 -25.28
C ARG A 220 -12.73 8.98 -26.16
N ALA A 221 -13.85 8.35 -26.57
CA ALA A 221 -13.82 7.17 -27.49
C ALA A 221 -13.40 7.59 -28.88
N ASN A 222 -13.95 8.67 -29.38
CA ASN A 222 -13.56 9.19 -30.68
C ASN A 222 -12.09 9.61 -30.70
N LYS A 223 -11.57 10.08 -29.57
CA LYS A 223 -10.15 10.48 -29.48
C LYS A 223 -9.27 9.22 -29.47
N TYR A 224 -9.75 8.17 -28.83
CA TYR A 224 -9.00 6.92 -28.80
C TYR A 224 -8.92 6.26 -30.18
N ARG A 225 -10.05 6.19 -30.88
CA ARG A 225 -10.05 5.62 -32.23
C ARG A 225 -9.31 6.47 -33.23
N SER A 226 -9.31 7.79 -33.07
CA SER A 226 -8.59 8.68 -34.00
C SER A 226 -7.08 8.62 -33.77
N ILE A 227 -6.66 8.43 -32.51
CA ILE A 227 -5.23 8.45 -32.17
C ILE A 227 -4.56 7.10 -32.42
N ASN A 228 -5.34 6.01 -32.31
CA ASN A 228 -4.81 4.68 -32.56
C ASN A 228 -5.20 4.05 -33.92
N GLN A 229 -5.67 4.87 -34.86
CA GLN A 229 -6.01 4.43 -36.21
C GLN A 229 -6.95 3.23 -36.18
N ILE A 230 -7.91 3.19 -35.22
CA ILE A 230 -8.90 2.11 -35.10
C ILE A 230 -10.12 2.36 -36.00
N THR A 231 -10.11 1.82 -37.22
CA THR A 231 -11.25 1.84 -38.17
C THR A 231 -11.92 0.43 -38.21
N GLY A 232 -13.15 0.45 -38.77
CA GLY A 232 -13.89 -0.76 -39.01
C GLY A 232 -14.74 -1.33 -37.90
N LEU A 233 -14.34 -1.15 -36.60
CA LEU A 233 -15.30 -1.32 -35.47
C LEU A 233 -16.43 -0.34 -35.65
N LYS A 234 -17.67 -0.85 -35.68
CA LYS A 234 -18.82 0.11 -35.98
C LYS A 234 -19.75 0.22 -34.79
N GLY A 235 -19.35 -0.28 -33.62
CA GLY A 235 -20.17 -0.13 -32.46
C GLY A 235 -19.75 -0.88 -31.27
N THR A 236 -20.50 -0.79 -30.21
CA THR A 236 -20.29 -1.49 -28.96
C THR A 236 -21.49 -2.39 -28.74
N ALA A 237 -21.33 -3.40 -27.90
CA ALA A 237 -22.40 -4.28 -27.54
C ALA A 237 -22.93 -3.88 -26.17
N VAL A 238 -24.16 -4.26 -25.87
CA VAL A 238 -24.79 -4.02 -24.63
C VAL A 238 -25.10 -5.40 -24.00
N ASN A 239 -24.66 -5.60 -22.76
CA ASN A 239 -24.87 -6.84 -22.07
C ASN A 239 -25.81 -6.54 -20.90
N ILE A 240 -27.03 -7.02 -20.97
CA ILE A 240 -27.98 -6.91 -19.88
C ILE A 240 -27.94 -8.25 -19.19
N GLN A 241 -27.67 -8.23 -17.90
CA GLN A 241 -27.38 -9.43 -17.14
C GLN A 241 -28.05 -9.38 -15.78
N SER A 242 -28.46 -10.54 -15.27
CA SER A 242 -29.10 -10.63 -13.98
C SER A 242 -28.09 -10.31 -12.89
N MET A 243 -28.54 -9.68 -11.83
CA MET A 243 -27.62 -9.24 -10.79
C MET A 243 -27.39 -10.36 -9.83
N VAL A 244 -26.13 -10.58 -9.46
CA VAL A 244 -25.83 -11.36 -8.24
C VAL A 244 -25.25 -10.34 -7.25
N PHE A 245 -25.50 -10.55 -5.96
CA PHE A 245 -25.26 -9.61 -4.98
C PHE A 245 -24.15 -10.01 -4.05
N GLY A 246 -22.99 -9.37 -4.22
CA GLY A 246 -21.87 -9.54 -3.31
C GLY A 246 -21.93 -8.73 -2.02
N ASN A 247 -23.07 -8.10 -1.75
CA ASN A 247 -23.24 -7.30 -0.54
C ASN A 247 -24.45 -7.70 0.30
N MET A 248 -24.91 -8.94 0.22
CA MET A 248 -26.01 -9.34 1.06
C MET A 248 -25.58 -9.52 2.48
N GLY A 249 -24.27 -9.68 2.72
CA GLY A 249 -23.76 -10.06 4.04
C GLY A 249 -22.28 -10.38 3.99
N ASN A 250 -21.80 -11.03 5.03
CA ASN A 250 -20.40 -11.44 5.13
C ASN A 250 -20.10 -12.80 4.57
N THR A 251 -21.06 -13.41 3.88
CA THR A 251 -20.79 -14.62 3.09
C THR A 251 -20.85 -14.32 1.62
N SER A 252 -20.67 -13.07 1.25
CA SER A 252 -20.75 -12.60 -0.14
C SER A 252 -19.63 -11.60 -0.38
N GLY A 253 -19.30 -11.38 -1.65
CA GLY A 253 -18.28 -10.42 -1.97
C GLY A 253 -17.96 -10.33 -3.42
N THR A 254 -16.96 -9.52 -3.77
CA THR A 254 -16.49 -9.42 -5.12
C THR A 254 -15.03 -9.59 -5.16
N GLY A 255 -14.51 -10.18 -6.24
CA GLY A 255 -13.08 -10.49 -6.34
C GLY A 255 -12.57 -10.48 -7.74
N VAL A 256 -11.26 -10.39 -7.87
CA VAL A 256 -10.60 -10.50 -9.14
C VAL A 256 -9.33 -11.32 -8.99
N LEU A 257 -8.91 -11.96 -10.07
CA LEU A 257 -7.65 -12.72 -10.06
C LEU A 257 -7.11 -12.94 -11.44
N PHE A 258 -5.80 -13.11 -11.50
CA PHE A 258 -5.13 -13.76 -12.62
C PHE A 258 -4.90 -15.25 -12.23
N THR A 259 -5.01 -16.15 -13.18
CA THR A 259 -4.78 -17.59 -12.93
C THR A 259 -3.32 -17.89 -12.65
N ARG A 260 -2.43 -17.05 -13.13
CA ARG A 260 -1.05 -17.11 -12.75
C ARG A 260 -0.47 -15.75 -12.49
N ASN A 261 0.67 -15.67 -11.85
CA ASN A 261 1.29 -14.39 -11.52
C ASN A 261 1.73 -13.66 -12.79
N PRO A 262 1.15 -12.48 -13.08
CA PRO A 262 1.49 -11.80 -14.34
C PRO A 262 2.86 -11.16 -14.37
N SER A 263 3.50 -11.00 -13.23
CA SER A 263 4.86 -10.44 -13.23
C SER A 263 5.92 -11.52 -13.34
N THR A 264 5.75 -12.61 -12.58
CA THR A 264 6.76 -13.62 -12.47
C THR A 264 6.41 -14.87 -13.23
N GLY A 265 5.17 -15.06 -13.64
CA GLY A 265 4.72 -16.27 -14.32
C GLY A 265 4.40 -17.43 -13.41
N GLU A 266 4.49 -17.27 -12.10
CA GLU A 266 4.25 -18.37 -11.16
C GLU A 266 2.88 -18.94 -11.31
N LYS A 267 2.74 -20.25 -11.33
CA LYS A 267 1.47 -20.92 -11.55
C LYS A 267 0.75 -21.00 -10.23
N LYS A 268 0.34 -19.86 -9.75
CA LYS A 268 -0.47 -19.74 -8.53
C LYS A 268 -1.48 -18.64 -8.73
N LEU A 269 -2.67 -18.83 -8.18
CA LEU A 269 -3.72 -17.79 -8.30
C LEU A 269 -3.27 -16.50 -7.69
N TYR A 270 -3.45 -15.42 -8.43
CA TYR A 270 -2.99 -14.04 -8.04
C TYR A 270 -4.17 -13.11 -8.07
N GLY A 271 -4.81 -12.92 -6.92
CA GLY A 271 -6.02 -12.13 -6.86
C GLY A 271 -6.34 -11.49 -5.50
N GLU A 272 -7.46 -10.79 -5.44
CA GLU A 272 -7.95 -10.08 -4.28
C GLU A 272 -9.40 -10.34 -4.14
N PHE A 273 -9.91 -10.27 -2.94
CA PHE A 273 -11.31 -10.42 -2.68
C PHE A 273 -11.77 -9.47 -1.53
N LEU A 274 -12.93 -8.86 -1.70
CA LEU A 274 -13.50 -7.94 -0.73
C LEU A 274 -14.87 -8.43 -0.32
N ILE A 275 -15.09 -8.50 0.99
CA ILE A 275 -16.32 -9.06 1.52
C ILE A 275 -17.39 -7.98 1.66
N ASN A 276 -18.61 -8.30 1.24
CA ASN A 276 -19.74 -7.44 1.45
C ASN A 276 -19.58 -6.09 0.65
N ALA A 277 -19.47 -6.25 -0.65
CA ALA A 277 -19.28 -5.18 -1.57
C ALA A 277 -19.69 -5.65 -2.96
N GLN A 278 -19.80 -4.69 -3.90
CA GLN A 278 -20.21 -4.95 -5.26
C GLN A 278 -19.22 -4.45 -6.23
N GLY A 279 -19.12 -5.16 -7.34
CA GLY A 279 -18.40 -4.78 -8.54
C GLY A 279 -17.02 -4.31 -8.30
N GLU A 280 -16.68 -3.07 -8.73
CA GLU A 280 -15.32 -2.68 -8.76
C GLU A 280 -14.88 -2.17 -7.41
N ASP A 281 -15.62 -2.42 -6.33
CA ASP A 281 -15.13 -1.98 -5.04
C ASP A 281 -13.80 -2.60 -4.59
N VAL A 282 -13.41 -3.77 -5.15
CA VAL A 282 -12.15 -4.37 -4.85
C VAL A 282 -11.02 -3.62 -5.41
N VAL A 283 -11.24 -2.98 -6.55
CA VAL A 283 -10.20 -2.24 -7.28
C VAL A 283 -10.18 -0.75 -6.88
N ALA A 284 -11.30 -0.21 -6.36
CA ALA A 284 -11.43 1.24 -6.14
C ALA A 284 -10.48 1.77 -5.10
N GLY A 285 -10.02 0.95 -4.18
CA GLY A 285 -9.04 1.34 -3.19
C GLY A 285 -9.58 2.11 -1.97
N ILE A 286 -10.89 2.19 -1.78
CA ILE A 286 -11.37 2.77 -0.53
C ILE A 286 -11.25 1.75 0.60
N ARG A 287 -11.88 0.59 0.44
CA ARG A 287 -11.74 -0.48 1.46
C ARG A 287 -10.53 -1.32 1.06
N THR A 288 -9.89 -1.90 2.03
CA THR A 288 -8.72 -2.77 1.77
C THR A 288 -9.19 -4.24 1.49
N PRO A 289 -8.96 -4.72 0.24
CA PRO A 289 -9.30 -6.07 -0.09
C PRO A 289 -8.33 -7.08 0.53
N GLU A 290 -8.82 -8.30 0.67
CA GLU A 290 -8.03 -9.41 1.23
C GLU A 290 -7.54 -10.35 0.16
N ASP A 291 -6.49 -11.07 0.45
CA ASP A 291 -5.97 -12.04 -0.57
C ASP A 291 -6.85 -13.27 -0.65
N LEU A 292 -6.58 -14.14 -1.61
CA LEU A 292 -7.37 -15.36 -1.85
C LEU A 292 -7.20 -16.40 -0.73
N GLY A 293 -6.05 -16.44 -0.10
CA GLY A 293 -5.86 -17.31 1.02
C GLY A 293 -6.82 -17.04 2.16
N THR A 294 -7.33 -15.86 2.27
CA THR A 294 -8.35 -15.55 3.23
C THR A 294 -9.67 -16.21 2.80
N MET A 295 -10.04 -16.04 1.54
CA MET A 295 -11.26 -16.63 1.03
C MET A 295 -11.24 -18.17 1.08
N GLU A 296 -10.05 -18.79 0.95
CA GLU A 296 -9.97 -20.20 1.07
C GLU A 296 -10.53 -20.71 2.41
N THR A 297 -10.24 -20.00 3.47
CA THR A 297 -10.68 -20.37 4.81
C THR A 297 -12.12 -19.94 5.11
N CYS A 298 -12.53 -18.73 4.79
CA CYS A 298 -13.85 -18.26 5.23
C CYS A 298 -14.97 -18.52 4.20
N MET A 299 -14.60 -18.86 2.97
CA MET A 299 -15.57 -19.24 1.95
C MET A 299 -15.06 -20.48 1.19
N PRO A 300 -15.07 -21.64 1.83
CA PRO A 300 -14.39 -22.79 1.27
C PRO A 300 -15.05 -23.43 0.05
N GLU A 301 -16.38 -23.47 0.04
CA GLU A 301 -17.12 -24.02 -1.09
C GLU A 301 -16.92 -23.16 -2.33
N ALA A 302 -16.97 -21.86 -2.18
CA ALA A 302 -16.75 -20.99 -3.32
C ALA A 302 -15.31 -21.02 -3.79
N TYR A 303 -14.39 -21.11 -2.89
CA TYR A 303 -13.01 -21.20 -3.31
C TYR A 303 -12.66 -22.60 -4.01
N LYS A 304 -13.23 -23.70 -3.56
CA LYS A 304 -13.05 -24.94 -4.30
C LYS A 304 -13.63 -24.82 -5.70
N GLU A 305 -14.83 -24.25 -5.78
CA GLU A 305 -15.49 -24.03 -7.07
C GLU A 305 -14.76 -23.01 -7.90
N LEU A 306 -14.09 -22.04 -7.29
CA LEU A 306 -13.28 -21.08 -8.01
C LEU A 306 -12.03 -21.67 -8.58
N VAL A 307 -11.32 -22.55 -7.83
CA VAL A 307 -10.12 -23.17 -8.32
C VAL A 307 -10.49 -24.12 -9.46
N GLU A 308 -11.64 -24.77 -9.34
CA GLU A 308 -12.12 -25.69 -10.36
C GLU A 308 -12.39 -24.89 -11.59
N ASN A 309 -13.12 -23.77 -11.49
CA ASN A 309 -13.46 -23.00 -12.65
C ASN A 309 -12.24 -22.41 -13.32
N CYS A 310 -11.27 -21.95 -12.55
CA CYS A 310 -10.03 -21.43 -13.15
C CYS A 310 -9.21 -22.50 -13.88
N GLU A 311 -9.27 -23.71 -13.37
CA GLU A 311 -8.61 -24.85 -14.06
C GLU A 311 -9.34 -25.15 -15.37
N ILE A 312 -10.66 -25.04 -15.36
CA ILE A 312 -11.45 -25.25 -16.57
C ILE A 312 -11.18 -24.15 -17.59
N LEU A 313 -11.07 -22.89 -17.17
CA LEU A 313 -10.82 -21.83 -18.10
C LEU A 313 -9.44 -21.89 -18.71
N GLU A 314 -8.40 -22.18 -17.92
CA GLU A 314 -7.09 -22.39 -18.50
C GLU A 314 -7.08 -23.58 -19.47
N ARG A 315 -7.90 -24.58 -19.22
CA ARG A 315 -7.99 -25.70 -20.10
C ARG A 315 -8.64 -25.34 -21.39
N HIS A 316 -9.69 -24.58 -21.31
CA HIS A 316 -10.47 -24.18 -22.50
C HIS A 316 -9.76 -23.15 -23.33
N TYR A 317 -9.43 -22.03 -22.79
CA TYR A 317 -8.73 -20.98 -23.51
C TYR A 317 -7.27 -21.24 -23.74
N LYS A 318 -6.68 -22.08 -22.92
CA LYS A 318 -5.28 -22.48 -23.09
C LYS A 318 -4.39 -21.29 -22.95
N ASP A 319 -4.70 -20.47 -21.98
CA ASP A 319 -3.93 -19.25 -21.67
C ASP A 319 -4.17 -18.87 -20.26
N MET A 320 -3.28 -18.03 -19.73
CA MET A 320 -3.53 -17.38 -18.43
C MET A 320 -4.69 -16.37 -18.58
N MET A 321 -5.58 -16.42 -17.61
CA MET A 321 -6.86 -15.67 -17.65
C MET A 321 -6.98 -14.66 -16.57
N ASP A 322 -7.49 -13.48 -16.94
CA ASP A 322 -7.87 -12.37 -15.97
C ASP A 322 -9.35 -12.50 -15.72
N ILE A 323 -9.73 -12.62 -14.48
CA ILE A 323 -11.09 -12.98 -14.11
C ILE A 323 -11.75 -12.00 -13.14
N GLU A 324 -13.04 -11.89 -13.26
CA GLU A 324 -13.85 -11.17 -12.25
C GLU A 324 -14.86 -12.14 -11.78
N PHE A 325 -15.02 -12.28 -10.47
CA PHE A 325 -16.05 -13.11 -9.91
C PHE A 325 -16.71 -12.51 -8.70
N THR A 326 -17.90 -12.99 -8.41
CA THR A 326 -18.71 -12.43 -7.30
C THR A 326 -19.38 -13.61 -6.57
N VAL A 327 -19.37 -13.57 -5.24
CA VAL A 327 -19.96 -14.57 -4.41
C VAL A 327 -21.24 -13.98 -3.82
N GLN A 328 -22.33 -14.72 -3.86
CA GLN A 328 -23.56 -14.35 -3.20
C GLN A 328 -23.93 -15.49 -2.26
N GLU A 329 -23.74 -15.25 -0.97
CA GLU A 329 -24.08 -16.21 0.08
C GLU A 329 -23.46 -17.61 -0.17
N ASN A 330 -22.15 -17.60 -0.21
CA ASN A 330 -21.32 -18.76 -0.41
C ASN A 330 -21.40 -19.37 -1.78
N ARG A 331 -22.14 -18.81 -2.73
CA ARG A 331 -22.26 -19.32 -4.08
C ARG A 331 -21.50 -18.45 -5.04
N LEU A 332 -20.56 -19.02 -5.78
CA LEU A 332 -19.66 -18.31 -6.67
C LEU A 332 -20.32 -18.08 -8.01
N TRP A 333 -20.09 -16.92 -8.59
CA TRP A 333 -20.57 -16.53 -9.89
C TRP A 333 -19.44 -15.94 -10.67
N MET A 334 -19.41 -16.22 -11.96
CA MET A 334 -18.36 -15.73 -12.84
C MET A 334 -18.97 -14.61 -13.69
N LEU A 335 -18.27 -13.50 -13.78
CA LEU A 335 -18.80 -12.32 -14.47
C LEU A 335 -17.94 -11.74 -15.55
N GLN A 336 -16.68 -12.09 -15.58
CA GLN A 336 -15.85 -11.67 -16.72
C GLN A 336 -14.62 -12.56 -16.76
N CYS A 337 -14.17 -12.82 -17.96
CA CYS A 337 -12.85 -13.49 -18.17
C CYS A 337 -12.20 -13.00 -19.45
N ARG A 338 -10.89 -12.98 -19.48
CA ARG A 338 -10.17 -12.65 -20.68
C ARG A 338 -8.71 -13.00 -20.54
N THR A 339 -7.98 -13.02 -21.62
CA THR A 339 -6.60 -13.39 -21.55
C THR A 339 -5.87 -12.33 -20.83
N GLY A 340 -5.28 -12.60 -19.69
CA GLY A 340 -4.62 -11.65 -18.88
C GLY A 340 -3.38 -10.98 -19.44
N LYS A 341 -3.19 -9.71 -19.15
CA LYS A 341 -1.98 -8.97 -19.54
C LYS A 341 -0.91 -9.48 -18.60
N ARG A 342 0.32 -9.58 -19.09
CA ARG A 342 1.44 -9.86 -18.23
C ARG A 342 2.71 -9.23 -18.75
N THR A 343 3.77 -9.34 -17.96
CA THR A 343 5.04 -8.75 -18.32
C THR A 343 5.77 -9.64 -19.25
N GLY A 344 6.99 -9.28 -19.65
CA GLY A 344 7.82 -10.12 -20.50
C GLY A 344 8.27 -11.35 -19.78
N LYS A 345 8.79 -11.19 -18.57
CA LYS A 345 9.19 -12.30 -17.76
C LYS A 345 8.05 -13.27 -17.54
N GLY A 346 6.84 -12.78 -17.30
CA GLY A 346 5.69 -13.64 -17.11
C GLY A 346 5.26 -14.31 -18.41
N ALA A 347 5.35 -13.59 -19.50
CA ALA A 347 4.88 -14.13 -20.79
C ALA A 347 5.76 -15.27 -21.21
N VAL A 348 7.06 -15.14 -21.00
CA VAL A 348 8.01 -16.16 -21.38
C VAL A 348 7.77 -17.37 -20.50
N ARG A 349 7.74 -17.18 -19.19
CA ARG A 349 7.61 -18.30 -18.27
C ARG A 349 6.28 -19.02 -18.46
N ILE A 350 5.19 -18.29 -18.60
CA ILE A 350 3.90 -18.91 -18.75
C ILE A 350 3.84 -19.63 -20.07
N ALA A 351 4.45 -19.06 -21.10
CA ALA A 351 4.55 -19.72 -22.44
C ALA A 351 5.33 -21.05 -22.36
N VAL A 352 6.52 -21.01 -21.81
CA VAL A 352 7.32 -22.19 -21.67
C VAL A 352 6.62 -23.21 -20.80
N ASP A 353 6.15 -22.82 -19.63
CA ASP A 353 5.47 -23.74 -18.73
C ASP A 353 4.21 -24.37 -19.37
N MET A 354 3.52 -23.62 -20.19
CA MET A 354 2.32 -24.15 -20.82
C MET A 354 2.69 -25.15 -21.89
N VAL A 355 3.88 -25.01 -22.46
CA VAL A 355 4.38 -26.00 -23.42
C VAL A 355 4.74 -27.29 -22.67
N ASN A 356 5.48 -27.18 -21.60
CA ASN A 356 5.76 -28.31 -20.78
C ASN A 356 4.54 -29.04 -20.22
N GLU A 357 3.43 -28.37 -20.10
CA GLU A 357 2.22 -28.98 -19.60
C GLU A 357 1.42 -29.61 -20.72
N GLY A 358 1.84 -29.45 -21.95
CA GLY A 358 1.06 -29.91 -23.07
C GLY A 358 -0.28 -29.24 -23.29
N LEU A 359 -0.34 -27.95 -22.90
CA LEU A 359 -1.53 -27.11 -23.09
C LEU A 359 -1.53 -26.40 -24.41
N ILE A 360 -0.35 -25.93 -24.81
CA ILE A 360 -0.12 -25.34 -26.14
C ILE A 360 1.18 -25.91 -26.70
N ASP A 361 1.33 -25.79 -28.01
CA ASP A 361 2.50 -26.27 -28.73
C ASP A 361 3.46 -25.13 -28.94
N THR A 362 4.57 -25.39 -29.60
CA THR A 362 5.60 -24.34 -29.73
C THR A 362 5.25 -23.23 -30.72
N ARG A 363 4.47 -23.55 -31.74
CA ARG A 363 4.08 -22.56 -32.73
C ARG A 363 3.17 -21.47 -32.06
N THR A 364 2.24 -21.89 -31.21
CA THR A 364 1.42 -20.97 -30.50
C THR A 364 2.19 -20.26 -29.40
N ALA A 365 3.21 -20.89 -28.85
CA ALA A 365 4.05 -20.24 -27.86
C ALA A 365 4.86 -19.12 -28.48
N ILE A 366 5.28 -19.27 -29.71
CA ILE A 366 6.00 -18.23 -30.37
C ILE A 366 5.06 -17.06 -30.65
N LYS A 367 3.80 -17.34 -30.94
CA LYS A 367 2.80 -16.33 -31.26
C LYS A 367 2.20 -15.71 -29.98
N ARG A 368 2.64 -16.08 -28.80
CA ARG A 368 2.11 -15.54 -27.57
C ARG A 368 3.10 -14.73 -26.74
N VAL A 369 4.38 -14.72 -27.17
CA VAL A 369 5.37 -13.80 -26.62
C VAL A 369 5.54 -12.69 -27.67
N GLU A 370 4.93 -11.55 -27.41
CA GLU A 370 5.10 -10.40 -28.29
C GLU A 370 6.51 -9.88 -28.26
N THR A 371 6.89 -9.15 -29.28
CA THR A 371 8.22 -8.56 -29.31
C THR A 371 8.43 -7.50 -28.24
N GLN A 372 7.34 -6.87 -27.81
CA GLN A 372 7.39 -5.89 -26.69
C GLN A 372 7.58 -6.60 -25.36
N HIS A 373 7.15 -7.85 -25.26
CA HIS A 373 7.48 -8.67 -24.10
C HIS A 373 8.98 -8.95 -24.09
N LEU A 374 9.53 -9.34 -25.24
CA LEU A 374 10.93 -9.69 -25.33
C LEU A 374 11.83 -8.47 -25.13
N ASP A 375 11.36 -7.28 -25.48
CA ASP A 375 12.15 -6.06 -25.29
C ASP A 375 12.35 -5.71 -23.81
N GLN A 376 11.46 -6.17 -22.94
CA GLN A 376 11.60 -5.94 -21.53
C GLN A 376 12.72 -6.74 -20.93
N LEU A 377 13.20 -7.77 -21.65
CA LEU A 377 14.23 -8.68 -21.15
C LEU A 377 15.60 -8.46 -21.79
N LEU A 378 15.71 -7.54 -22.74
CA LEU A 378 16.95 -7.29 -23.44
C LEU A 378 17.62 -5.98 -23.04
N HIS A 379 17.25 -5.42 -21.90
CA HIS A 379 17.84 -4.15 -21.47
C HIS A 379 19.28 -4.38 -21.09
N PRO A 380 20.23 -3.60 -21.63
CA PRO A 380 21.63 -3.92 -21.43
C PRO A 380 22.10 -3.64 -20.03
N GLN A 381 23.13 -4.41 -19.63
CA GLN A 381 23.88 -4.20 -18.39
C GLN A 381 25.33 -3.91 -18.72
N PHE A 382 26.13 -3.55 -17.73
CA PHE A 382 27.57 -3.39 -17.94
C PHE A 382 28.28 -4.74 -17.95
N GLU A 383 29.35 -4.85 -18.73
CA GLU A 383 30.04 -6.13 -18.88
C GLU A 383 30.65 -6.54 -17.55
N ASP A 384 31.47 -5.67 -16.93
CA ASP A 384 32.05 -5.90 -15.59
C ASP A 384 31.83 -4.63 -14.76
N PRO A 385 31.04 -4.72 -13.68
CA PRO A 385 30.83 -3.53 -12.85
C PRO A 385 32.10 -2.99 -12.18
N SER A 386 32.97 -3.87 -11.70
CA SER A 386 34.15 -3.42 -10.98
C SER A 386 35.06 -2.51 -11.81
N ALA A 387 34.97 -2.61 -13.14
CA ALA A 387 35.79 -1.76 -14.01
C ALA A 387 35.48 -0.27 -13.85
N TYR A 388 34.21 0.08 -13.75
CA TYR A 388 33.83 1.46 -13.61
C TYR A 388 33.73 1.93 -12.16
N LYS A 389 33.76 1.02 -11.20
CA LYS A 389 33.48 1.38 -9.80
C LYS A 389 34.40 2.51 -9.30
N SER A 390 35.54 2.70 -9.97
CA SER A 390 36.50 3.76 -9.66
C SER A 390 36.32 5.01 -10.52
N HIS A 391 35.44 4.96 -11.53
CA HIS A 391 35.15 6.11 -12.37
C HIS A 391 33.85 6.82 -11.98
N VAL A 392 33.20 6.37 -10.91
CA VAL A 392 31.92 6.94 -10.47
C VAL A 392 32.23 8.33 -9.92
N VAL A 393 31.62 9.34 -10.50
CA VAL A 393 31.82 10.71 -10.07
C VAL A 393 30.69 11.20 -9.15
N ALA A 394 29.47 10.77 -9.45
CA ALA A 394 28.32 11.14 -8.66
C ALA A 394 27.41 9.93 -8.50
N THR A 395 26.49 10.03 -7.54
CA THR A 395 25.54 8.98 -7.28
C THR A 395 24.22 9.59 -6.89
N GLY A 396 23.19 9.32 -7.68
CA GLY A 396 21.87 9.83 -7.48
C GLY A 396 20.89 8.74 -7.14
N LEU A 397 19.63 8.92 -7.52
CA LEU A 397 18.59 7.93 -7.22
C LEU A 397 18.44 6.96 -8.38
N PRO A 398 18.30 5.65 -8.10
CA PRO A 398 18.07 4.70 -9.17
C PRO A 398 16.67 4.76 -9.69
N ALA A 399 16.40 5.70 -10.59
CA ALA A 399 15.03 5.95 -11.02
C ALA A 399 14.45 4.80 -11.79
N SER A 400 15.07 4.46 -12.91
CA SER A 400 14.67 3.29 -13.69
C SER A 400 15.90 2.47 -13.97
N PRO A 401 15.89 1.19 -13.59
CA PRO A 401 17.12 0.38 -13.79
C PRO A 401 17.52 0.26 -15.22
N GLY A 402 18.82 0.11 -15.43
CA GLY A 402 19.36 -0.06 -16.76
C GLY A 402 20.83 0.29 -16.82
N ALA A 403 21.31 0.56 -18.02
CA ALA A 403 22.69 0.96 -18.25
C ALA A 403 22.74 1.69 -19.56
N ALA A 404 23.32 2.89 -19.54
CA ALA A 404 23.40 3.74 -20.71
C ALA A 404 24.80 4.27 -20.89
N VAL A 405 25.22 4.35 -22.15
CA VAL A 405 26.52 4.90 -22.50
C VAL A 405 26.25 5.78 -23.69
N GLY A 406 26.62 7.04 -23.58
CA GLY A 406 26.37 7.97 -24.67
C GLY A 406 27.08 9.28 -24.49
N GLN A 407 26.66 10.25 -25.31
CA GLN A 407 27.24 11.58 -25.25
C GLN A 407 26.27 12.53 -24.51
N VAL A 408 26.84 13.51 -23.84
CA VAL A 408 26.06 14.45 -23.03
C VAL A 408 25.38 15.47 -23.94
N CYS A 409 24.05 15.54 -23.84
CA CYS A 409 23.28 16.58 -24.52
C CYS A 409 22.36 17.25 -23.48
N PHE A 410 22.05 18.51 -23.71
CA PHE A 410 21.31 19.31 -22.75
C PHE A 410 19.91 19.70 -23.20
N SER A 411 19.40 19.08 -24.27
CA SER A 411 18.06 19.40 -24.77
C SER A 411 17.43 18.22 -25.42
N ALA A 412 16.11 18.16 -25.36
CA ALA A 412 15.35 17.15 -26.10
C ALA A 412 15.43 17.31 -27.63
N GLU A 413 15.67 18.55 -28.10
CA GLU A 413 15.91 18.78 -29.53
C GLU A 413 17.21 18.08 -29.97
N ASP A 414 18.29 18.28 -29.23
CA ASP A 414 19.55 17.62 -29.55
C ASP A 414 19.47 16.12 -29.36
N ALA A 415 18.61 15.66 -28.46
CA ALA A 415 18.43 14.22 -28.27
C ALA A 415 17.72 13.58 -29.49
N GLU A 416 16.68 14.24 -29.99
CA GLU A 416 16.01 13.77 -31.21
C GLU A 416 16.94 13.85 -32.42
N THR A 417 17.72 14.93 -32.51
CA THR A 417 18.63 15.13 -33.64
C THR A 417 19.78 14.11 -33.61
N TRP A 418 20.36 13.88 -32.42
CA TRP A 418 21.48 12.96 -32.31
C TRP A 418 21.04 11.50 -32.45
N HIS A 419 19.81 11.18 -32.09
CA HIS A 419 19.30 9.83 -32.33
C HIS A 419 18.98 9.60 -33.81
N ALA A 420 18.54 10.65 -34.52
CA ALA A 420 18.31 10.57 -35.98
C ALA A 420 19.66 10.53 -36.74
N GLN A 421 20.70 11.19 -36.19
CA GLN A 421 22.03 11.15 -36.77
C GLN A 421 22.78 9.83 -36.50
N GLY A 422 22.25 8.94 -35.65
CA GLY A 422 22.92 7.68 -35.28
C GLY A 422 23.70 7.70 -33.96
N LYS A 423 23.87 8.86 -33.32
CA LYS A 423 24.57 8.95 -32.03
C LYS A 423 23.76 8.33 -30.89
N SER A 424 24.48 7.94 -29.82
CA SER A 424 23.86 7.52 -28.54
C SER A 424 23.93 8.71 -27.59
N ALA A 425 22.76 9.19 -27.16
CA ALA A 425 22.65 10.43 -26.41
C ALA A 425 22.17 10.17 -25.01
N ILE A 426 22.75 10.91 -24.06
CA ILE A 426 22.31 10.94 -22.67
C ILE A 426 21.82 12.33 -22.33
N LEU A 427 20.54 12.44 -22.00
CA LEU A 427 19.87 13.71 -21.79
C LEU A 427 20.07 14.12 -20.34
N VAL A 428 20.85 15.16 -20.11
CA VAL A 428 21.11 15.71 -18.79
C VAL A 428 20.42 17.05 -18.66
N ARG A 429 19.47 17.14 -17.73
CA ARG A 429 18.74 18.38 -17.43
C ARG A 429 18.35 18.41 -15.96
N THR A 430 18.10 19.61 -15.42
CA THR A 430 17.76 19.72 -13.99
C THR A 430 16.50 18.94 -13.67
N GLU A 431 15.49 19.05 -14.52
CA GLU A 431 14.25 18.29 -14.39
C GLU A 431 13.57 18.18 -15.74
N THR A 432 12.58 17.29 -15.85
CA THR A 432 11.98 16.98 -17.15
C THR A 432 10.50 17.38 -17.16
N SER A 433 10.10 18.06 -18.24
CA SER A 433 8.70 18.36 -18.49
C SER A 433 8.17 17.42 -19.57
N PRO A 434 6.83 17.37 -19.74
CA PRO A 434 6.30 16.54 -20.86
C PRO A 434 6.69 17.05 -22.27
N GLU A 435 7.03 18.33 -22.39
CA GLU A 435 7.62 18.87 -23.62
C GLU A 435 8.97 18.23 -24.02
N ASP A 436 9.59 17.45 -23.12
CA ASP A 436 10.84 16.76 -23.40
C ASP A 436 10.63 15.31 -23.79
N VAL A 437 9.41 14.79 -23.66
CA VAL A 437 9.19 13.34 -23.76
C VAL A 437 9.68 12.77 -25.06
N GLY A 438 9.44 13.49 -26.15
CA GLY A 438 9.92 13.05 -27.46
C GLY A 438 11.43 12.82 -27.47
N GLY A 439 12.18 13.83 -27.02
CA GLY A 439 13.61 13.68 -26.87
C GLY A 439 14.02 12.68 -25.78
N MET A 440 13.21 12.54 -24.74
CA MET A 440 13.47 11.54 -23.72
C MET A 440 13.35 10.14 -24.28
N HIS A 441 12.50 9.95 -25.27
CA HIS A 441 12.39 8.63 -25.92
C HIS A 441 13.59 8.36 -26.85
N ALA A 442 14.26 9.42 -27.30
CA ALA A 442 15.41 9.30 -28.18
C ALA A 442 16.72 9.03 -27.43
N ALA A 443 16.81 9.50 -26.19
CA ALA A 443 18.04 9.34 -25.40
C ALA A 443 18.18 7.91 -24.90
N ALA A 444 19.42 7.46 -24.82
CA ALA A 444 19.70 6.15 -24.28
C ALA A 444 19.59 6.15 -22.78
N GLY A 445 19.83 7.30 -22.14
CA GLY A 445 19.71 7.46 -20.71
C GLY A 445 19.31 8.86 -20.33
N ILE A 446 18.71 9.00 -19.16
CA ILE A 446 18.24 10.27 -18.65
C ILE A 446 18.91 10.52 -17.29
N LEU A 447 19.42 11.72 -17.09
CA LEU A 447 20.01 12.14 -15.82
C LEU A 447 19.42 13.44 -15.36
N THR A 448 18.75 13.43 -14.21
CA THR A 448 18.21 14.65 -13.62
C THR A 448 18.80 14.90 -12.25
N ALA A 449 18.95 16.18 -11.89
CA ALA A 449 19.46 16.56 -10.57
C ALA A 449 18.36 16.83 -9.57
N ARG A 450 17.09 16.74 -9.98
CA ARG A 450 15.95 17.00 -9.09
C ARG A 450 14.92 15.93 -9.21
N GLY A 451 13.97 15.93 -8.28
CA GLY A 451 12.87 14.97 -8.32
C GLY A 451 13.28 13.65 -7.71
N GLY A 452 12.30 12.91 -7.21
CA GLY A 452 12.60 11.63 -6.56
C GLY A 452 12.25 10.41 -7.40
N MET A 453 11.93 9.32 -6.74
CA MET A 453 11.55 8.09 -7.41
C MET A 453 10.24 8.20 -8.15
N THR A 454 9.44 9.21 -7.86
CA THR A 454 8.18 9.44 -8.56
C THR A 454 8.24 10.69 -9.42
N SER A 455 9.44 11.06 -9.86
CA SER A 455 9.66 12.24 -10.70
C SER A 455 9.04 12.00 -12.07
N HIS A 456 9.00 13.02 -12.91
CA HIS A 456 8.53 12.87 -14.26
C HIS A 456 9.44 11.94 -15.06
N ALA A 457 10.74 12.23 -15.04
CA ALA A 457 11.71 11.37 -15.73
C ALA A 457 11.71 9.96 -15.18
N ALA A 458 11.50 9.81 -13.89
CA ALA A 458 11.47 8.51 -13.29
C ALA A 458 10.30 7.66 -13.80
N VAL A 459 9.09 8.19 -13.73
CA VAL A 459 7.91 7.41 -14.11
C VAL A 459 7.91 7.14 -15.61
N VAL A 460 8.25 8.18 -16.38
CA VAL A 460 8.28 8.05 -17.84
C VAL A 460 9.26 6.97 -18.25
N ALA A 461 10.46 6.99 -17.66
CA ALA A 461 11.50 6.05 -18.02
C ALA A 461 11.18 4.63 -17.55
N ARG A 462 10.43 4.48 -16.47
CA ARG A 462 10.01 3.15 -16.03
C ARG A 462 9.04 2.54 -17.00
N GLY A 463 8.17 3.36 -17.57
CA GLY A 463 7.24 2.89 -18.61
C GLY A 463 7.94 2.36 -19.86
N TRP A 464 9.10 2.95 -20.18
CA TRP A 464 9.85 2.59 -21.36
C TRP A 464 10.93 1.53 -21.08
N GLY A 465 11.46 1.47 -19.87
CA GLY A 465 12.66 0.70 -19.61
C GLY A 465 13.98 1.43 -19.85
N LYS A 466 13.94 2.72 -20.22
CA LYS A 466 15.16 3.50 -20.40
C LYS A 466 15.86 3.73 -19.06
N CYS A 467 17.19 3.82 -19.10
CA CYS A 467 17.97 4.08 -17.92
C CYS A 467 17.77 5.51 -17.46
N CYS A 468 17.57 5.70 -16.19
CA CYS A 468 17.41 7.03 -15.62
C CYS A 468 17.95 7.11 -14.20
N VAL A 469 18.76 8.15 -13.94
CA VAL A 469 19.20 8.49 -12.61
C VAL A 469 18.53 9.83 -12.24
N SER A 470 17.79 9.86 -11.13
CA SER A 470 17.00 11.01 -10.74
C SER A 470 17.58 11.63 -9.49
N GLY A 471 17.33 12.92 -9.30
CA GLY A 471 17.67 13.60 -8.06
C GLY A 471 19.12 13.54 -7.65
N CYS A 472 20.01 13.58 -8.62
CA CYS A 472 21.44 13.61 -8.33
C CYS A 472 21.83 15.06 -8.04
N ALA A 473 21.77 15.43 -6.78
CA ALA A 473 21.77 16.83 -6.39
C ALA A 473 23.12 17.49 -6.44
N ASP A 474 24.19 16.71 -6.31
CA ASP A 474 25.55 17.29 -6.38
C ASP A 474 25.96 17.68 -7.81
N ILE A 475 25.12 17.35 -8.77
CA ILE A 475 25.26 17.90 -10.11
C ILE A 475 24.69 19.32 -10.15
N ARG A 476 25.44 20.25 -10.75
CA ARG A 476 24.97 21.61 -11.05
C ARG A 476 24.96 21.78 -12.59
N VAL A 477 23.78 21.85 -13.17
CA VAL A 477 23.61 21.91 -14.62
C VAL A 477 23.52 23.37 -15.10
N ASN A 478 24.14 23.65 -16.24
CA ASN A 478 24.15 24.97 -16.85
C ASN A 478 23.89 24.83 -18.34
N ASP A 479 22.63 25.01 -18.74
CA ASP A 479 22.22 24.80 -20.12
C ASP A 479 22.79 25.85 -21.10
N ASP A 480 23.01 27.07 -20.59
CA ASP A 480 23.51 28.17 -21.43
C ASP A 480 24.97 28.01 -21.77
N MET A 481 25.78 27.46 -20.84
CA MET A 481 27.18 27.17 -21.10
C MET A 481 27.40 25.78 -21.72
N LYS A 482 26.33 24.96 -21.82
CA LYS A 482 26.41 23.55 -22.25
C LYS A 482 27.46 22.77 -21.41
N ILE A 483 27.19 22.70 -20.10
CA ILE A 483 28.11 22.10 -19.14
C ILE A 483 27.33 21.77 -17.86
N PHE A 484 27.84 20.83 -17.09
CA PHE A 484 27.39 20.66 -15.69
C PHE A 484 28.59 20.29 -14.86
N THR A 485 28.56 20.69 -13.60
CA THR A 485 29.70 20.51 -12.71
C THR A 485 29.35 19.53 -11.59
N ILE A 486 30.33 18.72 -11.22
CA ILE A 486 30.23 17.87 -10.05
C ILE A 486 31.37 18.29 -9.14
N GLY A 487 31.06 19.09 -8.13
CA GLY A 487 32.07 19.73 -7.30
C GLY A 487 32.92 20.63 -8.19
N ASP A 488 34.22 20.33 -8.29
CA ASP A 488 35.13 21.13 -9.08
C ASP A 488 35.24 20.66 -10.54
N ARG A 489 34.62 19.52 -10.88
CA ARG A 489 34.87 18.86 -12.17
C ARG A 489 33.80 19.26 -13.17
N VAL A 490 34.23 19.67 -14.36
CA VAL A 490 33.35 20.21 -15.40
C VAL A 490 33.18 19.16 -16.48
N ILE A 491 31.95 19.00 -16.96
CA ILE A 491 31.63 18.04 -18.02
C ILE A 491 30.96 18.81 -19.13
N LYS A 492 31.61 18.83 -20.31
CA LYS A 492 31.14 19.61 -21.47
C LYS A 492 30.20 18.79 -22.35
N GLU A 493 29.51 19.46 -23.27
CA GLU A 493 28.58 18.79 -24.18
C GLU A 493 29.37 17.91 -25.13
N GLY A 494 28.78 16.78 -25.51
CA GLY A 494 29.44 15.81 -26.38
C GLY A 494 30.42 14.86 -25.70
N ASP A 495 30.75 15.09 -24.43
CA ASP A 495 31.59 14.17 -23.66
C ASP A 495 30.87 12.88 -23.39
N TRP A 496 31.66 11.81 -23.30
CA TRP A 496 31.11 10.48 -23.08
C TRP A 496 30.79 10.27 -21.61
N LEU A 497 29.66 9.63 -21.36
CA LEU A 497 29.14 9.46 -20.01
C LEU A 497 28.38 8.16 -19.92
N SER A 498 28.42 7.54 -18.76
CA SER A 498 27.72 6.31 -18.53
C SER A 498 26.87 6.41 -17.26
N LEU A 499 25.73 5.74 -17.24
CA LEU A 499 24.81 5.80 -16.14
C LEU A 499 24.35 4.41 -15.78
N ASN A 500 24.33 4.12 -14.49
CA ASN A 500 23.76 2.89 -13.99
C ASN A 500 22.53 3.25 -13.24
N GLY A 501 21.39 3.17 -13.91
CA GLY A 501 20.11 3.47 -13.28
C GLY A 501 19.65 2.42 -12.29
N THR A 502 20.32 1.28 -12.25
CA THR A 502 20.04 0.27 -11.23
C THR A 502 20.64 0.65 -9.87
N THR A 503 21.86 1.18 -9.90
CA THR A 503 22.52 1.66 -8.70
C THR A 503 22.49 3.17 -8.56
N GLY A 504 22.20 3.88 -9.63
CA GLY A 504 22.14 5.34 -9.59
C GLY A 504 23.47 6.01 -9.72
N GLU A 505 24.44 5.34 -10.33
CA GLU A 505 25.81 5.86 -10.39
C GLU A 505 26.06 6.59 -11.70
N VAL A 506 26.78 7.70 -11.62
CA VAL A 506 27.15 8.47 -12.78
C VAL A 506 28.64 8.20 -13.05
N ILE A 507 28.96 7.76 -14.26
CA ILE A 507 30.22 7.14 -14.58
C ILE A 507 30.87 7.88 -15.73
N LEU A 508 32.18 8.08 -15.65
CA LEU A 508 32.94 8.74 -16.71
C LEU A 508 33.11 7.90 -17.98
N GLY A 509 32.85 8.53 -19.12
CA GLY A 509 33.22 7.93 -20.38
C GLY A 509 32.51 6.65 -20.76
N LYS A 510 33.01 6.05 -21.83
CA LYS A 510 32.44 4.84 -22.40
C LYS A 510 32.70 3.66 -21.50
N GLN A 511 31.73 2.75 -21.44
CA GLN A 511 31.88 1.50 -20.72
C GLN A 511 31.35 0.38 -21.62
N LEU A 512 31.74 -0.84 -21.30
CA LEU A 512 31.36 -2.01 -22.06
C LEU A 512 29.95 -2.45 -21.60
N LEU A 513 29.02 -2.52 -22.55
CA LEU A 513 27.67 -3.01 -22.30
C LEU A 513 27.49 -4.44 -22.82
N ALA A 514 26.61 -5.19 -22.16
CA ALA A 514 26.42 -6.60 -22.42
C ALA A 514 24.95 -6.95 -22.23
N PRO A 515 24.45 -7.96 -22.93
CA PRO A 515 23.09 -8.44 -22.66
C PRO A 515 23.07 -9.27 -21.39
N PRO A 516 21.96 -9.25 -20.63
CA PRO A 516 21.88 -10.13 -19.43
C PRO A 516 21.20 -11.51 -19.66
N ALA A 517 20.68 -11.70 -20.90
CA ALA A 517 19.64 -12.72 -21.27
C ALA A 517 20.03 -14.14 -20.85
N MET A 518 19.78 -14.45 -19.59
CA MET A 518 20.23 -15.65 -18.98
C MET A 518 19.11 -16.60 -18.59
N SER A 519 17.87 -16.24 -18.86
CA SER A 519 16.77 -17.04 -18.33
C SER A 519 16.75 -18.38 -19.05
N ASN A 520 16.64 -19.49 -18.31
CA ASN A 520 16.59 -20.82 -18.93
C ASN A 520 15.32 -20.98 -19.79
N ASP A 521 14.20 -20.46 -19.31
CA ASP A 521 12.96 -20.44 -20.10
C ASP A 521 13.11 -19.55 -21.32
N LEU A 522 13.86 -18.47 -21.20
CA LEU A 522 14.11 -17.63 -22.35
C LEU A 522 14.98 -18.32 -23.37
N GLU A 523 16.02 -19.04 -22.91
CA GLU A 523 16.94 -19.76 -23.81
C GLU A 523 16.21 -20.83 -24.55
N ILE A 524 15.33 -21.55 -23.87
CA ILE A 524 14.50 -22.56 -24.52
C ILE A 524 13.57 -21.93 -25.52
N PHE A 525 12.98 -20.79 -25.16
CA PHE A 525 12.02 -20.12 -26.04
C PHE A 525 12.69 -19.67 -27.32
N MET A 526 13.85 -19.05 -27.21
CA MET A 526 14.57 -18.57 -28.38
C MET A 526 15.14 -19.69 -29.19
N SER A 527 15.33 -20.85 -28.56
CA SER A 527 15.64 -22.10 -29.30
C SER A 527 14.46 -22.45 -30.23
N TRP A 528 13.25 -22.31 -29.74
CA TRP A 528 12.06 -22.57 -30.56
C TRP A 528 11.93 -21.60 -31.72
N ALA A 529 12.26 -20.33 -31.48
CA ALA A 529 12.19 -19.33 -32.52
C ALA A 529 13.22 -19.55 -33.61
N ASP A 530 14.41 -19.97 -33.22
CA ASP A 530 15.44 -20.29 -34.20
C ASP A 530 15.11 -21.51 -35.06
N GLN A 531 14.40 -22.46 -34.49
CA GLN A 531 13.96 -23.61 -35.28
C GLN A 531 12.87 -23.25 -36.23
N ALA A 532 11.96 -22.39 -35.82
CA ALA A 532 10.75 -22.07 -36.61
C ALA A 532 10.99 -21.08 -37.74
N ARG A 533 11.97 -20.21 -37.58
CA ARG A 533 12.21 -19.17 -38.57
C ARG A 533 12.90 -19.67 -39.79
N ARG A 534 12.52 -19.15 -40.94
CA ARG A 534 13.22 -19.36 -42.20
C ARG A 534 14.30 -18.31 -42.41
N LEU A 535 14.00 -17.09 -42.07
CA LEU A 535 14.88 -15.98 -42.38
C LEU A 535 16.09 -15.99 -41.47
N LYS A 536 17.24 -15.61 -41.99
CA LYS A 536 18.45 -15.52 -41.20
C LYS A 536 18.58 -14.13 -40.61
N VAL A 537 19.36 -14.01 -39.54
CA VAL A 537 19.58 -12.74 -38.87
C VAL A 537 21.06 -12.44 -38.75
N MET A 538 21.49 -11.33 -39.32
CA MET A 538 22.86 -10.86 -39.22
C MET A 538 22.89 -9.63 -38.33
N ALA A 539 24.06 -9.09 -38.09
CA ALA A 539 24.25 -7.96 -37.19
C ALA A 539 24.92 -6.80 -37.87
N ASN A 540 24.69 -5.62 -37.33
CA ASN A 540 25.34 -4.39 -37.79
C ASN A 540 26.40 -4.04 -36.76
N ALA A 541 27.58 -4.63 -36.94
CA ALA A 541 28.66 -4.55 -35.96
C ALA A 541 29.85 -3.83 -36.57
N ASP A 542 30.40 -2.89 -35.80
CA ASP A 542 31.62 -2.18 -36.18
C ASP A 542 32.81 -2.45 -35.23
N THR A 543 32.61 -2.23 -33.92
CA THR A 543 33.64 -2.50 -32.93
C THR A 543 33.73 -4.01 -32.68
N PRO A 544 34.93 -4.51 -32.34
CA PRO A 544 35.04 -5.95 -32.03
C PRO A 544 34.25 -6.40 -30.79
N ASN A 545 33.99 -5.50 -29.86
CA ASN A 545 33.09 -5.80 -28.75
C ASN A 545 31.66 -6.07 -29.25
N ASP A 546 31.22 -5.28 -30.25
CA ASP A 546 29.89 -5.46 -30.82
C ASP A 546 29.77 -6.75 -31.64
N ALA A 547 30.87 -7.22 -32.19
CA ALA A 547 30.83 -8.45 -32.97
C ALA A 547 30.62 -9.68 -32.06
N LEU A 548 31.38 -9.76 -30.97
CA LEU A 548 31.23 -10.86 -30.01
C LEU A 548 29.91 -10.69 -29.25
N THR A 549 29.58 -9.45 -28.90
CA THR A 549 28.31 -9.21 -28.25
C THR A 549 27.15 -9.64 -29.16
N ALA A 550 27.31 -9.43 -30.47
CA ALA A 550 26.27 -9.80 -31.43
C ALA A 550 26.22 -11.30 -31.61
N ARG A 551 27.38 -11.92 -31.70
CA ARG A 551 27.45 -13.38 -31.85
C ARG A 551 26.84 -14.09 -30.65
N ASN A 552 26.92 -13.46 -29.46
CA ASN A 552 26.35 -14.05 -28.26
C ASN A 552 24.83 -14.05 -28.33
N ASN A 553 24.23 -13.01 -28.94
CA ASN A 553 22.78 -12.91 -29.10
C ASN A 553 22.19 -13.86 -30.15
N GLY A 554 23.05 -14.61 -30.85
CA GLY A 554 22.58 -15.58 -31.83
C GLY A 554 22.69 -15.12 -33.27
N ALA A 555 23.49 -14.07 -33.51
CA ALA A 555 23.67 -13.58 -34.87
C ALA A 555 24.40 -14.61 -35.72
N GLN A 556 23.96 -14.76 -36.96
CA GLN A 556 24.55 -15.72 -37.89
C GLN A 556 25.54 -15.05 -38.86
N GLY A 557 26.11 -13.92 -38.45
CA GLY A 557 27.09 -13.20 -39.25
C GLY A 557 26.92 -11.70 -39.14
N ILE A 558 27.71 -10.94 -39.86
CA ILE A 558 27.61 -9.49 -39.91
C ILE A 558 27.11 -9.12 -41.29
N GLY A 559 25.97 -8.44 -41.35
CA GLY A 559 25.40 -7.95 -42.57
C GLY A 559 25.85 -6.57 -42.94
N LEU A 560 26.43 -5.85 -41.99
CA LEU A 560 26.93 -4.52 -42.26
C LEU A 560 28.01 -4.15 -41.28
N CYS A 561 29.21 -3.87 -41.77
CA CYS A 561 30.29 -3.33 -40.97
C CYS A 561 30.72 -2.01 -41.58
N ARG A 562 30.37 -0.91 -40.89
CA ARG A 562 30.64 0.42 -41.39
C ARG A 562 32.09 0.77 -41.16
N THR A 563 32.81 1.08 -42.23
CA THR A 563 34.23 1.37 -42.12
C THR A 563 34.50 2.72 -41.46
N GLU A 564 33.58 3.66 -41.64
CA GLU A 564 33.71 4.97 -41.02
C GLU A 564 33.74 4.89 -39.50
N HIS A 565 33.03 3.91 -38.93
CA HIS A 565 33.03 3.70 -37.49
C HIS A 565 34.35 3.14 -36.98
N MET A 566 35.21 2.63 -37.87
CA MET A 566 36.57 2.24 -37.49
C MET A 566 37.41 3.45 -37.06
N PHE A 567 37.07 4.63 -37.57
CA PHE A 567 37.81 5.87 -37.24
C PHE A 567 37.47 6.48 -35.87
N PHE A 568 36.41 6.01 -35.18
CA PHE A 568 36.08 6.49 -33.82
C PHE A 568 36.78 5.63 -32.78
N ALA A 569 38.11 5.52 -32.84
CA ALA A 569 38.89 4.63 -31.97
C ALA A 569 39.82 5.39 -31.00
N SER A 570 40.76 6.17 -31.54
CA SER A 570 41.78 6.80 -30.71
C SER A 570 42.50 7.95 -31.42
N ASP A 571 43.49 8.52 -30.73
CA ASP A 571 44.31 9.62 -31.24
C ASP A 571 44.90 9.28 -32.62
N GLU A 572 45.41 8.05 -32.76
CA GLU A 572 46.07 7.58 -33.99
C GLU A 572 45.12 7.26 -35.17
N ARG A 573 43.81 7.18 -34.91
CA ARG A 573 42.84 7.03 -36.00
C ARG A 573 42.11 8.34 -36.33
N ILE A 574 41.66 9.06 -35.31
CA ILE A 574 40.92 10.31 -35.49
C ILE A 574 41.80 11.44 -36.04
N LYS A 575 43.08 11.46 -35.64
CA LYS A 575 44.04 12.44 -36.15
C LYS A 575 44.49 12.11 -37.57
N ALA A 576 44.57 10.82 -37.90
CA ALA A 576 45.00 10.39 -39.22
C ALA A 576 43.91 10.56 -40.27
N VAL A 577 42.64 10.48 -39.87
CA VAL A 577 41.52 10.68 -40.77
C VAL A 577 41.46 12.10 -41.30
N ARG A 578 41.93 13.06 -40.48
CA ARG A 578 42.01 14.46 -40.91
C ARG A 578 43.02 14.69 -42.02
N LYS A 579 44.02 13.81 -42.13
CA LYS A 579 44.99 13.89 -43.22
C LYS A 579 44.32 13.56 -44.56
N MET A 580 43.52 12.51 -44.60
CA MET A 580 42.81 12.13 -45.82
C MET A 580 41.66 13.08 -46.12
N ILE A 581 41.05 13.63 -45.07
CA ILE A 581 39.93 14.57 -45.24
C ILE A 581 40.39 15.93 -45.78
N MET A 582 41.66 16.29 -45.55
CA MET A 582 42.24 17.54 -46.05
C MET A 582 43.29 17.30 -47.15
N ALA A 583 43.15 16.19 -47.89
CA ALA A 583 44.05 15.88 -49.00
C ALA A 583 43.71 16.72 -50.24
N VAL A 584 44.76 17.22 -50.90
CA VAL A 584 44.68 18.09 -52.09
C VAL A 584 45.17 17.35 -53.34
N THR A 585 46.49 17.37 -53.57
CA THR A 585 47.12 16.67 -54.72
C THR A 585 47.24 15.16 -54.40
N PRO A 586 46.77 14.24 -55.31
CA PRO A 586 46.90 12.77 -55.09
C PRO A 586 48.24 12.21 -54.51
N GLU A 587 49.37 12.94 -54.72
CA GLU A 587 50.64 12.71 -53.96
C GLU A 587 50.45 13.00 -52.45
N GLN A 588 49.73 14.08 -52.13
CA GLN A 588 49.30 14.41 -50.76
C GLN A 588 48.26 13.42 -50.23
N ARG A 589 47.36 12.93 -51.11
CA ARG A 589 46.33 11.96 -50.71
C ARG A 589 46.88 10.56 -50.45
N LYS A 590 47.81 10.09 -51.29
CA LYS A 590 48.36 8.76 -51.11
C LYS A 590 49.23 8.62 -49.86
N VAL A 591 49.67 9.75 -49.28
CA VAL A 591 50.45 9.75 -48.02
C VAL A 591 49.57 9.48 -46.79
N ALA A 592 48.28 9.84 -46.87
CA ALA A 592 47.33 9.57 -45.78
C ALA A 592 46.73 8.17 -45.85
N LEU A 593 46.52 7.63 -47.05
CA LEU A 593 45.86 6.32 -47.21
C LEU A 593 46.84 5.17 -46.94
N ASP A 594 48.02 5.27 -47.57
CA ASP A 594 49.07 4.27 -47.39
C ASP A 594 49.69 4.29 -45.99
N LEU A 595 49.42 5.34 -45.21
CA LEU A 595 49.80 5.39 -43.79
C LEU A 595 48.65 4.96 -42.87
N LEU A 596 47.75 4.11 -43.35
CA LEU A 596 46.55 3.76 -42.58
C LEU A 596 46.07 2.32 -42.66
N LEU A 597 46.80 1.44 -43.36
CA LEU A 597 46.35 0.06 -43.54
C LEU A 597 46.48 -0.73 -42.21
N PRO A 598 47.66 -0.71 -41.56
CA PRO A 598 47.67 -1.21 -40.17
C PRO A 598 46.64 -0.53 -39.24
N TYR A 599 46.38 0.76 -39.42
CA TYR A 599 45.32 1.45 -38.67
C TYR A 599 43.93 0.80 -38.82
N GLN A 600 43.65 0.17 -39.96
CA GLN A 600 42.37 -0.53 -40.22
C GLN A 600 42.44 -2.06 -40.29
N ARG A 601 43.59 -2.63 -40.64
CA ARG A 601 43.73 -4.08 -40.78
C ARG A 601 43.67 -4.76 -39.41
N SER A 602 44.26 -4.14 -38.40
CA SER A 602 44.14 -4.61 -37.02
C SER A 602 42.72 -4.39 -36.53
N ASP A 603 42.09 -3.29 -36.92
CA ASP A 603 40.68 -3.03 -36.60
C ASP A 603 39.79 -4.13 -37.20
N PHE A 604 40.02 -4.45 -38.47
CA PHE A 604 39.30 -5.53 -39.12
C PHE A 604 39.66 -6.88 -38.50
N GLU A 605 40.90 -7.05 -38.07
CA GLU A 605 41.31 -8.27 -37.39
C GLU A 605 40.46 -8.54 -36.15
N GLY A 606 40.08 -7.48 -35.43
CA GLY A 606 39.17 -7.62 -34.31
C GLY A 606 37.79 -8.14 -34.69
N ILE A 607 37.33 -7.80 -35.89
CA ILE A 607 36.04 -8.30 -36.36
C ILE A 607 36.13 -9.76 -36.78
N PHE A 608 37.18 -10.13 -37.51
CA PHE A 608 37.34 -11.51 -37.97
C PHE A 608 37.58 -12.46 -36.82
N ARG A 609 38.25 -11.97 -35.76
CA ARG A 609 38.56 -12.82 -34.60
C ARG A 609 37.30 -13.23 -33.88
N ALA A 610 36.33 -12.32 -33.76
CA ALA A 610 35.09 -12.60 -33.06
C ALA A 610 34.10 -13.39 -33.92
N MET A 611 34.13 -13.19 -35.24
CA MET A 611 33.14 -13.76 -36.15
C MET A 611 33.72 -14.84 -37.06
N ASP A 612 34.55 -15.70 -36.49
CA ASP A 612 35.12 -16.81 -37.25
C ASP A 612 34.03 -17.83 -37.58
N GLY A 613 34.00 -18.27 -38.83
CA GLY A 613 33.06 -19.28 -39.28
C GLY A 613 31.80 -18.72 -39.89
N LEU A 614 31.53 -17.42 -39.72
CA LEU A 614 30.28 -16.82 -40.22
C LEU A 614 30.59 -15.66 -41.15
N PRO A 615 29.72 -15.42 -42.15
CA PRO A 615 30.02 -14.35 -43.11
C PRO A 615 30.06 -12.97 -42.48
N VAL A 616 31.03 -12.16 -42.88
CA VAL A 616 31.15 -10.78 -42.44
C VAL A 616 31.07 -9.92 -43.69
N THR A 617 30.11 -9.01 -43.73
CA THR A 617 29.83 -8.17 -44.89
C THR A 617 30.22 -6.75 -44.57
N ILE A 618 31.34 -6.31 -45.14
CA ILE A 618 31.90 -5.00 -44.87
C ILE A 618 31.56 -4.08 -46.01
N ARG A 619 31.01 -2.91 -45.67
CA ARG A 619 30.70 -1.90 -46.69
C ARG A 619 31.89 -1.01 -46.90
N LEU A 620 31.92 -0.27 -47.99
CA LEU A 620 32.99 0.68 -48.24
C LEU A 620 32.66 1.99 -47.56
N LEU A 621 33.47 3.02 -47.79
CA LEU A 621 33.31 4.29 -47.09
C LEU A 621 32.10 5.02 -47.62
N ASP A 622 31.02 4.97 -46.85
CA ASP A 622 29.73 5.56 -47.23
C ASP A 622 29.70 7.08 -47.08
N PRO A 623 29.82 7.59 -45.85
CA PRO A 623 29.41 8.95 -45.60
C PRO A 623 30.34 9.95 -46.24
N PRO A 624 29.89 11.21 -46.39
CA PRO A 624 30.77 12.22 -46.97
C PRO A 624 31.89 12.59 -46.01
N LEU A 625 32.83 13.39 -46.50
CA LEU A 625 34.03 13.71 -45.73
C LEU A 625 33.77 14.78 -44.66
N HIS A 626 32.76 15.62 -44.83
CA HIS A 626 32.58 16.82 -44.02
C HIS A 626 31.77 16.58 -42.74
N GLU A 627 32.06 15.48 -42.03
CA GLU A 627 31.53 15.24 -40.67
C GLU A 627 32.63 14.68 -39.73
N PHE A 628 33.89 14.99 -40.01
CA PHE A 628 35.04 14.66 -39.14
C PHE A 628 35.61 15.95 -38.58
N LEU A 629 35.01 16.41 -37.49
CA LEU A 629 35.39 17.69 -36.88
C LEU A 629 36.29 17.55 -35.65
N ILE A 652 42.93 26.10 -43.82
CA ILE A 652 41.73 25.29 -43.83
C ILE A 652 40.53 26.05 -44.42
N TYR A 653 40.71 27.34 -44.69
CA TYR A 653 39.68 28.15 -45.33
C TYR A 653 39.39 27.74 -46.78
N SER A 654 40.43 27.30 -47.48
CA SER A 654 40.27 26.75 -48.83
C SER A 654 39.81 25.27 -48.85
N LYS A 655 40.11 24.54 -47.77
CA LYS A 655 39.80 23.11 -47.69
C LYS A 655 38.38 22.85 -47.24
N ILE A 656 37.99 23.47 -46.13
CA ILE A 656 36.68 23.20 -45.53
C ILE A 656 35.51 23.76 -46.34
N GLU A 657 35.76 24.73 -47.22
CA GLU A 657 34.71 25.31 -48.05
C GLU A 657 34.35 24.41 -49.24
N ASN A 658 35.35 23.73 -49.80
CA ASN A 658 35.08 22.76 -50.87
C ASN A 658 34.29 21.54 -50.36
N LEU A 659 34.40 21.23 -49.07
CA LEU A 659 33.68 20.10 -48.49
C LEU A 659 32.26 20.43 -48.03
N SER A 660 31.94 21.73 -47.89
CA SER A 660 30.59 22.15 -47.48
C SER A 660 29.61 21.89 -48.61
N GLU A 661 28.53 21.17 -48.29
CA GLU A 661 27.51 20.77 -49.27
C GLU A 661 26.14 21.21 -48.82
N VAL A 662 25.24 21.39 -49.79
CA VAL A 662 23.86 21.80 -49.51
C VAL A 662 23.02 20.58 -49.07
N ASN A 663 23.19 19.43 -49.73
CA ASN A 663 22.52 18.20 -49.36
C ASN A 663 23.52 17.08 -49.17
N PRO A 664 24.14 16.99 -47.98
CA PRO A 664 25.15 15.97 -47.74
C PRO A 664 24.62 14.56 -47.77
N MET A 665 23.31 14.38 -47.71
CA MET A 665 22.74 13.06 -47.90
C MET A 665 22.92 12.52 -49.33
N LEU A 666 22.98 13.40 -50.31
CA LEU A 666 23.10 13.03 -51.70
C LEU A 666 24.23 13.80 -52.38
N GLY A 667 25.32 14.01 -51.64
CA GLY A 667 26.47 14.71 -52.17
C GLY A 667 27.58 13.78 -52.60
N PHE A 668 28.82 14.23 -52.44
CA PHE A 668 29.99 13.40 -52.73
C PHE A 668 30.05 12.36 -51.63
N ARG A 669 29.56 11.16 -51.91
CA ARG A 669 29.26 10.19 -50.88
C ARG A 669 29.25 8.80 -51.47
N GLY A 670 29.60 7.83 -50.63
CA GLY A 670 29.49 6.43 -50.99
C GLY A 670 30.50 6.08 -52.05
N CYS A 671 30.05 5.33 -53.05
CA CYS A 671 30.93 4.95 -54.15
C CYS A 671 31.32 6.14 -55.01
N ARG A 672 30.58 7.23 -54.93
CA ARG A 672 30.91 8.40 -55.72
C ARG A 672 32.27 9.00 -55.32
N LEU A 673 32.60 8.90 -54.04
CA LEU A 673 33.94 9.18 -53.61
C LEU A 673 34.52 7.81 -53.32
N GLY A 674 35.22 7.27 -54.32
CA GLY A 674 35.60 5.86 -54.36
C GLY A 674 35.71 5.45 -55.81
N ILE A 675 34.94 6.12 -56.67
CA ILE A 675 35.18 6.13 -58.10
C ILE A 675 36.03 7.34 -58.45
N SER A 676 35.57 8.53 -58.06
CA SER A 676 36.46 9.66 -57.86
C SER A 676 37.31 9.34 -56.63
N TYR A 677 38.61 9.60 -56.69
CA TYR A 677 39.52 9.20 -55.64
C TYR A 677 39.49 7.69 -55.45
N PRO A 678 39.91 6.90 -56.46
CA PRO A 678 39.88 5.41 -56.30
C PRO A 678 40.88 4.84 -55.30
N GLU A 679 41.77 5.66 -54.77
CA GLU A 679 42.76 5.19 -53.83
C GLU A 679 42.18 4.84 -52.46
N LEU A 680 40.99 5.35 -52.13
CA LEU A 680 40.32 4.98 -50.88
C LEU A 680 39.86 3.55 -50.94
N THR A 681 39.22 3.19 -52.04
CA THR A 681 38.81 1.81 -52.26
C THR A 681 40.02 0.89 -52.35
N GLU A 682 41.05 1.34 -53.06
CA GLU A 682 42.32 0.57 -53.16
C GLU A 682 42.94 0.34 -51.78
N MET A 683 42.77 1.28 -50.87
CA MET A 683 43.31 1.15 -49.52
C MET A 683 42.52 0.15 -48.68
N GLN A 684 41.23 0.41 -48.48
CA GLN A 684 40.42 -0.41 -47.56
C GLN A 684 40.13 -1.80 -48.09
N VAL A 685 40.06 -1.95 -49.41
CA VAL A 685 39.96 -3.27 -50.02
C VAL A 685 41.23 -4.10 -49.77
N ARG A 686 42.39 -3.46 -49.83
CA ARG A 686 43.64 -4.14 -49.46
C ARG A 686 43.69 -4.49 -47.98
N ALA A 687 43.13 -3.62 -47.13
CA ALA A 687 43.12 -3.87 -45.70
C ALA A 687 42.31 -5.11 -45.34
N ILE A 688 41.12 -5.22 -45.95
CA ILE A 688 40.23 -6.33 -45.64
C ILE A 688 40.83 -7.68 -46.10
N PHE A 689 41.43 -7.68 -47.28
CA PHE A 689 41.97 -8.91 -47.81
C PHE A 689 43.24 -9.34 -47.05
N GLN A 690 44.08 -8.36 -46.67
CA GLN A 690 45.33 -8.72 -45.96
C GLN A 690 45.03 -9.19 -44.53
N ALA A 691 44.04 -8.59 -43.89
CA ALA A 691 43.56 -9.09 -42.60
C ALA A 691 42.85 -10.43 -42.75
N ALA A 692 42.27 -10.67 -43.93
CA ALA A 692 41.59 -11.95 -44.18
C ALA A 692 42.59 -13.09 -44.29
N VAL A 693 43.64 -12.90 -45.07
CA VAL A 693 44.70 -13.91 -45.19
C VAL A 693 45.39 -14.11 -43.84
N SER A 694 45.70 -13.00 -43.16
CA SER A 694 46.37 -13.06 -41.87
C SER A 694 45.58 -13.90 -40.88
N MET A 695 44.30 -13.56 -40.69
CA MET A 695 43.45 -14.29 -39.76
C MET A 695 43.08 -15.70 -40.28
N THR A 696 43.17 -15.92 -41.59
CA THR A 696 42.84 -17.24 -42.15
C THR A 696 43.90 -18.25 -41.85
N ASN A 697 45.14 -17.80 -41.70
CA ASN A 697 46.26 -18.73 -41.44
C ASN A 697 46.20 -19.38 -40.06
N GLN A 698 45.51 -18.74 -39.11
CA GLN A 698 45.34 -19.29 -37.76
C GLN A 698 44.09 -20.17 -37.63
N GLY A 699 43.66 -20.79 -38.75
CA GLY A 699 42.54 -21.72 -38.73
C GLY A 699 41.18 -21.09 -38.58
N VAL A 700 41.10 -19.77 -38.43
CA VAL A 700 39.82 -19.10 -38.28
C VAL A 700 39.17 -19.07 -39.66
N THR A 701 38.03 -19.74 -39.79
CA THR A 701 37.31 -19.75 -41.06
C THR A 701 36.75 -18.34 -41.33
N VAL A 702 37.12 -17.77 -42.47
CA VAL A 702 36.79 -16.38 -42.80
C VAL A 702 36.05 -16.36 -44.14
N ILE A 703 34.81 -15.87 -44.12
CA ILE A 703 34.03 -15.65 -45.34
C ILE A 703 33.76 -14.15 -45.47
N PRO A 704 34.62 -13.39 -46.16
CA PRO A 704 34.42 -11.96 -46.27
C PRO A 704 33.52 -11.58 -47.45
N GLU A 705 32.86 -10.43 -47.32
CA GLU A 705 32.03 -9.87 -48.38
C GLU A 705 32.26 -8.37 -48.46
N ILE A 706 32.34 -7.86 -49.69
CA ILE A 706 32.57 -6.43 -49.92
C ILE A 706 31.32 -5.84 -50.53
N MET A 707 30.80 -4.76 -49.90
CA MET A 707 29.55 -4.12 -50.31
C MET A 707 29.86 -2.70 -50.77
N VAL A 708 29.36 -2.33 -51.94
CA VAL A 708 29.59 -1.02 -52.52
C VAL A 708 28.34 -0.19 -52.35
N PRO A 709 28.42 0.95 -51.67
CA PRO A 709 27.22 1.74 -51.41
C PRO A 709 26.81 2.72 -52.50
N LEU A 710 25.55 3.16 -52.43
CA LEU A 710 25.00 4.19 -53.33
C LEU A 710 25.15 3.87 -54.79
N VAL A 711 24.97 2.61 -55.13
CA VAL A 711 25.06 2.18 -56.54
C VAL A 711 23.75 2.60 -57.17
N GLY A 712 23.84 3.38 -58.22
CA GLY A 712 22.69 3.80 -58.99
C GLY A 712 22.76 3.42 -60.46
N THR A 713 23.98 3.22 -60.94
CA THR A 713 24.19 2.78 -62.31
C THR A 713 25.02 1.51 -62.25
N PRO A 714 24.83 0.57 -63.19
CA PRO A 714 25.67 -0.64 -63.18
C PRO A 714 27.15 -0.36 -63.42
N GLN A 715 27.47 0.74 -64.09
CA GLN A 715 28.83 1.09 -64.37
C GLN A 715 29.58 1.53 -63.12
N GLU A 716 28.86 2.11 -62.16
CA GLU A 716 29.46 2.44 -60.88
C GLU A 716 29.92 1.17 -60.20
N LEU A 717 29.07 0.15 -60.19
CA LEU A 717 29.40 -1.14 -59.59
C LEU A 717 30.57 -1.83 -60.27
N ARG A 718 30.50 -1.90 -61.59
CA ARG A 718 31.57 -2.55 -62.35
C ARG A 718 32.90 -1.85 -62.21
N HIS A 719 32.87 -0.54 -61.96
CA HIS A 719 34.10 0.20 -61.67
C HIS A 719 34.71 -0.29 -60.36
N GLN A 720 33.89 -0.43 -59.34
CA GLN A 720 34.36 -0.94 -58.07
C GLN A 720 34.66 -2.44 -58.09
N ILE A 721 34.01 -3.19 -58.98
CA ILE A 721 34.41 -4.55 -59.10
C ILE A 721 35.78 -4.68 -59.74
N SER A 722 36.11 -3.86 -60.75
CA SER A 722 37.44 -3.88 -61.35
C SER A 722 38.51 -3.51 -60.33
N VAL A 723 38.24 -2.53 -59.49
CA VAL A 723 39.19 -2.14 -58.46
C VAL A 723 39.27 -3.23 -57.40
N ILE A 724 38.14 -3.88 -57.09
CA ILE A 724 38.12 -4.95 -56.08
C ILE A 724 38.85 -6.20 -56.58
N ARG A 725 38.62 -6.58 -57.83
CA ARG A 725 39.28 -7.73 -58.40
C ARG A 725 40.80 -7.47 -58.58
N GLY A 726 41.13 -6.22 -58.95
CA GLY A 726 42.53 -5.84 -59.12
C GLY A 726 43.32 -5.90 -57.83
N VAL A 727 42.85 -5.20 -56.82
CA VAL A 727 43.50 -5.16 -55.50
C VAL A 727 43.44 -6.53 -54.82
N ALA A 728 42.45 -7.36 -55.18
CA ALA A 728 42.37 -8.71 -54.64
C ALA A 728 43.50 -9.58 -55.18
N ALA A 729 43.68 -9.55 -56.49
CA ALA A 729 44.77 -10.33 -57.12
C ALA A 729 46.18 -9.83 -56.74
N ASN A 730 46.30 -8.52 -56.52
CA ASN A 730 47.55 -7.95 -56.01
C ASN A 730 47.80 -8.38 -54.54
N VAL A 731 46.74 -8.47 -53.75
CA VAL A 731 46.85 -8.89 -52.34
C VAL A 731 47.19 -10.39 -52.22
N PHE A 732 46.69 -11.18 -53.16
CA PHE A 732 47.02 -12.61 -53.22
C PHE A 732 48.45 -12.90 -53.73
N ALA A 733 49.26 -11.86 -53.96
CA ALA A 733 50.71 -11.99 -54.10
C ALA A 733 51.43 -12.15 -52.75
N GLU A 734 50.79 -11.74 -51.66
CA GLU A 734 51.38 -11.84 -50.33
C GLU A 734 51.53 -13.28 -49.85
N MET A 735 50.67 -14.17 -50.33
CA MET A 735 50.66 -15.58 -49.91
C MET A 735 49.78 -16.40 -50.87
N GLY A 736 49.02 -17.35 -50.31
CA GLY A 736 48.03 -18.11 -51.06
C GLY A 736 46.79 -17.30 -51.37
N VAL A 737 46.17 -17.62 -52.52
CA VAL A 737 44.96 -16.95 -53.00
C VAL A 737 43.75 -17.81 -52.70
N THR A 738 43.87 -18.63 -51.65
CA THR A 738 42.87 -19.67 -51.39
C THR A 738 41.53 -19.09 -50.98
N LEU A 739 41.49 -17.81 -50.58
CA LEU A 739 40.28 -17.16 -50.08
C LEU A 739 39.35 -16.76 -51.21
N GLU A 740 38.22 -17.43 -51.27
CA GLU A 740 37.18 -17.08 -52.20
C GLU A 740 36.24 -16.07 -51.55
N TYR A 741 35.81 -15.06 -52.29
CA TYR A 741 35.05 -13.93 -51.73
C TYR A 741 33.85 -13.55 -52.59
N LYS A 742 33.01 -12.68 -52.05
CA LYS A 742 31.84 -12.13 -52.76
C LYS A 742 31.86 -10.60 -52.70
N VAL A 743 31.43 -9.98 -53.79
CA VAL A 743 31.30 -8.53 -53.88
C VAL A 743 29.89 -8.19 -54.31
N GLY A 744 29.28 -7.21 -53.67
CA GLY A 744 27.89 -6.84 -53.97
C GLY A 744 27.60 -5.39 -53.70
N THR A 745 26.34 -5.03 -53.91
CA THR A 745 25.87 -3.64 -53.76
C THR A 745 24.97 -3.50 -52.55
N MET A 746 24.84 -2.27 -52.11
CA MET A 746 23.76 -1.90 -51.25
C MET A 746 22.73 -1.23 -52.15
N ILE A 747 21.48 -1.63 -52.04
CA ILE A 747 20.38 -1.03 -52.83
C ILE A 747 19.76 0.08 -52.02
N GLU A 748 20.31 1.27 -52.17
CA GLU A 748 19.80 2.48 -51.49
C GLU A 748 19.03 3.41 -52.44
N ILE A 749 19.41 3.43 -53.70
CA ILE A 749 18.90 4.41 -54.65
C ILE A 749 17.71 3.82 -55.39
N PRO A 750 16.60 4.56 -55.54
CA PRO A 750 15.45 4.01 -56.26
C PRO A 750 15.76 3.56 -57.68
N ARG A 751 16.64 4.26 -58.37
CA ARG A 751 17.00 3.85 -59.71
C ARG A 751 17.62 2.46 -59.73
N ALA A 752 18.39 2.11 -58.69
CA ALA A 752 18.99 0.77 -58.64
C ALA A 752 17.92 -0.30 -58.64
N ALA A 753 16.79 -0.01 -58.04
CA ALA A 753 15.69 -0.93 -58.08
C ALA A 753 15.04 -0.96 -59.45
N LEU A 754 15.11 0.16 -60.16
CA LEU A 754 14.51 0.25 -61.49
C LEU A 754 15.33 -0.46 -62.58
N ILE A 755 16.64 -0.58 -62.38
CA ILE A 755 17.52 -1.19 -63.38
C ILE A 755 18.29 -2.34 -62.71
N ALA A 756 17.64 -3.06 -61.80
CA ALA A 756 18.31 -4.12 -61.06
C ALA A 756 18.67 -5.32 -61.92
N GLU A 757 18.01 -5.48 -63.07
CA GLU A 757 18.32 -6.61 -63.95
C GLU A 757 19.73 -6.50 -64.52
N GLU A 758 20.21 -5.28 -64.71
CA GLU A 758 21.58 -5.03 -65.17
C GLU A 758 22.59 -5.10 -64.00
N ILE A 759 22.15 -4.86 -62.78
CA ILE A 759 23.03 -4.83 -61.63
C ILE A 759 23.27 -6.23 -61.08
N GLY A 760 22.22 -7.05 -61.04
CA GLY A 760 22.33 -8.39 -60.50
C GLY A 760 23.26 -9.34 -61.27
N LYS A 761 23.47 -9.06 -62.55
CA LYS A 761 24.38 -9.85 -63.36
C LYS A 761 25.83 -9.68 -62.89
N GLU A 762 26.16 -8.48 -62.40
CA GLU A 762 27.53 -8.16 -61.95
C GLU A 762 27.70 -8.23 -60.42
N ALA A 763 26.67 -8.61 -59.70
CA ALA A 763 26.70 -8.57 -58.26
C ALA A 763 26.50 -9.95 -57.66
N ASP A 764 27.17 -10.23 -56.55
CA ASP A 764 27.03 -11.49 -55.83
C ASP A 764 25.97 -11.46 -54.76
N PHE A 765 25.70 -10.29 -54.18
CA PHE A 765 24.62 -10.15 -53.19
C PHE A 765 24.05 -8.73 -53.24
N PHE A 766 22.78 -8.62 -52.85
CA PHE A 766 22.14 -7.32 -52.62
C PHE A 766 21.89 -7.14 -51.14
N SER A 767 21.89 -5.90 -50.70
CA SER A 767 21.50 -5.56 -49.32
C SER A 767 20.79 -4.22 -49.37
N PHE A 768 19.52 -4.19 -48.95
CA PHE A 768 18.73 -2.98 -49.05
C PHE A 768 19.03 -2.06 -47.91
N GLY A 769 19.49 -0.86 -48.24
CA GLY A 769 19.65 0.19 -47.24
C GLY A 769 18.35 1.01 -47.16
N THR A 770 17.42 0.59 -46.32
CA THR A 770 16.10 1.16 -46.31
C THR A 770 16.00 2.51 -45.61
N ASN A 771 17.05 2.92 -44.92
CA ASN A 771 17.15 4.30 -44.46
C ASN A 771 17.22 5.24 -45.67
N ASP A 772 18.27 5.10 -46.46
CA ASP A 772 18.45 5.95 -47.62
C ASP A 772 17.35 5.71 -48.66
N LEU A 773 16.84 4.48 -48.75
CA LEU A 773 15.82 4.18 -49.75
C LEU A 773 14.49 4.80 -49.38
N THR A 774 14.17 4.81 -48.10
CA THR A 774 12.97 5.50 -47.65
C THR A 774 13.13 7.00 -47.85
N GLN A 775 14.31 7.52 -47.51
CA GLN A 775 14.56 8.94 -47.64
C GLN A 775 14.32 9.42 -49.08
N MET A 776 14.87 8.69 -50.03
CA MET A 776 14.81 9.12 -51.42
C MET A 776 13.50 8.74 -52.11
N THR A 777 12.80 7.73 -51.60
CA THR A 777 11.52 7.35 -52.18
C THR A 777 10.42 8.32 -51.73
N PHE A 778 10.35 8.63 -50.44
CA PHE A 778 9.38 9.59 -49.94
C PHE A 778 9.78 11.03 -50.19
N GLY A 779 11.08 11.28 -50.36
CA GLY A 779 11.58 12.64 -50.41
C GLY A 779 11.67 13.25 -49.04
N TYR A 780 12.11 12.47 -48.05
CA TYR A 780 12.20 12.93 -46.67
C TYR A 780 13.63 12.92 -46.19
N SER A 781 14.09 14.05 -45.61
CA SER A 781 15.32 14.10 -44.79
C SER A 781 14.96 13.82 -43.35
N ARG A 782 15.51 12.74 -42.78
CA ARG A 782 15.10 12.30 -41.43
C ARG A 782 15.40 13.36 -40.36
N ASP A 783 16.59 13.93 -40.41
CA ASP A 783 16.97 14.99 -39.46
C ASP A 783 16.14 16.28 -39.67
N ASP A 784 15.44 16.41 -40.81
CA ASP A 784 14.59 17.60 -41.05
C ASP A 784 13.08 17.31 -41.09
N VAL A 785 12.67 16.11 -40.70
CA VAL A 785 11.26 15.72 -40.78
C VAL A 785 10.39 16.26 -39.59
N GLY A 786 11.02 16.74 -38.51
CA GLY A 786 10.31 17.07 -37.27
C GLY A 786 9.32 18.23 -37.39
N LYS A 787 9.49 19.08 -38.39
CA LYS A 787 8.57 20.20 -38.54
C LYS A 787 7.17 19.77 -39.00
N PHE A 788 7.05 18.57 -39.59
CA PHE A 788 5.78 18.10 -40.16
C PHE A 788 5.42 16.65 -39.87
N LEU A 789 6.37 15.83 -39.40
CA LEU A 789 6.13 14.40 -39.34
C LEU A 789 5.03 14.05 -38.36
N GLN A 790 5.13 14.57 -37.13
CA GLN A 790 4.14 14.26 -36.07
C GLN A 790 2.75 14.84 -36.45
N ILE A 791 2.74 15.93 -37.21
CA ILE A 791 1.50 16.45 -37.73
C ILE A 791 0.87 15.49 -38.74
N TYR A 792 1.71 14.87 -39.58
CA TYR A 792 1.23 13.85 -40.50
C TYR A 792 0.70 12.63 -39.77
N LEU A 793 1.30 12.28 -38.63
CA LEU A 793 0.83 11.16 -37.85
C LEU A 793 -0.52 11.46 -37.23
N ALA A 794 -0.81 12.73 -36.96
CA ALA A 794 -2.08 13.13 -36.33
C ALA A 794 -3.25 12.94 -37.31
N GLN A 795 -3.12 13.58 -38.48
CA GLN A 795 -4.21 13.64 -39.46
C GLN A 795 -4.31 12.41 -40.33
N GLY A 796 -3.65 11.31 -39.96
CA GLY A 796 -3.76 10.07 -40.70
C GLY A 796 -3.18 10.14 -42.09
N ILE A 797 -2.23 11.03 -42.32
CA ILE A 797 -1.57 11.13 -43.63
C ILE A 797 -0.54 9.99 -43.79
N LEU A 798 0.22 9.72 -42.72
CA LEU A 798 1.10 8.57 -42.63
C LEU A 798 0.57 7.63 -41.56
N GLN A 799 0.24 6.39 -41.95
CA GLN A 799 -0.24 5.40 -40.97
C GLN A 799 0.87 4.97 -40.00
N HIS A 800 2.13 5.07 -40.42
CA HIS A 800 3.25 4.73 -39.56
C HIS A 800 4.45 5.61 -39.87
N ASP A 801 5.44 5.61 -39.00
CA ASP A 801 6.71 6.28 -39.25
C ASP A 801 7.49 5.47 -40.30
N PRO A 802 7.75 6.05 -41.47
CA PRO A 802 8.38 5.28 -42.51
C PRO A 802 9.87 4.92 -42.24
N PHE A 803 10.47 5.53 -41.22
CA PHE A 803 11.85 5.20 -40.83
C PHE A 803 11.92 4.09 -39.80
N GLU A 804 10.82 3.85 -39.08
CA GLU A 804 10.72 2.74 -38.12
C GLU A 804 10.06 1.55 -38.79
N VAL A 805 8.94 1.79 -39.46
CA VAL A 805 8.19 0.73 -40.11
C VAL A 805 8.33 0.90 -41.62
N ILE A 806 8.51 -0.21 -42.33
CA ILE A 806 8.79 -0.13 -43.75
C ILE A 806 7.50 0.11 -44.46
N ASP A 807 7.52 0.88 -45.55
CA ASP A 807 6.30 1.24 -46.29
C ASP A 807 6.08 0.23 -47.43
N GLN A 808 5.09 -0.63 -47.28
CA GLN A 808 4.87 -1.71 -48.21
C GLN A 808 4.32 -1.27 -49.57
N LYS A 809 3.44 -0.28 -49.58
CA LYS A 809 2.78 0.16 -50.83
C LYS A 809 3.74 0.90 -51.77
N GLY A 810 4.79 1.51 -51.22
CA GLY A 810 5.73 2.34 -51.99
C GLY A 810 7.12 1.73 -52.02
N VAL A 811 7.89 1.98 -50.95
CA VAL A 811 9.24 1.43 -50.85
C VAL A 811 9.24 -0.06 -51.05
N GLY A 812 8.19 -0.73 -50.61
CA GLY A 812 8.08 -2.17 -50.77
C GLY A 812 8.04 -2.63 -52.21
N GLN A 813 7.45 -1.84 -53.09
CA GLN A 813 7.46 -2.14 -54.52
C GLN A 813 8.85 -2.11 -55.08
N LEU A 814 9.70 -1.19 -54.63
CA LEU A 814 11.06 -1.13 -55.09
C LEU A 814 11.85 -2.31 -54.54
N ILE A 815 11.58 -2.70 -53.30
CA ILE A 815 12.22 -3.88 -52.74
C ILE A 815 11.75 -5.14 -53.47
N LYS A 816 10.47 -5.19 -53.81
CA LYS A 816 9.90 -6.33 -54.53
C LYS A 816 10.53 -6.46 -55.90
N MET A 817 10.55 -5.36 -56.67
CA MET A 817 11.02 -5.43 -58.05
C MET A 817 12.53 -5.63 -58.12
N ALA A 818 13.26 -5.03 -57.21
CA ALA A 818 14.70 -5.21 -57.19
C ALA A 818 15.06 -6.61 -56.81
N THR A 819 14.27 -7.26 -55.96
CA THR A 819 14.53 -8.64 -55.59
C THR A 819 14.15 -9.57 -56.74
N GLU A 820 13.03 -9.31 -57.41
CA GLU A 820 12.56 -10.14 -58.50
C GLU A 820 13.50 -10.04 -59.70
N LYS A 821 13.85 -8.83 -60.08
CA LYS A 821 14.81 -8.62 -61.17
C LYS A 821 16.19 -9.18 -60.83
N GLY A 822 16.62 -9.02 -59.59
CA GLY A 822 17.92 -9.50 -59.19
C GLY A 822 18.00 -11.02 -59.26
N ARG A 823 17.01 -11.69 -58.70
CA ARG A 823 16.97 -13.15 -58.72
C ARG A 823 16.83 -13.68 -60.14
N ALA A 824 16.06 -12.99 -60.97
CA ALA A 824 15.85 -13.43 -62.35
C ALA A 824 17.12 -13.27 -63.21
N ALA A 825 18.00 -12.34 -62.84
CA ALA A 825 19.28 -12.16 -63.52
C ALA A 825 20.43 -12.98 -62.89
N ASN A 826 20.25 -13.46 -61.66
CA ASN A 826 21.25 -14.26 -60.99
C ASN A 826 20.57 -15.18 -59.97
N PRO A 827 20.44 -16.47 -60.27
CA PRO A 827 19.76 -17.38 -59.31
C PRO A 827 20.46 -17.56 -57.96
N SER A 828 21.79 -17.44 -57.95
CA SER A 828 22.57 -17.59 -56.71
C SER A 828 22.72 -16.27 -55.94
N LEU A 829 21.82 -15.32 -56.17
CA LEU A 829 21.93 -14.02 -55.55
C LEU A 829 21.36 -14.06 -54.12
N LYS A 830 22.22 -13.80 -53.15
CA LYS A 830 21.80 -13.69 -51.75
C LYS A 830 21.35 -12.24 -51.54
N VAL A 831 20.11 -12.06 -51.09
CA VAL A 831 19.51 -10.74 -50.93
C VAL A 831 19.14 -10.55 -49.47
N GLY A 832 19.64 -9.48 -48.87
CA GLY A 832 19.33 -9.15 -47.48
C GLY A 832 18.98 -7.69 -47.27
N ILE A 833 19.00 -7.28 -46.01
CA ILE A 833 18.71 -5.90 -45.62
C ILE A 833 19.43 -5.55 -44.32
N CYS A 834 20.08 -4.39 -44.30
CA CYS A 834 20.84 -3.95 -43.14
C CYS A 834 20.39 -2.56 -42.69
N GLY A 835 19.13 -2.20 -42.93
CA GLY A 835 18.58 -0.96 -42.42
C GLY A 835 18.07 -1.07 -40.97
N GLU A 836 17.55 0.06 -40.49
CA GLU A 836 16.94 0.12 -39.14
C GLU A 836 15.65 -0.71 -39.05
N HIS A 837 15.09 -1.08 -40.22
CA HIS A 837 13.84 -1.83 -40.29
C HIS A 837 14.01 -3.28 -39.98
N GLY A 838 15.25 -3.76 -39.82
CA GLY A 838 15.49 -5.18 -39.50
C GLY A 838 14.96 -5.64 -38.16
N GLY A 839 14.68 -4.69 -37.26
CA GLY A 839 14.18 -5.00 -35.92
C GLY A 839 12.67 -4.89 -35.81
N GLU A 840 12.02 -4.14 -36.70
CA GLU A 840 10.57 -3.94 -36.59
C GLU A 840 9.85 -5.20 -37.05
N PRO A 841 8.91 -5.72 -36.26
CA PRO A 841 8.29 -7.02 -36.61
C PRO A 841 7.46 -7.02 -37.88
N SER A 842 6.69 -5.95 -38.12
CA SER A 842 5.89 -5.84 -39.37
C SER A 842 6.77 -5.76 -40.61
N SER A 843 7.93 -5.14 -40.49
CA SER A 843 8.87 -5.10 -41.59
C SER A 843 9.47 -6.48 -41.85
N VAL A 844 9.97 -7.13 -40.80
CA VAL A 844 10.52 -8.47 -40.93
C VAL A 844 9.47 -9.43 -41.51
N ALA A 845 8.22 -9.24 -41.12
CA ALA A 845 7.15 -10.05 -41.72
C ALA A 845 7.06 -9.79 -43.22
N PHE A 846 7.23 -8.53 -43.61
CA PHE A 846 7.18 -8.15 -45.01
C PHE A 846 8.36 -8.71 -45.81
N PHE A 847 9.55 -8.74 -45.20
CA PHE A 847 10.76 -9.21 -45.89
C PHE A 847 10.75 -10.72 -46.05
N ASP A 848 10.07 -11.42 -45.14
CA ASP A 848 9.84 -12.84 -45.37
C ASP A 848 8.82 -13.03 -46.49
N GLY A 849 7.88 -12.09 -46.61
CA GLY A 849 6.91 -12.11 -47.69
C GLY A 849 7.57 -11.99 -49.04
N VAL A 850 8.49 -11.03 -49.16
CA VAL A 850 9.18 -10.79 -50.44
C VAL A 850 10.11 -11.94 -50.75
N GLY A 851 10.68 -12.56 -49.71
CA GLY A 851 11.54 -13.72 -49.87
C GLY A 851 13.00 -13.35 -49.82
N LEU A 852 13.38 -12.54 -48.83
CA LEU A 852 14.77 -12.22 -48.60
C LEU A 852 15.48 -13.37 -47.90
N ASP A 853 16.79 -13.29 -47.80
CA ASP A 853 17.59 -14.31 -47.18
C ASP A 853 18.03 -13.97 -45.77
N TYR A 854 18.25 -12.71 -45.48
CA TYR A 854 18.59 -12.29 -44.12
C TYR A 854 18.15 -10.87 -43.83
N VAL A 855 17.93 -10.62 -42.57
CA VAL A 855 17.75 -9.26 -42.05
C VAL A 855 18.92 -8.98 -41.14
N SER A 856 19.46 -7.77 -41.18
CA SER A 856 20.56 -7.38 -40.33
C SER A 856 20.14 -6.18 -39.50
N CYS A 857 20.41 -6.25 -38.19
CA CYS A 857 20.01 -5.18 -37.28
C CYS A 857 21.00 -5.02 -36.16
N SER A 858 20.80 -3.98 -35.35
CA SER A 858 21.65 -3.70 -34.18
C SER A 858 21.81 -4.94 -33.27
N PRO A 859 22.95 -5.06 -32.57
CA PRO A 859 23.19 -6.30 -31.80
C PRO A 859 22.19 -6.57 -30.69
N PHE A 860 21.80 -5.55 -29.94
CA PHE A 860 20.78 -5.74 -28.91
C PHE A 860 19.39 -5.95 -29.49
N ARG A 861 19.18 -5.58 -30.74
CA ARG A 861 17.94 -5.87 -31.43
C ARG A 861 17.93 -7.23 -32.11
N VAL A 862 19.03 -7.94 -32.09
CA VAL A 862 19.12 -9.23 -32.77
C VAL A 862 18.04 -10.22 -32.32
N PRO A 863 17.86 -10.43 -31.02
CA PRO A 863 16.78 -11.34 -30.60
C PRO A 863 15.37 -10.93 -31.02
N ILE A 864 15.12 -9.62 -31.12
CA ILE A 864 13.83 -9.14 -31.58
C ILE A 864 13.55 -9.63 -32.99
N ALA A 865 14.52 -9.45 -33.87
CA ALA A 865 14.40 -9.98 -35.24
C ALA A 865 14.33 -11.48 -35.23
N ARG A 866 15.10 -12.11 -34.36
CA ARG A 866 15.04 -13.57 -34.27
C ARG A 866 13.63 -14.04 -33.89
N LEU A 867 12.91 -13.27 -33.06
CA LEU A 867 11.53 -13.60 -32.75
C LEU A 867 10.59 -13.16 -33.87
N ALA A 868 10.85 -12.02 -34.48
CA ALA A 868 9.96 -11.55 -35.52
C ALA A 868 10.04 -12.39 -36.78
N ALA A 869 11.21 -12.92 -37.09
CA ALA A 869 11.36 -13.84 -38.21
C ALA A 869 10.67 -15.18 -37.95
N ALA A 870 10.49 -15.55 -36.68
CA ALA A 870 9.84 -16.81 -36.32
C ALA A 870 8.33 -16.73 -36.32
N GLN A 871 7.76 -15.52 -36.12
CA GLN A 871 6.33 -15.37 -35.96
C GLN A 871 5.60 -15.32 -37.30
N VAL A 872 6.26 -15.65 -38.40
CA VAL A 872 5.57 -15.88 -39.69
C VAL A 872 5.90 -17.24 -40.33
N LYS B 1 -5.01 40.59 30.56
CA LYS B 1 -3.55 40.31 30.58
C LYS B 1 -3.10 40.12 29.11
N LYS B 2 -1.91 39.56 28.94
CA LYS B 2 -1.36 39.28 27.62
C LYS B 2 -2.02 38.05 27.03
N ARG B 3 -2.46 38.16 25.78
CA ARG B 3 -3.13 37.05 25.10
C ARG B 3 -2.55 36.70 23.74
N VAL B 4 -1.63 37.49 23.20
CA VAL B 4 -0.96 37.21 21.96
C VAL B 4 0.52 37.04 22.25
N PHE B 5 1.07 35.85 21.96
CA PHE B 5 2.46 35.52 22.20
C PHE B 5 3.16 35.23 20.89
N THR B 6 4.13 36.08 20.55
CA THR B 6 4.87 35.91 19.30
C THR B 6 5.97 34.83 19.43
N PHE B 7 6.48 34.42 18.28
CA PHE B 7 7.66 33.55 18.24
C PHE B 7 8.36 33.74 16.90
N GLY B 8 9.68 33.86 16.93
CA GLY B 8 10.46 34.18 15.74
C GLY B 8 11.89 33.70 15.87
N LYS B 9 12.80 34.31 15.12
CA LYS B 9 14.21 33.92 15.10
C LYS B 9 14.85 34.04 16.48
N GLY B 10 15.12 32.90 17.10
CA GLY B 10 15.84 32.85 18.36
C GLY B 10 15.11 33.36 19.58
N ARG B 11 13.88 33.82 19.41
CA ARG B 11 13.11 34.42 20.50
C ARG B 11 11.68 33.92 20.44
N SER B 12 11.06 33.90 21.61
CA SER B 12 9.66 33.53 21.70
C SER B 12 9.16 33.94 23.06
N GLU B 13 7.97 34.49 23.11
CA GLU B 13 7.35 34.90 24.35
C GLU B 13 6.82 33.78 25.26
N GLY B 14 6.76 32.55 24.79
CA GLY B 14 6.29 31.44 25.58
C GLY B 14 7.30 30.29 25.54
N ASN B 15 6.91 29.15 26.16
CA ASN B 15 7.76 27.98 26.30
C ASN B 15 6.92 26.73 26.34
N ARG B 16 7.58 25.59 26.41
CA ARG B 16 6.90 24.29 26.28
C ARG B 16 6.05 23.95 27.48
N ASP B 17 6.18 24.69 28.56
CA ASP B 17 5.39 24.40 29.76
C ASP B 17 4.02 25.08 29.80
N MET B 18 3.83 26.09 28.95
CA MET B 18 2.57 26.84 28.91
C MET B 18 1.55 26.27 27.92
N LYS B 19 1.20 25.00 28.08
CA LYS B 19 0.27 24.35 27.18
C LYS B 19 -1.16 24.72 27.50
N SER B 20 -1.45 25.19 28.71
CA SER B 20 -2.80 25.59 29.04
C SER B 20 -3.26 26.87 28.32
N LEU B 21 -2.33 27.80 28.03
CA LEU B 21 -2.67 29.03 27.34
C LEU B 21 -2.29 28.99 25.87
N LEU B 22 -1.42 28.05 25.47
CA LEU B 22 -0.91 28.00 24.10
C LEU B 22 -1.13 26.70 23.39
N GLY B 23 -1.64 25.69 24.07
CA GLY B 23 -1.74 24.36 23.47
C GLY B 23 -0.38 23.74 23.26
N GLY B 24 -0.32 22.44 23.07
CA GLY B 24 0.96 21.84 22.79
C GLY B 24 1.60 22.40 21.54
N LYS B 25 0.78 22.82 20.56
CA LYS B 25 1.29 23.23 19.28
C LYS B 25 1.96 24.56 19.40
N GLY B 26 1.25 25.52 19.99
CA GLY B 26 1.81 26.86 20.17
C GLY B 26 2.95 26.88 21.19
N ALA B 27 2.83 26.04 22.22
CA ALA B 27 3.86 25.95 23.22
C ALA B 27 5.16 25.44 22.62
N ASN B 28 5.08 24.33 21.87
CA ASN B 28 6.26 23.73 21.26
C ASN B 28 6.78 24.56 20.10
N LEU B 29 5.93 25.36 19.46
CA LEU B 29 6.43 26.29 18.47
C LEU B 29 7.30 27.34 19.14
N ALA B 30 6.88 27.81 20.31
CA ALA B 30 7.67 28.76 21.07
C ALA B 30 8.96 28.16 21.56
N GLU B 31 8.90 26.93 22.00
CA GLU B 31 10.10 26.27 22.54
C GLU B 31 11.13 26.01 21.46
N MET B 32 10.69 25.59 20.27
CA MET B 32 11.60 25.38 19.17
C MET B 32 12.17 26.69 18.67
N SER B 33 11.41 27.78 18.75
CA SER B 33 11.94 29.08 18.39
C SER B 33 13.00 29.53 19.38
N SER B 34 12.85 29.19 20.66
CA SER B 34 13.81 29.56 21.67
C SER B 34 15.11 28.77 21.51
N ILE B 35 14.98 27.46 21.24
CA ILE B 35 16.14 26.58 21.04
C ILE B 35 17.04 27.05 19.89
N GLY B 36 16.46 27.73 18.89
CA GLY B 36 17.21 28.29 17.75
C GLY B 36 16.95 27.59 16.43
N LEU B 37 15.94 26.74 16.35
CA LEU B 37 15.62 26.04 15.12
C LEU B 37 14.92 26.98 14.14
N SER B 38 14.98 26.66 12.86
CA SER B 38 14.35 27.48 11.83
C SER B 38 12.88 27.22 11.88
N VAL B 39 12.14 28.05 12.60
CA VAL B 39 10.70 27.92 12.76
C VAL B 39 10.03 29.13 12.12
N PRO B 40 9.05 28.93 11.24
CA PRO B 40 8.46 30.12 10.64
C PRO B 40 7.84 31.06 11.68
N PRO B 41 8.12 32.36 11.61
CA PRO B 41 7.63 33.24 12.67
C PRO B 41 6.11 33.42 12.63
N GLY B 42 5.54 33.64 13.80
CA GLY B 42 4.10 33.80 13.93
C GLY B 42 3.71 34.25 15.31
N LEU B 43 2.46 33.98 15.67
CA LEU B 43 1.92 34.38 16.95
C LEU B 43 0.83 33.41 17.38
N THR B 44 0.55 33.38 18.67
CA THR B 44 -0.45 32.49 19.23
C THR B 44 -1.43 33.30 20.05
N ILE B 45 -2.73 33.16 19.74
CA ILE B 45 -3.81 33.77 20.49
C ILE B 45 -4.16 32.79 21.60
N SER B 46 -4.28 33.30 22.81
CA SER B 46 -4.40 32.43 23.99
C SER B 46 -5.71 31.65 24.00
N THR B 47 -5.75 30.59 24.78
CA THR B 47 -7.00 29.85 25.01
C THR B 47 -7.96 30.70 25.84
N GLU B 48 -7.47 31.66 26.63
CA GLU B 48 -8.35 32.52 27.38
C GLU B 48 -9.05 33.52 26.48
N ALA B 49 -8.49 33.80 25.31
CA ALA B 49 -9.21 34.56 24.29
C ALA B 49 -10.33 33.73 23.67
N CYS B 50 -10.14 32.42 23.54
CA CYS B 50 -11.19 31.52 23.09
C CYS B 50 -12.28 31.39 24.13
N GLU B 51 -11.93 31.30 25.40
CA GLU B 51 -12.92 31.27 26.47
C GLU B 51 -13.72 32.55 26.50
N GLU B 52 -13.06 33.69 26.33
CA GLU B 52 -13.75 34.99 26.31
C GLU B 52 -14.57 35.15 25.05
N TYR B 53 -14.12 34.57 23.95
CA TYR B 53 -14.92 34.56 22.72
C TYR B 53 -16.20 33.76 22.91
N GLN B 54 -16.11 32.60 23.55
CA GLN B 54 -17.25 31.72 23.74
C GLN B 54 -18.23 32.25 24.77
N GLN B 55 -17.86 33.28 25.55
CA GLN B 55 -18.71 33.78 26.63
C GLN B 55 -19.26 35.17 26.39
N ASN B 56 -18.66 35.94 25.49
CA ASN B 56 -19.19 37.26 25.13
C ASN B 56 -20.16 37.23 23.90
N GLY B 57 -20.64 36.03 23.54
CA GLY B 57 -21.50 35.87 22.38
C GLY B 57 -20.80 35.83 21.04
N LYS B 58 -19.71 35.06 20.97
CA LYS B 58 -18.98 34.85 19.75
C LYS B 58 -18.55 36.16 19.09
N SER B 59 -17.73 36.90 19.84
CA SER B 59 -17.13 38.14 19.34
C SER B 59 -15.68 38.25 19.77
N LEU B 60 -14.89 39.00 19.01
CA LEU B 60 -13.54 39.34 19.47
C LEU B 60 -13.63 40.41 20.56
N PRO B 61 -12.83 40.29 21.64
CA PRO B 61 -12.82 41.40 22.57
C PRO B 61 -12.15 42.63 21.97
N PRO B 62 -12.45 43.84 22.53
CA PRO B 62 -11.82 45.11 22.15
C PRO B 62 -10.29 45.07 21.86
N GLY B 63 -9.50 44.77 22.86
CA GLY B 63 -8.10 44.78 22.66
C GLY B 63 -7.55 43.64 21.80
N LEU B 64 -8.30 42.59 21.53
CA LEU B 64 -7.66 41.40 20.93
C LEU B 64 -7.13 41.67 19.52
N TRP B 65 -7.95 42.31 18.69
CA TRP B 65 -7.55 42.55 17.30
C TRP B 65 -6.35 43.50 17.19
N ASP B 66 -6.31 44.53 18.03
CA ASP B 66 -5.15 45.42 18.04
C ASP B 66 -3.92 44.70 18.57
N GLU B 67 -4.12 43.81 19.51
CA GLU B 67 -3.03 43.01 20.00
C GLU B 67 -2.56 41.99 18.91
N ILE B 68 -3.47 41.47 18.12
CA ILE B 68 -3.10 40.69 16.96
C ILE B 68 -2.32 41.52 15.94
N SER B 69 -2.71 42.77 15.74
CA SER B 69 -2.02 43.64 14.80
C SER B 69 -0.60 43.95 15.27
N GLU B 70 -0.39 44.01 16.59
CA GLU B 70 0.95 44.18 17.15
C GLU B 70 1.83 42.96 16.78
N GLY B 71 1.31 41.75 17.03
CA GLY B 71 2.05 40.54 16.71
C GLY B 71 2.26 40.40 15.23
N LEU B 72 1.29 40.84 14.41
CA LEU B 72 1.44 40.75 12.97
C LEU B 72 2.53 41.73 12.52
N ASP B 73 2.67 42.86 13.19
CA ASP B 73 3.76 43.79 12.86
C ASP B 73 5.10 43.13 13.15
N TYR B 74 5.15 42.28 14.19
CA TYR B 74 6.38 41.56 14.52
C TYR B 74 6.70 40.57 13.40
N VAL B 75 5.68 39.84 12.94
CA VAL B 75 5.87 38.85 11.85
C VAL B 75 6.21 39.55 10.53
N GLN B 76 5.50 40.63 10.24
CA GLN B 76 5.78 41.41 9.04
C GLN B 76 7.20 42.00 9.09
N LYS B 77 7.65 42.43 10.27
CA LYS B 77 8.99 43.03 10.41
C LYS B 77 10.08 41.96 10.15
N GLU B 78 9.90 40.76 10.66
CA GLU B 78 10.91 39.76 10.49
C GLU B 78 10.92 39.23 9.06
N MET B 79 9.74 39.01 8.49
CA MET B 79 9.63 38.50 7.11
C MET B 79 9.85 39.56 6.04
N SER B 80 9.85 40.85 6.41
CA SER B 80 10.07 41.95 5.47
C SER B 80 9.01 41.94 4.36
N ALA B 81 7.77 41.66 4.77
CA ALA B 81 6.65 41.52 3.82
C ALA B 81 5.39 41.90 4.57
N SER B 82 4.51 42.65 3.93
CA SER B 82 3.22 43.03 4.52
C SER B 82 2.08 42.16 3.92
N LEU B 83 1.04 41.97 4.74
CA LEU B 83 -0.14 41.24 4.32
C LEU B 83 -0.90 42.08 3.31
N GLY B 84 -1.15 41.52 2.13
CA GLY B 84 -1.86 42.21 1.06
C GLY B 84 -1.02 43.08 0.16
N ASP B 85 0.29 43.06 0.33
CA ASP B 85 1.17 43.87 -0.50
C ASP B 85 1.65 43.03 -1.68
N PRO B 86 1.21 43.32 -2.91
CA PRO B 86 1.68 42.52 -4.05
C PRO B 86 3.18 42.57 -4.30
N SER B 87 3.86 43.63 -3.84
CA SER B 87 5.32 43.72 -4.01
C SER B 87 6.08 42.73 -3.09
N LYS B 88 5.69 42.75 -1.81
CA LYS B 88 6.28 41.95 -0.75
C LYS B 88 5.16 41.24 0.04
N PRO B 89 4.57 40.18 -0.53
CA PRO B 89 3.42 39.54 0.11
C PRO B 89 3.84 38.66 1.29
N LEU B 90 3.07 38.74 2.38
CA LEU B 90 3.22 37.85 3.54
C LEU B 90 2.01 36.92 3.57
N LEU B 91 2.22 35.62 3.39
CA LEU B 91 1.10 34.67 3.39
C LEU B 91 1.12 33.87 4.66
N LEU B 92 -0.05 33.52 5.17
CA LEU B 92 -0.19 33.01 6.54
C LEU B 92 -0.86 31.68 6.56
N SER B 93 -0.74 31.01 7.69
CA SER B 93 -1.54 29.83 7.99
C SER B 93 -2.25 30.06 9.32
N VAL B 94 -3.45 29.49 9.48
CA VAL B 94 -4.19 29.67 10.72
C VAL B 94 -4.36 28.29 11.26
N ARG B 95 -3.82 28.04 12.44
CA ARG B 95 -3.75 26.69 12.99
C ARG B 95 -4.42 26.63 14.32
N SER B 96 -5.07 25.51 14.60
CA SER B 96 -5.75 25.29 15.86
C SER B 96 -4.87 24.44 16.76
N GLY B 97 -5.06 24.56 18.05
CA GLY B 97 -4.31 23.76 19.02
C GLY B 97 -4.75 23.95 20.46
N ALA B 98 -5.13 22.85 21.11
CA ALA B 98 -5.48 22.89 22.51
C ALA B 98 -4.40 22.24 23.33
N ALA B 99 -4.56 22.23 24.65
CA ALA B 99 -3.58 21.59 25.51
C ALA B 99 -3.51 20.05 25.30
N ILE B 100 -4.59 19.45 24.83
CA ILE B 100 -4.62 18.03 24.50
C ILE B 100 -5.02 17.90 23.03
N SER B 101 -4.33 17.02 22.30
CA SER B 101 -4.66 16.77 20.89
C SER B 101 -6.06 16.16 20.84
N MET B 102 -6.97 16.78 20.09
CA MET B 102 -8.36 16.36 20.05
C MET B 102 -9.10 16.66 18.68
N PRO B 103 -10.08 15.81 18.31
CA PRO B 103 -10.85 16.10 17.09
C PRO B 103 -11.86 17.25 17.25
N GLY B 104 -12.41 17.68 16.11
CA GLY B 104 -13.42 18.73 16.07
C GLY B 104 -12.85 20.11 15.93
N MET B 105 -11.54 20.26 16.14
CA MET B 105 -10.90 21.57 16.02
C MET B 105 -10.86 21.87 14.54
N MET B 106 -10.71 23.14 14.22
CA MET B 106 -10.71 23.55 12.84
C MET B 106 -9.43 23.06 12.19
N ASP B 107 -9.56 22.44 11.01
CA ASP B 107 -8.41 22.10 10.19
C ASP B 107 -7.66 23.36 9.79
N THR B 108 -6.37 23.25 9.59
CA THR B 108 -5.57 24.42 9.28
C THR B 108 -5.82 24.94 7.85
N VAL B 109 -5.90 26.25 7.72
CA VAL B 109 -5.96 26.88 6.43
C VAL B 109 -4.58 27.32 6.09
N LEU B 110 -4.09 26.92 4.92
CA LEU B 110 -2.81 27.36 4.41
C LEU B 110 -2.97 28.38 3.31
N ASN B 111 -1.87 29.05 2.97
CA ASN B 111 -1.84 30.04 1.89
C ASN B 111 -2.85 31.19 2.03
N LEU B 112 -3.15 31.56 3.26
CA LEU B 112 -4.08 32.67 3.51
C LEU B 112 -3.41 34.00 3.16
N GLY B 113 -4.23 34.90 2.67
CA GLY B 113 -3.78 36.23 2.27
C GLY B 113 -3.63 36.43 0.77
N LEU B 114 -4.35 35.62 -0.03
CA LEU B 114 -4.26 35.69 -1.48
C LEU B 114 -5.50 36.29 -2.13
N ASN B 115 -5.25 37.01 -3.21
CA ASN B 115 -6.30 37.51 -4.09
C ASN B 115 -5.69 37.67 -5.50
N ASP B 116 -6.36 38.37 -6.40
CA ASP B 116 -5.85 38.48 -7.76
C ASP B 116 -4.54 39.26 -7.83
N GLU B 117 -4.44 40.34 -7.07
CA GLU B 117 -3.29 41.24 -7.13
C GLU B 117 -2.08 40.56 -6.52
N VAL B 118 -2.28 39.91 -5.39
CA VAL B 118 -1.18 39.28 -4.67
C VAL B 118 -0.61 38.12 -5.45
N VAL B 119 -1.48 37.35 -6.10
CA VAL B 119 -1.02 36.23 -6.93
C VAL B 119 -0.26 36.72 -8.14
N ALA B 120 -0.61 37.90 -8.64
CA ALA B 120 0.09 38.46 -9.79
C ALA B 120 1.53 38.75 -9.40
N GLY B 121 1.69 39.42 -8.26
CA GLY B 121 3.03 39.74 -7.73
C GLY B 121 3.80 38.53 -7.27
N LEU B 122 3.08 37.59 -6.68
CA LEU B 122 3.69 36.32 -6.28
C LEU B 122 4.14 35.46 -7.47
N ALA B 123 3.35 35.44 -8.53
CA ALA B 123 3.77 34.74 -9.75
C ALA B 123 4.99 35.42 -10.38
N GLY B 124 5.06 36.76 -10.26
CA GLY B 124 6.18 37.52 -10.79
C GLY B 124 7.46 37.22 -10.04
N LYS B 125 7.34 37.04 -8.72
CA LYS B 125 8.50 36.86 -7.85
C LYS B 125 9.03 35.42 -7.87
N SER B 126 8.11 34.45 -7.70
CA SER B 126 8.46 33.09 -7.32
C SER B 126 8.01 31.98 -8.33
N GLY B 127 7.46 32.36 -9.47
CA GLY B 127 6.99 31.38 -10.46
C GLY B 127 5.48 31.31 -10.52
N ALA B 128 4.96 31.11 -11.73
CA ALA B 128 3.53 31.25 -11.97
C ALA B 128 2.75 30.04 -11.50
N ARG B 129 3.21 28.84 -11.87
CA ARG B 129 2.52 27.61 -11.49
C ARG B 129 2.45 27.46 -9.98
N PHE B 130 3.54 27.82 -9.30
CA PHE B 130 3.52 27.85 -7.84
C PHE B 130 2.44 28.76 -7.29
N ALA B 131 2.34 29.98 -7.85
CA ALA B 131 1.43 30.97 -7.31
C ALA B 131 -0.05 30.57 -7.51
N TYR B 132 -0.41 30.22 -8.74
CA TYR B 132 -1.79 29.87 -8.99
C TYR B 132 -2.16 28.52 -8.36
N ASP B 133 -1.19 27.61 -8.16
CA ASP B 133 -1.47 26.39 -7.44
C ASP B 133 -1.74 26.71 -5.94
N SER B 134 -0.98 27.64 -5.38
CA SER B 134 -1.18 27.98 -3.99
C SER B 134 -2.51 28.71 -3.80
N TYR B 135 -2.90 29.52 -4.80
CA TYR B 135 -4.20 30.19 -4.79
C TYR B 135 -5.38 29.25 -4.98
N ARG B 136 -5.19 28.25 -5.82
CA ARG B 136 -6.12 27.13 -5.89
C ARG B 136 -6.27 26.48 -4.50
N ARG B 137 -5.15 26.20 -3.85
CA ARG B 137 -5.18 25.55 -2.52
C ARG B 137 -5.91 26.41 -1.50
N PHE B 138 -5.67 27.72 -1.56
CA PHE B 138 -6.28 28.61 -0.61
C PHE B 138 -7.81 28.67 -0.76
N LEU B 139 -8.27 28.87 -1.99
CA LEU B 139 -9.71 28.87 -2.26
C LEU B 139 -10.38 27.60 -1.81
N ASP B 140 -9.74 26.46 -2.08
CA ASP B 140 -10.27 25.16 -1.69
C ASP B 140 -10.31 25.05 -0.17
N MET B 141 -9.19 25.30 0.48
CA MET B 141 -9.11 25.08 1.91
C MET B 141 -9.89 26.12 2.69
N PHE B 142 -9.75 27.37 2.30
CA PHE B 142 -10.48 28.44 3.00
C PHE B 142 -12.01 28.28 2.91
N GLY B 143 -12.53 28.02 1.70
CA GLY B 143 -13.94 27.70 1.56
C GLY B 143 -14.37 26.47 2.33
N ASN B 144 -13.54 25.44 2.27
CA ASN B 144 -13.83 24.21 3.02
C ASN B 144 -13.88 24.44 4.54
N VAL B 145 -12.82 25.04 5.06
CA VAL B 145 -12.58 25.03 6.48
C VAL B 145 -13.27 26.23 7.18
N VAL B 146 -13.31 27.39 6.52
CA VAL B 146 -13.87 28.56 7.10
C VAL B 146 -15.34 28.84 6.67
N MET B 147 -15.65 28.60 5.41
CA MET B 147 -16.96 28.90 4.86
C MET B 147 -17.91 27.71 4.86
N GLY B 148 -17.44 26.54 5.32
CA GLY B 148 -18.30 25.35 5.44
C GLY B 148 -18.76 24.76 4.11
N ILE B 149 -18.15 25.16 3.00
CA ILE B 149 -18.42 24.55 1.71
C ILE B 149 -17.74 23.14 1.64
N PRO B 150 -18.44 22.13 1.12
CA PRO B 150 -17.77 20.84 0.99
C PRO B 150 -16.59 20.88 0.05
N HIS B 151 -15.56 20.10 0.36
CA HIS B 151 -14.39 19.93 -0.52
C HIS B 151 -14.75 19.34 -1.89
N SER B 152 -15.86 18.58 -2.00
CA SER B 152 -16.26 17.97 -3.26
C SER B 152 -16.56 18.98 -4.34
N LEU B 153 -17.12 20.13 -3.99
CA LEU B 153 -17.47 21.15 -5.00
C LEU B 153 -16.23 21.71 -5.70
N PHE B 154 -15.11 21.73 -4.99
CA PHE B 154 -13.85 22.13 -5.61
C PHE B 154 -13.19 21.00 -6.40
N ASP B 155 -13.24 19.78 -5.87
CA ASP B 155 -12.64 18.66 -6.55
C ASP B 155 -13.39 18.38 -7.86
N GLU B 156 -14.68 18.68 -7.91
CA GLU B 156 -15.45 18.41 -9.11
C GLU B 156 -15.16 19.41 -10.23
N LYS B 157 -14.77 20.63 -9.86
CA LYS B 157 -14.34 21.58 -10.88
C LYS B 157 -12.96 21.19 -11.40
N LEU B 158 -12.16 20.58 -10.54
CA LEU B 158 -10.84 20.06 -10.95
C LEU B 158 -10.99 18.93 -11.95
N GLU B 159 -11.78 17.92 -11.60
CA GLU B 159 -12.03 16.79 -12.50
C GLU B 159 -12.78 17.24 -13.76
N GLN B 160 -13.60 18.28 -13.64
CA GLN B 160 -14.30 18.83 -14.80
C GLN B 160 -13.32 19.47 -15.80
N MET B 161 -12.31 20.18 -15.30
CA MET B 161 -11.27 20.74 -16.16
C MET B 161 -10.38 19.65 -16.75
N LYS B 162 -10.09 18.59 -15.96
CA LYS B 162 -9.32 17.46 -16.46
C LYS B 162 -10.04 16.73 -17.59
N ALA B 163 -11.38 16.70 -17.53
CA ALA B 163 -12.15 16.03 -18.58
C ALA B 163 -12.25 16.92 -19.81
N GLU B 164 -12.61 18.19 -19.60
CA GLU B 164 -12.82 19.13 -20.72
C GLU B 164 -11.53 19.40 -21.49
N LYS B 165 -10.38 19.34 -20.79
CA LYS B 165 -9.07 19.56 -21.41
C LYS B 165 -8.36 18.25 -21.79
N GLY B 166 -8.76 17.11 -21.20
CA GLY B 166 -8.12 15.84 -21.49
C GLY B 166 -6.86 15.56 -20.68
N ILE B 167 -6.50 16.40 -19.71
CA ILE B 167 -5.37 16.09 -18.85
C ILE B 167 -5.73 14.94 -17.89
N HIS B 168 -4.70 14.31 -17.33
CA HIS B 168 -4.85 13.11 -16.52
C HIS B 168 -4.53 13.35 -15.06
N LEU B 169 -3.29 13.72 -14.79
CA LEU B 169 -2.78 13.94 -13.41
C LEU B 169 -2.71 15.43 -13.08
N ASP B 170 -2.53 15.73 -11.81
CA ASP B 170 -2.42 17.12 -11.37
C ASP B 170 -1.20 17.82 -11.95
N THR B 171 -0.09 17.13 -11.99
CA THR B 171 1.20 17.70 -12.46
C THR B 171 1.12 18.23 -13.91
N ASP B 172 0.23 17.68 -14.72
CA ASP B 172 0.13 18.05 -16.12
C ASP B 172 -0.78 19.30 -16.34
N LEU B 173 -1.02 20.10 -15.30
CA LEU B 173 -1.79 21.34 -15.49
C LEU B 173 -0.80 22.47 -15.67
N THR B 174 -1.05 23.32 -16.69
CA THR B 174 -0.22 24.48 -16.95
C THR B 174 -0.59 25.63 -15.98
N ALA B 175 0.20 26.69 -16.02
CA ALA B 175 -0.03 27.81 -15.14
C ALA B 175 -1.35 28.51 -15.50
N ALA B 176 -1.61 28.64 -16.80
CA ALA B 176 -2.87 29.24 -17.28
C ALA B 176 -4.08 28.34 -16.99
N ASP B 177 -3.87 27.00 -17.02
CA ASP B 177 -4.90 26.05 -16.61
C ASP B 177 -5.29 26.23 -15.13
N LEU B 178 -4.29 26.34 -14.27
CA LEU B 178 -4.55 26.65 -12.87
C LEU B 178 -5.15 28.05 -12.69
N LYS B 179 -4.76 29.00 -13.54
CA LYS B 179 -5.32 30.35 -13.49
C LYS B 179 -6.81 30.37 -13.81
N ASP B 180 -7.24 29.45 -14.68
CA ASP B 180 -8.66 29.29 -14.98
C ASP B 180 -9.39 28.53 -13.88
N LEU B 181 -8.75 27.48 -13.34
CA LEU B 181 -9.35 26.73 -12.22
C LEU B 181 -9.53 27.61 -11.01
N VAL B 182 -8.67 28.62 -10.86
CA VAL B 182 -8.86 29.64 -9.81
C VAL B 182 -10.18 30.34 -9.97
N GLU B 183 -10.51 30.70 -11.21
CA GLU B 183 -11.79 31.39 -11.50
C GLU B 183 -12.97 30.47 -11.26
N LYS B 184 -12.82 29.21 -11.60
CA LYS B 184 -13.87 28.22 -11.34
C LYS B 184 -14.09 28.04 -9.83
N TYR B 185 -13.02 28.00 -9.07
CA TYR B 185 -13.14 27.87 -7.63
C TYR B 185 -13.78 29.08 -7.01
N LYS B 186 -13.49 30.27 -7.53
CA LYS B 186 -14.13 31.48 -7.05
C LYS B 186 -15.63 31.43 -7.29
N ASN B 187 -16.03 30.87 -8.42
CA ASN B 187 -17.46 30.69 -8.77
C ASN B 187 -18.16 29.71 -7.85
N VAL B 188 -17.42 28.73 -7.33
CA VAL B 188 -17.98 27.79 -6.35
C VAL B 188 -18.55 28.53 -5.14
N TYR B 189 -17.86 29.56 -4.71
CA TYR B 189 -18.36 30.38 -3.61
C TYR B 189 -19.76 30.95 -3.86
N VAL B 190 -19.98 31.51 -5.06
CA VAL B 190 -21.25 32.12 -5.40
C VAL B 190 -22.33 31.06 -5.60
N GLU B 191 -21.95 29.96 -6.24
CA GLU B 191 -22.84 28.83 -6.46
C GLU B 191 -23.26 28.13 -5.19
N ALA B 192 -22.45 28.14 -4.15
CA ALA B 192 -22.72 27.36 -2.97
C ALA B 192 -23.33 28.16 -1.82
N LYS B 193 -22.80 29.36 -1.58
CA LYS B 193 -23.17 30.20 -0.44
C LYS B 193 -23.92 31.50 -0.82
N GLY B 194 -23.93 31.87 -2.11
CA GLY B 194 -24.50 33.14 -2.52
C GLY B 194 -23.72 34.40 -2.14
N GLU B 195 -22.49 34.25 -1.68
CA GLU B 195 -21.59 35.35 -1.40
C GLU B 195 -20.33 35.06 -2.15
N LYS B 196 -19.62 36.11 -2.58
CA LYS B 196 -18.34 36.00 -3.27
C LYS B 196 -17.24 35.80 -2.23
N PHE B 197 -16.03 35.58 -2.69
CA PHE B 197 -14.93 35.20 -1.82
C PHE B 197 -14.30 36.50 -1.25
N PRO B 198 -13.91 36.51 0.08
CA PRO B 198 -13.18 37.66 0.64
C PRO B 198 -11.88 37.92 -0.07
N THR B 199 -11.75 39.09 -0.69
CA THR B 199 -10.50 39.53 -1.26
C THR B 199 -9.60 40.17 -0.23
N ASP B 200 -10.12 40.64 0.88
CA ASP B 200 -9.34 41.42 1.84
C ASP B 200 -8.71 40.49 2.83
N PRO B 201 -7.36 40.42 2.86
CA PRO B 201 -6.71 39.44 3.77
C PRO B 201 -7.03 39.66 5.25
N LYS B 202 -7.32 40.90 5.63
CA LYS B 202 -7.66 41.17 7.04
C LYS B 202 -8.97 40.48 7.39
N LYS B 203 -9.94 40.47 6.46
CA LYS B 203 -11.24 39.78 6.67
C LYS B 203 -11.08 38.27 6.55
N GLN B 204 -10.21 37.84 5.64
CA GLN B 204 -9.86 36.42 5.55
C GLN B 204 -9.32 35.91 6.88
N LEU B 205 -8.40 36.69 7.45
CA LEU B 205 -7.78 36.28 8.71
C LEU B 205 -8.81 36.27 9.85
N GLU B 206 -9.65 37.30 9.89
CA GLU B 206 -10.63 37.38 10.97
C GLU B 206 -11.64 36.26 10.91
N LEU B 207 -12.08 35.91 9.71
CA LEU B 207 -12.98 34.79 9.54
C LEU B 207 -12.31 33.46 9.95
N ALA B 208 -11.00 33.33 9.69
CA ALA B 208 -10.31 32.11 10.08
C ALA B 208 -10.16 32.00 11.60
N VAL B 209 -9.86 33.11 12.26
CA VAL B 209 -9.73 33.13 13.72
C VAL B 209 -11.08 32.82 14.36
N ASN B 210 -12.14 33.47 13.88
CA ASN B 210 -13.49 33.19 14.38
C ASN B 210 -13.88 31.75 14.15
N ALA B 211 -13.39 31.15 13.08
CA ALA B 211 -13.74 29.77 12.77
C ALA B 211 -13.02 28.80 13.66
N VAL B 212 -11.77 29.06 13.99
CA VAL B 212 -11.07 28.22 14.94
C VAL B 212 -11.73 28.30 16.32
N PHE B 213 -12.10 29.49 16.73
CA PHE B 213 -12.82 29.65 17.99
C PHE B 213 -14.15 28.93 17.94
N ASP B 214 -14.87 29.05 16.82
CA ASP B 214 -16.15 28.37 16.65
C ASP B 214 -15.99 26.87 16.69
N SER B 215 -14.85 26.36 16.24
CA SER B 215 -14.59 24.93 16.23
C SER B 215 -14.49 24.34 17.63
N TRP B 216 -14.21 25.16 18.65
CA TRP B 216 -14.17 24.69 20.03
C TRP B 216 -15.53 24.17 20.49
N ASP B 217 -16.60 24.85 20.05
CA ASP B 217 -17.99 24.47 20.31
C ASP B 217 -18.55 23.56 19.19
N SER B 218 -17.70 22.95 18.36
CA SER B 218 -18.20 22.14 17.24
C SER B 218 -18.86 20.90 17.80
N PRO B 219 -19.83 20.31 17.09
CA PRO B 219 -20.46 19.09 17.68
C PRO B 219 -19.49 17.91 17.85
N ARG B 220 -18.54 17.75 16.94
CA ARG B 220 -17.62 16.65 17.03
C ARG B 220 -16.75 16.84 18.29
N ALA B 221 -16.36 18.09 18.56
CA ALA B 221 -15.52 18.42 19.74
C ALA B 221 -16.31 18.26 21.04
N ASN B 222 -17.53 18.78 21.06
CA ASN B 222 -18.39 18.61 22.22
C ASN B 222 -18.66 17.14 22.50
N LYS B 223 -18.76 16.32 21.45
CA LYS B 223 -19.01 14.87 21.64
C LYS B 223 -17.73 14.19 22.20
N TYR B 224 -16.56 14.65 21.76
CA TYR B 224 -15.31 14.11 22.27
C TYR B 224 -15.11 14.43 23.77
N ARG B 225 -15.34 15.69 24.15
CA ARG B 225 -15.18 16.11 25.55
C ARG B 225 -16.24 15.50 26.45
N SER B 226 -17.45 15.30 25.93
CA SER B 226 -18.53 14.71 26.73
C SER B 226 -18.33 13.22 26.94
N ILE B 227 -17.78 12.54 25.94
CA ILE B 227 -17.63 11.07 26.00
C ILE B 227 -16.37 10.66 26.75
N ASN B 228 -15.34 11.51 26.76
CA ASN B 228 -14.12 11.21 27.52
C ASN B 228 -13.97 11.92 28.89
N GLN B 229 -15.06 12.52 29.39
CA GLN B 229 -15.04 13.26 30.66
C GLN B 229 -13.88 14.28 30.70
N ILE B 230 -13.59 14.93 29.55
CA ILE B 230 -12.44 15.83 29.37
C ILE B 230 -12.82 17.26 29.76
N THR B 231 -12.51 17.62 31.01
CA THR B 231 -12.86 18.91 31.62
C THR B 231 -11.60 19.77 31.80
N GLY B 232 -11.82 21.03 32.19
CA GLY B 232 -10.74 21.95 32.57
C GLY B 232 -10.18 22.80 31.43
N LEU B 233 -10.08 22.23 30.22
CA LEU B 233 -9.78 22.98 29.02
C LEU B 233 -10.91 23.99 28.76
N LYS B 234 -10.55 25.27 28.65
CA LYS B 234 -11.53 26.35 28.46
C LYS B 234 -11.50 26.96 27.04
N GLY B 235 -10.68 26.39 26.16
CA GLY B 235 -10.58 26.89 24.82
C GLY B 235 -9.43 26.32 24.07
N THR B 236 -9.29 26.77 22.83
CA THR B 236 -8.19 26.38 21.97
C THR B 236 -7.37 27.62 21.69
N ALA B 237 -6.13 27.41 21.24
CA ALA B 237 -5.27 28.51 20.85
C ALA B 237 -5.29 28.62 19.34
N VAL B 238 -5.01 29.82 18.86
CA VAL B 238 -4.93 30.09 17.42
C VAL B 238 -3.49 30.49 17.10
N ASN B 239 -2.87 29.81 16.14
CA ASN B 239 -1.51 30.06 15.77
C ASN B 239 -1.50 30.61 14.35
N ILE B 240 -1.22 31.89 14.21
CA ILE B 240 -1.05 32.53 12.92
C ILE B 240 0.43 32.55 12.63
N GLN B 241 0.80 31.99 11.50
CA GLN B 241 2.19 31.69 11.20
C GLN B 241 2.51 31.99 9.75
N SER B 242 3.71 32.50 9.49
CA SER B 242 4.13 32.80 8.14
C SER B 242 4.27 31.50 7.32
N MET B 243 3.91 31.57 6.04
CA MET B 243 3.92 30.41 5.18
C MET B 243 5.28 30.15 4.64
N VAL B 244 5.74 28.90 4.76
CA VAL B 244 6.86 28.38 3.94
C VAL B 244 6.27 27.40 2.94
N PHE B 245 6.82 27.37 1.75
CA PHE B 245 6.18 26.74 0.63
C PHE B 245 6.93 25.51 0.19
N GLY B 246 6.34 24.35 0.48
CA GLY B 246 6.91 23.08 -0.01
C GLY B 246 6.54 22.72 -1.43
N ASN B 247 5.94 23.65 -2.18
CA ASN B 247 5.53 23.39 -3.57
C ASN B 247 6.06 24.41 -4.59
N MET B 248 7.16 25.07 -4.27
CA MET B 248 7.75 25.98 -5.21
C MET B 248 8.49 25.24 -6.30
N GLY B 249 8.79 23.96 -6.11
CA GLY B 249 9.55 23.21 -7.14
C GLY B 249 9.83 21.78 -6.70
N ASN B 250 10.83 21.17 -7.35
CA ASN B 250 11.33 19.88 -6.92
C ASN B 250 12.49 19.95 -5.96
N THR B 251 12.80 21.12 -5.42
CA THR B 251 13.73 21.25 -4.29
C THR B 251 12.97 21.62 -3.01
N SER B 252 11.67 21.33 -2.98
CA SER B 252 10.82 21.70 -1.84
C SER B 252 9.86 20.53 -1.59
N GLY B 253 9.32 20.45 -0.37
CA GLY B 253 8.39 19.42 -0.05
C GLY B 253 7.94 19.47 1.39
N THR B 254 7.13 18.50 1.79
CA THR B 254 6.64 18.37 3.15
C THR B 254 6.91 16.99 3.65
N GLY B 255 7.19 16.87 4.95
CA GLY B 255 7.57 15.59 5.53
C GLY B 255 7.18 15.46 6.97
N VAL B 256 7.16 14.21 7.42
CA VAL B 256 6.93 13.87 8.81
C VAL B 256 7.88 12.76 9.21
N LEU B 257 8.22 12.69 10.50
CA LEU B 257 9.11 11.65 10.98
C LEU B 257 9.00 11.49 12.49
N PHE B 258 9.34 10.27 12.91
CA PHE B 258 9.70 9.99 14.28
C PHE B 258 11.22 9.95 14.36
N THR B 259 11.78 10.42 15.47
CA THR B 259 13.24 10.42 15.61
C THR B 259 13.78 9.02 15.84
N ARG B 260 12.94 8.12 16.32
CA ARG B 260 13.29 6.72 16.38
C ARG B 260 12.12 5.87 15.93
N ASN B 261 12.37 4.60 15.61
CA ASN B 261 11.33 3.70 15.14
C ASN B 261 10.30 3.45 16.24
N PRO B 262 9.03 3.84 16.04
CA PRO B 262 8.07 3.70 17.12
C PRO B 262 7.60 2.27 17.37
N SER B 263 7.83 1.36 16.44
CA SER B 263 7.48 -0.05 16.70
C SER B 263 8.60 -0.80 17.35
N THR B 264 9.82 -0.62 16.89
CA THR B 264 10.93 -1.43 17.29
C THR B 264 11.87 -0.71 18.21
N GLY B 265 11.77 0.61 18.31
CA GLY B 265 12.67 1.39 19.15
C GLY B 265 14.00 1.75 18.55
N GLU B 266 14.26 1.33 17.32
CA GLU B 266 15.58 1.51 16.69
C GLU B 266 15.90 2.99 16.59
N LYS B 267 17.12 3.37 16.91
CA LYS B 267 17.58 4.72 16.85
C LYS B 267 17.93 5.06 15.40
N LYS B 268 16.91 5.20 14.58
CA LYS B 268 17.05 5.62 13.19
C LYS B 268 15.84 6.49 12.85
N LEU B 269 16.04 7.52 12.04
CA LEU B 269 14.93 8.38 11.65
C LEU B 269 13.91 7.59 10.86
N TYR B 270 12.64 7.74 11.22
CA TYR B 270 11.52 6.96 10.65
C TYR B 270 10.47 7.95 10.16
N GLY B 271 10.50 8.27 8.89
CA GLY B 271 9.61 9.26 8.33
C GLY B 271 9.34 9.15 6.84
N GLU B 272 8.53 10.09 6.35
CA GLU B 272 8.15 10.15 4.94
C GLU B 272 8.37 11.57 4.47
N PHE B 273 8.59 11.73 3.18
CA PHE B 273 8.72 13.02 2.59
C PHE B 273 8.15 13.02 1.17
N LEU B 274 7.42 14.07 0.85
CA LEU B 274 6.79 14.25 -0.46
C LEU B 274 7.28 15.52 -1.09
N ILE B 275 7.71 15.44 -2.32
CA ILE B 275 8.32 16.56 -3.00
C ILE B 275 7.23 17.35 -3.74
N ASN B 276 7.32 18.68 -3.66
CA ASN B 276 6.44 19.57 -4.36
C ASN B 276 4.98 19.40 -3.87
N ALA B 277 4.78 19.64 -2.59
CA ALA B 277 3.47 19.56 -1.97
C ALA B 277 3.48 20.37 -0.71
N GLN B 278 2.30 20.55 -0.12
CA GLN B 278 2.13 21.35 1.10
C GLN B 278 1.43 20.54 2.14
N GLY B 279 1.76 20.86 3.39
CA GLY B 279 1.01 20.38 4.55
C GLY B 279 0.81 18.89 4.60
N GLU B 280 -0.44 18.47 4.79
CA GLU B 280 -0.79 17.13 5.04
C GLU B 280 -0.89 16.30 3.78
N ASP B 281 -0.36 16.77 2.67
CA ASP B 281 -0.30 15.89 1.49
C ASP B 281 0.52 14.60 1.64
N VAL B 282 1.44 14.53 2.59
CA VAL B 282 2.21 13.33 2.86
C VAL B 282 1.38 12.26 3.50
N VAL B 283 0.37 12.66 4.27
CA VAL B 283 -0.53 11.69 4.93
C VAL B 283 -1.82 11.42 4.13
N ALA B 284 -2.18 12.33 3.20
CA ALA B 284 -3.48 12.26 2.51
C ALA B 284 -3.63 11.04 1.67
N GLY B 285 -2.54 10.46 1.20
CA GLY B 285 -2.61 9.17 0.49
C GLY B 285 -2.94 9.26 -1.00
N ILE B 286 -3.07 10.45 -1.59
CA ILE B 286 -3.30 10.50 -3.02
C ILE B 286 -1.95 10.30 -3.74
N ARG B 287 -0.94 11.10 -3.43
CA ARG B 287 0.37 10.94 -4.01
C ARG B 287 1.17 10.02 -3.12
N THR B 288 2.12 9.29 -3.72
CA THR B 288 2.95 8.39 -2.95
C THR B 288 4.18 9.11 -2.39
N PRO B 289 4.28 9.24 -1.04
CA PRO B 289 5.46 9.85 -0.44
C PRO B 289 6.66 8.90 -0.49
N GLU B 290 7.85 9.47 -0.37
CA GLU B 290 9.09 8.72 -0.34
C GLU B 290 9.69 8.67 1.04
N ASP B 291 10.60 7.77 1.27
CA ASP B 291 11.25 7.65 2.58
C ASP B 291 12.35 8.68 2.69
N LEU B 292 12.95 8.79 3.86
CA LEU B 292 13.96 9.82 4.15
C LEU B 292 15.27 9.56 3.42
N GLY B 293 15.61 8.30 3.17
CA GLY B 293 16.82 8.01 2.44
C GLY B 293 16.75 8.57 1.02
N THR B 294 15.57 8.81 0.49
CA THR B 294 15.47 9.47 -0.79
C THR B 294 15.84 10.93 -0.64
N MET B 295 15.30 11.59 0.38
CA MET B 295 15.66 12.98 0.65
C MET B 295 17.14 13.17 0.99
N GLU B 296 17.78 12.18 1.61
CA GLU B 296 19.21 12.24 1.88
C GLU B 296 19.99 12.47 0.58
N THR B 297 19.58 11.83 -0.51
CA THR B 297 20.26 12.00 -1.78
C THR B 297 19.85 13.27 -2.56
N CYS B 298 18.56 13.55 -2.69
CA CYS B 298 18.14 14.62 -3.57
C CYS B 298 18.02 16.00 -2.85
N MET B 299 18.05 16.01 -1.53
CA MET B 299 18.08 17.24 -0.76
C MET B 299 19.07 17.12 0.39
N PRO B 300 20.37 17.12 0.09
CA PRO B 300 21.36 16.79 1.11
C PRO B 300 21.58 17.86 2.19
N GLU B 301 21.50 19.13 1.82
CA GLU B 301 21.67 20.21 2.79
C GLU B 301 20.52 20.21 3.81
N ALA B 302 19.30 20.03 3.31
CA ALA B 302 18.15 19.99 4.19
C ALA B 302 18.14 18.74 5.05
N TYR B 303 18.62 17.63 4.51
CA TYR B 303 18.72 16.43 5.33
C TYR B 303 19.81 16.54 6.44
N LYS B 304 20.94 17.13 6.14
CA LYS B 304 21.95 17.31 7.16
C LYS B 304 21.42 18.25 8.25
N GLU B 305 20.74 19.32 7.85
CA GLU B 305 20.13 20.24 8.80
C GLU B 305 18.98 19.57 9.57
N LEU B 306 18.30 18.64 8.95
CA LEU B 306 17.27 17.85 9.64
C LEU B 306 17.81 16.90 10.67
N VAL B 307 18.90 16.19 10.36
CA VAL B 307 19.51 15.28 11.31
C VAL B 307 20.06 16.07 12.50
N GLU B 308 20.62 17.24 12.22
CA GLU B 308 21.09 18.13 13.25
C GLU B 308 19.95 18.53 14.18
N ASN B 309 18.84 18.99 13.59
CA ASN B 309 17.72 19.49 14.37
C ASN B 309 17.08 18.37 15.19
N CYS B 310 16.98 17.17 14.62
CA CYS B 310 16.43 16.06 15.39
C CYS B 310 17.31 15.63 16.55
N GLU B 311 18.62 15.74 16.38
CA GLU B 311 19.55 15.46 17.48
C GLU B 311 19.41 16.52 18.60
N ILE B 312 19.19 17.77 18.19
CA ILE B 312 18.96 18.85 19.15
C ILE B 312 17.67 18.65 19.92
N LEU B 313 16.61 18.27 19.25
CA LEU B 313 15.31 18.08 19.92
C LEU B 313 15.32 16.90 20.88
N GLU B 314 15.96 15.79 20.53
CA GLU B 314 16.10 14.71 21.50
C GLU B 314 16.93 15.15 22.69
N ARG B 315 17.91 16.02 22.48
CA ARG B 315 18.72 16.50 23.57
C ARG B 315 17.88 17.40 24.50
N HIS B 316 17.04 18.25 23.92
CA HIS B 316 16.27 19.20 24.69
C HIS B 316 15.08 18.58 25.37
N TYR B 317 14.19 17.95 24.64
CA TYR B 317 13.01 17.29 25.21
C TYR B 317 13.37 15.98 25.92
N LYS B 318 14.50 15.38 25.59
CA LYS B 318 14.94 14.17 26.26
C LYS B 318 13.94 13.05 26.02
N ASP B 319 13.39 12.99 24.81
CA ASP B 319 12.44 11.94 24.45
C ASP B 319 12.41 11.81 22.91
N MET B 320 11.85 10.70 22.45
CA MET B 320 11.57 10.52 21.05
C MET B 320 10.47 11.45 20.59
N MET B 321 10.67 12.10 19.45
CA MET B 321 9.83 13.19 19.00
C MET B 321 9.13 12.88 17.70
N ASP B 322 7.86 13.27 17.60
CA ASP B 322 7.09 13.23 16.35
C ASP B 322 7.11 14.64 15.74
N ILE B 323 7.52 14.75 14.50
CA ILE B 323 7.88 16.00 13.89
C ILE B 323 7.19 16.21 12.55
N GLU B 324 6.85 17.47 12.29
CA GLU B 324 6.39 17.91 10.97
C GLU B 324 7.38 18.93 10.50
N PHE B 325 7.86 18.78 9.28
CA PHE B 325 8.78 19.74 8.69
C PHE B 325 8.47 19.98 7.22
N THR B 326 8.93 21.12 6.72
CA THR B 326 8.69 21.52 5.35
C THR B 326 9.95 22.17 4.78
N VAL B 327 10.32 21.79 3.57
CA VAL B 327 11.49 22.34 2.90
C VAL B 327 11.04 23.29 1.81
N GLN B 328 11.64 24.48 1.78
CA GLN B 328 11.37 25.45 0.73
C GLN B 328 12.68 25.78 0.05
N GLU B 329 12.86 25.24 -1.15
CA GLU B 329 14.07 25.49 -1.95
C GLU B 329 15.35 25.19 -1.17
N ASN B 330 15.46 23.94 -0.77
CA ASN B 330 16.59 23.43 -0.05
C ASN B 330 16.77 23.95 1.36
N ARG B 331 15.85 24.78 1.86
CA ARG B 331 15.95 25.34 3.19
C ARG B 331 14.91 24.68 4.08
N LEU B 332 15.36 24.12 5.19
CA LEU B 332 14.46 23.34 6.07
C LEU B 332 13.74 24.23 7.04
N TRP B 333 12.47 23.94 7.29
CA TRP B 333 11.69 24.63 8.28
C TRP B 333 11.01 23.59 9.17
N MET B 334 10.95 23.91 10.45
CA MET B 334 10.32 23.06 11.44
C MET B 334 8.98 23.66 11.81
N LEU B 335 7.91 22.87 11.77
CA LEU B 335 6.54 23.38 11.93
C LEU B 335 5.73 22.72 13.01
N GLN B 336 6.14 21.57 13.49
CA GLN B 336 5.49 21.00 14.63
C GLN B 336 6.39 19.93 15.25
N CYS B 337 6.38 19.81 16.56
CA CYS B 337 7.00 18.76 17.28
C CYS B 337 6.21 18.35 18.50
N ARG B 338 6.30 17.08 18.89
CA ARG B 338 5.69 16.61 20.11
C ARG B 338 6.24 15.23 20.46
N THR B 339 5.98 14.76 21.67
CA THR B 339 6.51 13.47 22.09
C THR B 339 5.78 12.42 21.30
N GLY B 340 6.51 11.62 20.57
CA GLY B 340 5.90 10.63 19.67
C GLY B 340 5.27 9.42 20.35
N LYS B 341 4.14 8.99 19.81
CA LYS B 341 3.48 7.77 20.20
C LYS B 341 4.32 6.60 19.75
N ARG B 342 4.39 5.56 20.55
CA ARG B 342 5.05 4.33 20.15
C ARG B 342 4.42 3.09 20.76
N THR B 343 4.89 1.93 20.35
CA THR B 343 4.34 0.67 20.85
C THR B 343 5.00 0.33 22.15
N GLY B 344 4.63 -0.79 22.75
CA GLY B 344 5.27 -1.25 23.98
C GLY B 344 6.71 -1.65 23.76
N LYS B 345 6.96 -2.43 22.73
CA LYS B 345 8.35 -2.86 22.43
C LYS B 345 9.23 -1.64 22.21
N GLY B 346 8.70 -0.63 21.54
CA GLY B 346 9.47 0.59 21.29
C GLY B 346 9.66 1.42 22.54
N ALA B 347 8.65 1.46 23.35
CA ALA B 347 8.74 2.27 24.55
C ALA B 347 9.78 1.72 25.50
N VAL B 348 9.82 0.42 25.63
CA VAL B 348 10.77 -0.20 26.53
C VAL B 348 12.19 0.04 25.99
N ARG B 349 12.40 -0.25 24.70
CA ARG B 349 13.73 -0.14 24.13
C ARG B 349 14.21 1.29 24.15
N ILE B 350 13.36 2.24 23.77
CA ILE B 350 13.75 3.64 23.73
C ILE B 350 14.07 4.12 25.13
N ALA B 351 13.29 3.67 26.10
CA ALA B 351 13.53 3.98 27.52
C ALA B 351 14.90 3.44 28.01
N VAL B 352 15.13 2.16 27.80
CA VAL B 352 16.38 1.55 28.24
C VAL B 352 17.57 2.17 27.51
N ASP B 353 17.48 2.32 26.19
CA ASP B 353 18.57 2.93 25.43
C ASP B 353 18.83 4.35 25.85
N MET B 354 17.81 5.12 26.18
CA MET B 354 18.03 6.49 26.59
C MET B 354 18.70 6.53 27.96
N VAL B 355 18.51 5.48 28.78
CA VAL B 355 19.22 5.38 30.05
C VAL B 355 20.69 5.09 29.79
N ASN B 356 20.97 4.12 28.96
CA ASN B 356 22.36 3.86 28.57
C ASN B 356 23.06 5.02 27.86
N GLU B 357 22.30 5.93 27.28
CA GLU B 357 22.87 7.09 26.64
C GLU B 357 23.12 8.22 27.61
N GLY B 358 22.67 8.06 28.85
CA GLY B 358 22.74 9.17 29.79
C GLY B 358 21.86 10.38 29.46
N LEU B 359 20.74 10.13 28.78
CA LEU B 359 19.78 11.18 28.45
C LEU B 359 18.72 11.34 29.54
N ILE B 360 18.26 10.23 30.09
CA ILE B 360 17.32 10.23 31.23
C ILE B 360 17.81 9.24 32.29
N ASP B 361 17.29 9.37 33.50
CA ASP B 361 17.60 8.45 34.58
C ASP B 361 16.54 7.35 34.67
N THR B 362 16.66 6.46 35.63
CA THR B 362 15.75 5.33 35.74
C THR B 362 14.38 5.70 36.26
N ARG B 363 14.25 6.72 37.09
CA ARG B 363 12.96 7.15 37.60
C ARG B 363 12.07 7.67 36.45
N THR B 364 12.65 8.46 35.54
CA THR B 364 11.92 8.94 34.39
C THR B 364 11.68 7.84 33.39
N ALA B 365 12.55 6.85 33.33
CA ALA B 365 12.31 5.71 32.44
C ALA B 365 11.12 4.89 32.89
N ILE B 366 10.93 4.78 34.19
CA ILE B 366 9.79 4.07 34.71
C ILE B 366 8.54 4.83 34.40
N LYS B 367 8.60 6.17 34.43
CA LYS B 367 7.45 7.03 34.20
C LYS B 367 7.18 7.23 32.71
N ARG B 368 7.94 6.61 31.83
CA ARG B 368 7.75 6.76 30.38
C ARG B 368 7.31 5.50 29.65
N VAL B 369 7.27 4.36 30.37
CA VAL B 369 6.65 3.14 29.87
C VAL B 369 5.31 3.02 30.58
N GLU B 370 4.25 3.37 29.89
CA GLU B 370 2.93 3.23 30.42
C GLU B 370 2.55 1.78 30.66
N THR B 371 1.57 1.55 31.51
CA THR B 371 1.13 0.19 31.74
C THR B 371 0.45 -0.42 30.52
N GLN B 372 -0.12 0.43 29.65
CA GLN B 372 -0.70 -0.02 28.38
C GLN B 372 0.39 -0.42 27.38
N HIS B 373 1.58 0.17 27.51
CA HIS B 373 2.74 -0.31 26.78
C HIS B 373 3.12 -1.72 27.25
N LEU B 374 3.18 -1.90 28.55
CA LEU B 374 3.62 -3.17 29.12
C LEU B 374 2.58 -4.27 28.87
N ASP B 375 1.31 -3.90 28.74
CA ASP B 375 0.27 -4.89 28.44
C ASP B 375 0.43 -5.53 27.03
N GLN B 376 1.06 -4.81 26.12
CA GLN B 376 1.29 -5.31 24.81
C GLN B 376 2.36 -6.39 24.79
N LEU B 377 3.13 -6.52 25.88
CA LEU B 377 4.23 -7.46 25.94
C LEU B 377 3.93 -8.70 26.83
N LEU B 378 2.78 -8.71 27.51
CA LEU B 378 2.40 -9.78 28.42
C LEU B 378 1.31 -10.69 27.87
N HIS B 379 1.11 -10.69 26.53
CA HIS B 379 0.10 -11.55 25.92
C HIS B 379 0.58 -13.01 26.08
N PRO B 380 -0.30 -13.89 26.60
CA PRO B 380 0.14 -15.24 26.88
C PRO B 380 0.31 -16.06 25.66
N GLN B 381 1.18 -17.07 25.77
CA GLN B 381 1.35 -18.14 24.76
C GLN B 381 1.00 -19.48 25.39
N PHE B 382 0.93 -20.52 24.56
CA PHE B 382 0.73 -21.88 25.09
C PHE B 382 2.06 -22.46 25.61
N GLU B 383 1.97 -23.29 26.65
CA GLU B 383 3.17 -23.80 27.29
C GLU B 383 3.93 -24.69 26.34
N ASP B 384 3.25 -25.73 25.82
CA ASP B 384 3.84 -26.69 24.82
C ASP B 384 2.83 -26.82 23.67
N PRO B 385 3.19 -26.34 22.47
CA PRO B 385 2.20 -26.43 21.38
C PRO B 385 1.89 -27.87 20.97
N SER B 386 2.88 -28.76 20.96
CA SER B 386 2.63 -30.12 20.50
C SER B 386 1.61 -30.88 21.37
N ALA B 387 1.41 -30.44 22.60
CA ALA B 387 0.41 -31.06 23.47
C ALA B 387 -1.02 -30.92 22.93
N TYR B 388 -1.37 -29.74 22.40
CA TYR B 388 -2.70 -29.57 21.84
C TYR B 388 -2.82 -29.92 20.39
N LYS B 389 -1.69 -30.12 19.70
CA LYS B 389 -1.71 -30.30 18.24
C LYS B 389 -2.64 -31.44 17.81
N SER B 390 -2.98 -32.35 18.72
CA SER B 390 -3.93 -33.42 18.47
C SER B 390 -5.38 -33.09 18.89
N HIS B 391 -5.60 -31.98 19.56
CA HIS B 391 -6.92 -31.60 20.00
C HIS B 391 -7.56 -30.50 19.09
N VAL B 392 -6.86 -30.11 18.02
CA VAL B 392 -7.35 -29.07 17.13
C VAL B 392 -8.54 -29.61 16.37
N VAL B 393 -9.67 -28.96 16.52
CA VAL B 393 -10.92 -29.36 15.90
C VAL B 393 -11.20 -28.56 14.62
N ALA B 394 -10.86 -27.31 14.62
CA ALA B 394 -11.09 -26.40 13.52
C ALA B 394 -9.88 -25.48 13.38
N THR B 395 -9.80 -24.84 12.22
CA THR B 395 -8.74 -23.90 11.93
C THR B 395 -9.32 -22.82 11.06
N GLY B 396 -9.31 -21.60 11.59
CA GLY B 396 -9.81 -20.47 10.89
C GLY B 396 -8.70 -19.51 10.54
N LEU B 397 -9.04 -18.19 10.53
CA LEU B 397 -8.06 -17.15 10.19
C LEU B 397 -7.41 -16.62 11.41
N PRO B 398 -6.09 -16.40 11.37
CA PRO B 398 -5.42 -15.82 12.53
C PRO B 398 -5.65 -14.34 12.62
N ALA B 399 -6.81 -13.95 13.17
CA ALA B 399 -7.24 -12.58 13.11
C ALA B 399 -6.34 -11.71 13.95
N SER B 400 -6.27 -11.99 15.24
CA SER B 400 -5.36 -11.26 16.14
C SER B 400 -4.58 -12.31 16.92
N PRO B 401 -3.24 -12.24 16.86
CA PRO B 401 -2.45 -13.27 17.53
C PRO B 401 -2.64 -13.29 19.01
N GLY B 402 -2.45 -14.49 19.60
CA GLY B 402 -2.55 -14.66 21.04
C GLY B 402 -2.83 -16.09 21.41
N ALA B 403 -3.36 -16.27 22.62
CA ALA B 403 -3.72 -17.58 23.13
C ALA B 403 -4.75 -17.40 24.22
N ALA B 404 -5.87 -18.09 24.12
CA ALA B 404 -6.99 -17.94 25.06
C ALA B 404 -7.52 -19.29 25.48
N VAL B 405 -7.94 -19.39 26.74
CA VAL B 405 -8.55 -20.59 27.28
C VAL B 405 -9.74 -20.16 28.08
N GLY B 406 -10.91 -20.69 27.80
CA GLY B 406 -12.12 -20.25 28.48
C GLY B 406 -13.31 -21.13 28.18
N GLN B 407 -14.48 -20.69 28.61
CA GLN B 407 -15.73 -21.43 28.42
C GLN B 407 -16.52 -20.80 27.28
N VAL B 408 -17.28 -21.65 26.59
CA VAL B 408 -18.03 -21.23 25.41
C VAL B 408 -19.29 -20.45 25.82
N CYS B 409 -19.41 -19.22 25.36
CA CYS B 409 -20.63 -18.43 25.52
C CYS B 409 -21.05 -17.91 24.17
N PHE B 410 -22.35 -17.72 24.00
CA PHE B 410 -22.90 -17.34 22.70
C PHE B 410 -23.47 -15.92 22.65
N SER B 411 -23.17 -15.09 23.63
CA SER B 411 -23.67 -13.72 23.65
C SER B 411 -22.71 -12.82 24.40
N ALA B 412 -22.68 -11.57 23.99
CA ALA B 412 -21.93 -10.54 24.72
C ALA B 412 -22.49 -10.25 26.13
N GLU B 413 -23.79 -10.50 26.35
CA GLU B 413 -24.38 -10.39 27.68
C GLU B 413 -23.79 -11.45 28.61
N ASP B 414 -23.74 -12.70 28.17
CA ASP B 414 -23.16 -13.76 28.96
C ASP B 414 -21.65 -13.58 29.12
N ALA B 415 -21.00 -12.91 28.18
CA ALA B 415 -19.57 -12.63 28.30
C ALA B 415 -19.29 -11.58 29.37
N GLU B 416 -20.10 -10.52 29.42
CA GLU B 416 -19.99 -9.54 30.51
C GLU B 416 -20.35 -10.17 31.87
N THR B 417 -21.37 -11.00 31.89
CA THR B 417 -21.80 -11.70 33.10
C THR B 417 -20.73 -12.68 33.62
N TRP B 418 -20.17 -13.48 32.72
CA TRP B 418 -19.20 -14.49 33.12
C TRP B 418 -17.85 -13.87 33.49
N HIS B 419 -17.53 -12.71 32.92
CA HIS B 419 -16.32 -12.02 33.33
C HIS B 419 -16.50 -11.39 34.69
N ALA B 420 -17.72 -10.91 34.98
CA ALA B 420 -18.05 -10.38 36.32
C ALA B 420 -18.14 -11.48 37.37
N GLN B 421 -18.56 -12.68 36.98
CA GLN B 421 -18.62 -13.83 37.87
C GLN B 421 -17.23 -14.44 38.15
N GLY B 422 -16.18 -14.00 37.45
CA GLY B 422 -14.84 -14.59 37.59
C GLY B 422 -14.46 -15.69 36.58
N LYS B 423 -15.39 -16.10 35.71
CA LYS B 423 -15.07 -17.05 34.64
C LYS B 423 -14.18 -16.41 33.56
N SER B 424 -13.47 -17.27 32.81
CA SER B 424 -12.82 -16.90 31.55
C SER B 424 -13.75 -17.33 30.42
N ALA B 425 -14.17 -16.38 29.60
CA ALA B 425 -15.19 -16.61 28.58
C ALA B 425 -14.60 -16.46 27.20
N ILE B 426 -15.02 -17.36 26.29
CA ILE B 426 -14.71 -17.29 24.88
C ILE B 426 -15.98 -17.07 24.11
N LEU B 427 -16.05 -15.92 23.41
CA LEU B 427 -17.27 -15.50 22.76
C LEU B 427 -17.29 -16.09 21.38
N VAL B 428 -18.20 -17.02 21.14
CA VAL B 428 -18.36 -17.67 19.85
C VAL B 428 -19.66 -17.22 19.23
N ARG B 429 -19.54 -16.56 18.08
CA ARG B 429 -20.70 -16.10 17.31
C ARG B 429 -20.37 -16.12 15.83
N THR B 430 -21.40 -16.15 14.98
CA THR B 430 -21.17 -16.13 13.53
C THR B 430 -20.42 -14.88 13.12
N GLU B 431 -20.83 -13.72 13.65
CA GLU B 431 -20.13 -12.46 13.39
C GLU B 431 -20.45 -11.48 14.49
N THR B 432 -19.69 -10.40 14.56
CA THR B 432 -19.77 -9.45 15.66
C THR B 432 -20.21 -8.10 15.17
N SER B 433 -21.16 -7.48 15.88
CA SER B 433 -21.58 -6.10 15.62
C SER B 433 -20.96 -5.20 16.70
N PRO B 434 -21.01 -3.88 16.49
CA PRO B 434 -20.52 -2.97 17.59
C PRO B 434 -21.35 -3.04 18.89
N GLU B 435 -22.60 -3.48 18.79
CA GLU B 435 -23.42 -3.80 19.96
C GLU B 435 -22.85 -4.92 20.87
N ASP B 436 -21.84 -5.65 20.39
CA ASP B 436 -21.20 -6.71 21.15
C ASP B 436 -19.89 -6.28 21.79
N VAL B 437 -19.41 -5.06 21.46
CA VAL B 437 -18.04 -4.69 21.81
C VAL B 437 -17.76 -4.79 23.30
N GLY B 438 -18.72 -4.36 24.10
CA GLY B 438 -18.60 -4.48 25.54
C GLY B 438 -18.31 -5.90 25.99
N GLY B 439 -19.15 -6.83 25.56
CA GLY B 439 -18.88 -8.25 25.82
C GLY B 439 -17.63 -8.80 25.15
N MET B 440 -17.28 -8.24 23.99
CA MET B 440 -16.06 -8.64 23.33
C MET B 440 -14.83 -8.24 24.15
N HIS B 441 -14.93 -7.16 24.89
CA HIS B 441 -13.82 -6.74 25.76
C HIS B 441 -13.74 -7.62 27.01
N ALA B 442 -14.85 -8.26 27.37
CA ALA B 442 -14.90 -9.14 28.56
C ALA B 442 -14.36 -10.54 28.27
N ALA B 443 -14.50 -11.00 27.02
CA ALA B 443 -14.09 -12.35 26.66
C ALA B 443 -12.55 -12.43 26.56
N ALA B 444 -12.04 -13.59 26.93
CA ALA B 444 -10.61 -13.84 26.81
C ALA B 444 -10.21 -14.10 25.37
N GLY B 445 -11.15 -14.64 24.59
CA GLY B 445 -10.93 -14.86 23.17
C GLY B 445 -12.22 -14.71 22.39
N ILE B 446 -12.07 -14.42 21.11
CA ILE B 446 -13.20 -14.29 20.20
C ILE B 446 -13.06 -15.29 19.06
N LEU B 447 -14.17 -15.96 18.75
CA LEU B 447 -14.21 -16.89 17.65
C LEU B 447 -15.39 -16.58 16.75
N THR B 448 -15.13 -16.21 15.51
CA THR B 448 -16.18 -16.00 14.53
C THR B 448 -16.04 -16.96 13.34
N ALA B 449 -17.18 -17.32 12.75
CA ALA B 449 -17.21 -18.14 11.55
C ALA B 449 -17.27 -17.37 10.26
N ARG B 450 -17.35 -16.05 10.34
CA ARG B 450 -17.45 -15.20 9.16
C ARG B 450 -16.49 -14.06 9.24
N GLY B 451 -16.30 -13.42 8.10
CA GLY B 451 -15.41 -12.29 7.99
C GLY B 451 -13.99 -12.67 7.85
N GLY B 452 -13.18 -11.80 7.27
CA GLY B 452 -11.80 -12.05 7.05
C GLY B 452 -10.86 -11.34 8.00
N MET B 453 -9.65 -11.05 7.55
CA MET B 453 -8.66 -10.38 8.37
C MET B 453 -9.06 -8.94 8.66
N THR B 454 -10.03 -8.38 7.94
CA THR B 454 -10.50 -7.04 8.24
C THR B 454 -11.93 -7.05 8.75
N SER B 455 -12.32 -8.15 9.39
CA SER B 455 -13.67 -8.31 9.96
C SER B 455 -13.84 -7.35 11.13
N HIS B 456 -15.04 -7.27 11.68
CA HIS B 456 -15.25 -6.44 12.86
C HIS B 456 -14.48 -6.97 14.05
N ALA B 457 -14.67 -8.26 14.35
CA ALA B 457 -13.95 -8.90 15.45
C ALA B 457 -12.46 -8.88 15.22
N ALA B 458 -12.02 -8.95 13.99
CA ALA B 458 -10.60 -8.92 13.69
C ALA B 458 -9.99 -7.56 14.03
N VAL B 459 -10.57 -6.49 13.51
CA VAL B 459 -10.00 -5.17 13.73
C VAL B 459 -10.10 -4.77 15.19
N VAL B 460 -11.26 -5.05 15.78
CA VAL B 460 -11.51 -4.69 17.17
C VAL B 460 -10.52 -5.38 18.07
N ALA B 461 -10.31 -6.67 17.85
CA ALA B 461 -9.42 -7.46 18.68
C ALA B 461 -7.96 -7.08 18.47
N ARG B 462 -7.60 -6.61 17.28
CA ARG B 462 -6.24 -6.17 17.03
C ARG B 462 -5.94 -4.93 17.81
N GLY B 463 -6.93 -4.03 17.94
CA GLY B 463 -6.75 -2.85 18.76
C GLY B 463 -6.51 -3.16 20.21
N TRP B 464 -7.06 -4.26 20.72
CA TRP B 464 -6.93 -4.66 22.10
C TRP B 464 -5.77 -5.61 22.36
N GLY B 465 -5.38 -6.41 21.39
CA GLY B 465 -4.49 -7.55 21.62
C GLY B 465 -5.16 -8.83 22.04
N LYS B 466 -6.51 -8.87 22.12
CA LYS B 466 -7.24 -10.07 22.46
C LYS B 466 -7.05 -11.13 21.36
N CYS B 467 -7.06 -12.41 21.75
CA CYS B 467 -6.97 -13.48 20.79
C CYS B 467 -8.27 -13.55 20.02
N CYS B 468 -8.14 -13.70 18.70
CA CYS B 468 -9.31 -13.83 17.85
C CYS B 468 -9.02 -14.73 16.65
N VAL B 469 -9.92 -15.67 16.40
CA VAL B 469 -9.92 -16.45 15.19
C VAL B 469 -11.16 -16.05 14.41
N SER B 470 -10.96 -15.66 13.16
CA SER B 470 -12.02 -15.11 12.33
C SER B 470 -12.29 -16.08 11.18
N GLY B 471 -13.50 -16.00 10.64
CA GLY B 471 -13.83 -16.71 9.42
C GLY B 471 -13.60 -18.21 9.45
N CYS B 472 -13.83 -18.83 10.59
CA CYS B 472 -13.71 -20.26 10.72
C CYS B 472 -15.04 -20.88 10.24
N ALA B 473 -15.09 -21.18 8.95
CA ALA B 473 -16.33 -21.45 8.26
C ALA B 473 -16.92 -22.79 8.55
N ASP B 474 -16.06 -23.77 8.89
CA ASP B 474 -16.55 -25.10 9.22
C ASP B 474 -17.29 -25.15 10.57
N ILE B 475 -17.28 -24.09 11.30
CA ILE B 475 -18.12 -23.93 12.46
C ILE B 475 -19.53 -23.55 12.04
N ARG B 476 -20.54 -24.22 12.58
CA ARG B 476 -21.95 -23.82 12.42
C ARG B 476 -22.50 -23.48 13.83
N VAL B 477 -22.80 -22.22 14.07
CA VAL B 477 -23.29 -21.74 15.35
C VAL B 477 -24.81 -21.74 15.41
N ASN B 478 -25.36 -22.11 16.56
CA ASN B 478 -26.80 -22.14 16.80
C ASN B 478 -27.06 -21.53 18.18
N ASP B 479 -27.42 -20.25 18.18
CA ASP B 479 -27.61 -19.50 19.44
C ASP B 479 -28.87 -19.97 20.22
N ASP B 480 -29.88 -20.46 19.50
CA ASP B 480 -31.13 -20.91 20.12
C ASP B 480 -30.98 -22.23 20.87
N MET B 481 -30.13 -23.12 20.37
CA MET B 481 -29.82 -24.37 21.10
C MET B 481 -28.63 -24.20 22.07
N LYS B 482 -27.95 -23.04 22.06
CA LYS B 482 -26.66 -22.82 22.79
C LYS B 482 -25.64 -23.95 22.47
N ILE B 483 -25.26 -24.02 21.19
CA ILE B 483 -24.37 -25.07 20.69
C ILE B 483 -23.81 -24.60 19.33
N PHE B 484 -22.62 -25.11 18.96
CA PHE B 484 -22.13 -25.00 17.59
C PHE B 484 -21.52 -26.32 17.19
N THR B 485 -21.59 -26.62 15.91
CA THR B 485 -21.15 -27.92 15.42
C THR B 485 -19.92 -27.77 14.52
N ILE B 486 -19.00 -28.73 14.63
CA ILE B 486 -17.88 -28.82 13.71
C ILE B 486 -18.02 -30.18 13.06
N GLY B 487 -18.53 -30.19 11.83
CA GLY B 487 -18.88 -31.46 11.18
C GLY B 487 -19.97 -32.13 12.02
N ASP B 488 -19.66 -33.32 12.53
CA ASP B 488 -20.61 -34.11 13.32
C ASP B 488 -20.52 -33.78 14.82
N ARG B 489 -19.54 -32.98 15.24
CA ARG B 489 -19.23 -32.82 16.66
C ARG B 489 -19.92 -31.59 17.23
N VAL B 490 -20.58 -31.76 18.35
CA VAL B 490 -21.39 -30.74 18.98
C VAL B 490 -20.63 -30.19 20.19
N ILE B 491 -20.66 -28.87 20.35
CA ILE B 491 -20.02 -28.18 21.46
C ILE B 491 -21.09 -27.34 22.14
N LYS B 492 -21.39 -27.64 23.39
CA LYS B 492 -22.47 -26.98 24.16
C LYS B 492 -21.93 -25.76 24.91
N GLU B 493 -22.83 -24.97 25.45
CA GLU B 493 -22.45 -23.76 26.20
C GLU B 493 -21.79 -24.19 27.51
N GLY B 494 -20.81 -23.40 27.95
CA GLY B 494 -20.04 -23.71 29.15
C GLY B 494 -18.89 -24.71 28.99
N ASP B 495 -18.79 -25.36 27.81
CA ASP B 495 -17.67 -26.26 27.53
C ASP B 495 -16.35 -25.51 27.38
N TRP B 496 -15.27 -26.16 27.76
CA TRP B 496 -13.94 -25.50 27.74
C TRP B 496 -13.38 -25.51 26.33
N LEU B 497 -12.75 -24.41 25.93
CA LEU B 497 -12.25 -24.22 24.58
C LEU B 497 -11.01 -23.33 24.61
N SER B 498 -10.10 -23.58 23.68
CA SER B 498 -8.86 -22.82 23.59
C SER B 498 -8.66 -22.36 22.15
N LEU B 499 -8.06 -21.18 21.99
CA LEU B 499 -7.86 -20.58 20.68
C LEU B 499 -6.46 -20.09 20.54
N ASN B 500 -5.84 -20.37 19.40
CA ASN B 500 -4.54 -19.85 19.04
C ASN B 500 -4.76 -18.92 17.92
N GLY B 501 -4.92 -17.64 18.23
CA GLY B 501 -5.13 -16.63 17.21
C GLY B 501 -3.91 -16.31 16.39
N THR B 502 -2.74 -16.83 16.78
CA THR B 502 -1.55 -16.69 15.96
C THR B 502 -1.56 -17.66 14.78
N THR B 503 -2.02 -18.88 15.02
CA THR B 503 -2.18 -19.87 13.98
C THR B 503 -3.61 -20.05 13.53
N GLY B 504 -4.57 -19.56 14.29
CA GLY B 504 -5.96 -19.67 13.94
C GLY B 504 -6.57 -20.99 14.28
N GLU B 505 -6.03 -21.69 15.26
CA GLU B 505 -6.47 -23.05 15.58
C GLU B 505 -7.48 -23.02 16.72
N VAL B 506 -8.51 -23.86 16.60
CA VAL B 506 -9.54 -24.00 17.60
C VAL B 506 -9.29 -25.32 18.31
N ILE B 507 -9.16 -25.28 19.64
CA ILE B 507 -8.57 -26.36 20.42
C ILE B 507 -9.56 -26.78 21.50
N LEU B 508 -9.72 -28.07 21.71
CA LEU B 508 -10.61 -28.60 22.75
C LEU B 508 -10.06 -28.38 24.18
N GLY B 509 -10.95 -27.92 25.04
CA GLY B 509 -10.68 -27.89 26.44
C GLY B 509 -9.58 -26.95 26.88
N LYS B 510 -9.24 -27.09 28.17
CA LYS B 510 -8.24 -26.24 28.78
C LYS B 510 -6.86 -26.57 28.28
N GLN B 511 -6.01 -25.56 28.14
CA GLN B 511 -4.62 -25.73 27.79
C GLN B 511 -3.75 -24.90 28.71
N LEU B 512 -2.48 -25.26 28.76
CA LEU B 512 -1.52 -24.63 29.65
C LEU B 512 -1.01 -23.34 28.98
N LEU B 513 -1.19 -22.21 29.66
CA LEU B 513 -0.70 -20.93 29.17
C LEU B 513 0.53 -20.49 29.94
N ALA B 514 1.41 -19.74 29.28
CA ALA B 514 2.67 -19.29 29.88
C ALA B 514 2.98 -17.85 29.41
N PRO B 515 3.71 -17.09 30.24
CA PRO B 515 4.18 -15.76 29.77
C PRO B 515 5.37 -15.92 28.85
N PRO B 516 5.54 -15.05 27.86
CA PRO B 516 6.74 -15.14 26.98
C PRO B 516 7.90 -14.17 27.33
N ALA B 517 7.67 -13.36 28.36
CA ALA B 517 8.33 -11.95 28.51
C ALA B 517 9.84 -12.05 28.58
N MET B 518 10.49 -12.11 27.42
CA MET B 518 11.89 -12.52 27.36
C MET B 518 12.90 -11.41 27.03
N SER B 519 12.40 -10.21 26.79
CA SER B 519 13.26 -9.15 26.25
C SER B 519 14.30 -8.74 27.27
N ASN B 520 15.56 -8.64 26.85
CA ASN B 520 16.66 -8.22 27.77
C ASN B 520 16.42 -6.79 28.28
N ASP B 521 15.97 -5.89 27.40
CA ASP B 521 15.64 -4.54 27.81
C ASP B 521 14.44 -4.54 28.76
N LEU B 522 13.51 -5.47 28.55
CA LEU B 522 12.37 -5.56 29.47
C LEU B 522 12.80 -6.10 30.82
N GLU B 523 13.72 -7.08 30.84
CA GLU B 523 14.18 -7.66 32.11
C GLU B 523 14.91 -6.61 32.93
N ILE B 524 15.72 -5.80 32.27
CA ILE B 524 16.42 -4.71 32.92
C ILE B 524 15.42 -3.70 33.44
N PHE B 525 14.41 -3.39 32.63
CA PHE B 525 13.41 -2.39 33.02
C PHE B 525 12.63 -2.82 34.26
N MET B 526 12.17 -4.06 34.29
CA MET B 526 11.43 -4.55 35.42
C MET B 526 12.32 -4.74 36.63
N SER B 527 13.63 -4.87 36.42
CA SER B 527 14.60 -4.80 37.53
C SER B 527 14.59 -3.41 38.17
N TRP B 528 14.49 -2.37 37.35
CA TRP B 528 14.39 -1.00 37.87
C TRP B 528 13.10 -0.78 38.64
N ALA B 529 12.01 -1.38 38.15
CA ALA B 529 10.71 -1.24 38.79
C ALA B 529 10.66 -1.94 40.13
N ASP B 530 11.29 -3.10 40.21
CA ASP B 530 11.35 -3.81 41.49
C ASP B 530 12.20 -3.10 42.53
N GLN B 531 13.23 -2.39 42.10
CA GLN B 531 14.03 -1.64 43.04
C GLN B 531 13.30 -0.42 43.54
N ALA B 532 12.54 0.23 42.67
CA ALA B 532 11.94 1.52 42.99
C ALA B 532 10.66 1.41 43.80
N ARG B 533 9.95 0.30 43.67
CA ARG B 533 8.67 0.17 44.34
C ARG B 533 8.82 -0.13 45.81
N ARG B 534 7.93 0.46 46.62
CA ARG B 534 7.81 0.14 48.04
C ARG B 534 6.81 -0.98 48.24
N LEU B 535 5.73 -0.95 47.48
CA LEU B 535 4.63 -1.86 47.69
C LEU B 535 4.98 -3.25 47.20
N LYS B 536 4.51 -4.26 47.89
CA LYS B 536 4.74 -5.63 47.47
C LYS B 536 3.62 -6.10 46.57
N VAL B 537 3.92 -7.11 45.78
CA VAL B 537 2.93 -7.68 44.86
C VAL B 537 2.78 -9.17 45.08
N MET B 538 1.58 -9.61 45.44
CA MET B 538 1.25 -11.01 45.62
C MET B 538 0.36 -11.45 44.46
N ALA B 539 -0.01 -12.72 44.45
CA ALA B 539 -0.77 -13.28 43.36
C ALA B 539 -2.03 -13.94 43.85
N ASN B 540 -2.99 -14.06 42.95
CA ASN B 540 -4.24 -14.76 43.21
C ASN B 540 -4.18 -16.08 42.49
N ALA B 541 -3.63 -17.07 43.19
CA ALA B 541 -3.33 -18.38 42.60
C ALA B 541 -4.13 -19.46 43.30
N ASP B 542 -4.74 -20.34 42.50
CA ASP B 542 -5.44 -21.53 43.01
C ASP B 542 -4.80 -22.87 42.57
N THR B 543 -4.61 -23.06 41.26
CA THR B 543 -3.95 -24.21 40.71
C THR B 543 -2.43 -24.11 40.96
N PRO B 544 -1.75 -25.26 41.16
CA PRO B 544 -0.28 -25.21 41.29
C PRO B 544 0.48 -24.69 40.04
N ASN B 545 -0.11 -24.82 38.86
CA ASN B 545 0.46 -24.19 37.66
C ASN B 545 0.43 -22.67 37.78
N ASP B 546 -0.65 -22.12 38.35
CA ASP B 546 -0.78 -20.67 38.53
C ASP B 546 0.16 -20.16 39.61
N ALA B 547 0.51 -20.99 40.56
CA ALA B 547 1.42 -20.56 41.62
C ALA B 547 2.85 -20.38 41.08
N LEU B 548 3.34 -21.36 40.33
CA LEU B 548 4.67 -21.28 39.72
C LEU B 548 4.65 -20.24 38.62
N THR B 549 3.58 -20.21 37.84
CA THR B 549 3.47 -19.21 36.79
C THR B 549 3.49 -17.81 37.40
N ALA B 550 2.89 -17.66 38.58
CA ALA B 550 2.85 -16.36 39.25
C ALA B 550 4.20 -16.01 39.82
N ARG B 551 4.83 -16.98 40.44
CA ARG B 551 6.16 -16.77 41.00
C ARG B 551 7.19 -16.41 39.90
N ASN B 552 6.99 -16.89 38.69
CA ASN B 552 7.89 -16.59 37.60
C ASN B 552 7.76 -15.13 37.18
N ASN B 553 6.55 -14.56 37.27
CA ASN B 553 6.32 -13.15 36.95
C ASN B 553 6.85 -12.19 38.01
N GLY B 554 7.39 -12.70 39.10
CA GLY B 554 8.00 -11.85 40.12
C GLY B 554 7.15 -11.69 41.35
N ALA B 555 6.13 -12.53 41.52
CA ALA B 555 5.27 -12.46 42.68
C ALA B 555 6.03 -12.78 43.95
N GLN B 556 5.74 -12.05 45.01
CA GLN B 556 6.39 -12.23 46.30
C GLN B 556 5.52 -13.02 47.27
N GLY B 557 4.60 -13.85 46.75
CA GLY B 557 3.74 -14.69 47.57
C GLY B 557 2.34 -14.78 47.01
N ILE B 558 1.45 -15.48 47.69
CA ILE B 558 0.06 -15.59 47.29
C ILE B 558 -0.77 -14.83 48.30
N GLY B 559 -1.51 -13.82 47.82
CA GLY B 559 -2.39 -13.05 48.65
C GLY B 559 -3.79 -13.61 48.72
N LEU B 560 -4.14 -14.51 47.80
CA LEU B 560 -5.47 -15.13 47.84
C LEU B 560 -5.45 -16.46 47.14
N CYS B 561 -5.78 -17.52 47.88
CA CYS B 561 -5.96 -18.86 47.30
C CYS B 561 -7.40 -19.32 47.62
N ARG B 562 -8.24 -19.35 46.60
CA ARG B 562 -9.64 -19.69 46.77
C ARG B 562 -9.79 -21.19 46.86
N THR B 563 -10.38 -21.66 47.96
CA THR B 563 -10.52 -23.09 48.17
C THR B 563 -11.60 -23.72 47.28
N GLU B 564 -12.59 -22.93 46.90
CA GLU B 564 -13.64 -23.44 46.01
C GLU B 564 -13.09 -23.83 44.64
N HIS B 565 -12.02 -23.16 44.21
CA HIS B 565 -11.36 -23.51 42.96
C HIS B 565 -10.60 -24.83 43.05
N MET B 566 -10.34 -25.32 44.26
CA MET B 566 -9.78 -26.64 44.46
C MET B 566 -10.74 -27.76 43.97
N PHE B 567 -12.06 -27.48 43.93
CA PHE B 567 -13.05 -28.46 43.45
C PHE B 567 -13.15 -28.63 41.92
N PHE B 568 -12.44 -27.83 41.13
CA PHE B 568 -12.18 -28.14 39.70
C PHE B 568 -10.95 -29.05 39.61
N ALA B 569 -11.10 -30.29 40.08
CA ALA B 569 -10.01 -31.29 40.03
C ALA B 569 -10.32 -32.47 39.10
N SER B 570 -11.39 -33.21 39.38
CA SER B 570 -11.74 -34.39 38.61
C SER B 570 -13.18 -34.85 38.88
N ASP B 571 -13.54 -36.01 38.33
CA ASP B 571 -14.73 -36.77 38.75
C ASP B 571 -14.80 -36.92 40.28
N GLU B 572 -13.66 -37.25 40.90
CA GLU B 572 -13.56 -37.48 42.36
C GLU B 572 -13.58 -36.22 43.23
N ARG B 573 -13.47 -35.04 42.64
CA ARG B 573 -13.63 -33.78 43.37
C ARG B 573 -15.01 -33.13 43.11
N ILE B 574 -15.41 -33.05 41.84
CA ILE B 574 -16.68 -32.43 41.45
C ILE B 574 -17.91 -33.25 41.93
N LYS B 575 -17.80 -34.57 41.92
CA LYS B 575 -18.87 -35.46 42.39
C LYS B 575 -18.91 -35.52 43.90
N ALA B 576 -17.76 -35.37 44.57
CA ALA B 576 -17.71 -35.41 46.02
C ALA B 576 -18.22 -34.11 46.66
N VAL B 577 -18.08 -32.98 45.96
CA VAL B 577 -18.61 -31.69 46.46
C VAL B 577 -20.14 -31.71 46.52
N ARG B 578 -20.77 -32.48 45.64
CA ARG B 578 -22.22 -32.66 45.65
C ARG B 578 -22.71 -33.42 46.88
N LYS B 579 -21.85 -34.21 47.50
CA LYS B 579 -22.17 -34.91 48.74
C LYS B 579 -22.32 -33.90 49.90
N MET B 580 -21.39 -32.95 50.00
CA MET B 580 -21.46 -31.93 51.02
C MET B 580 -22.55 -30.91 50.72
N ILE B 581 -22.80 -30.65 49.43
CA ILE B 581 -23.83 -29.70 49.02
C ILE B 581 -25.25 -30.22 49.28
N MET B 582 -25.42 -31.56 49.30
CA MET B 582 -26.72 -32.20 49.57
C MET B 582 -26.73 -32.94 50.91
N ALA B 583 -25.94 -32.44 51.86
CA ALA B 583 -25.91 -32.99 53.22
C ALA B 583 -27.16 -32.58 54.01
N VAL B 584 -27.67 -33.57 54.78
CA VAL B 584 -28.92 -33.51 55.51
C VAL B 584 -28.67 -33.45 57.04
N THR B 585 -28.54 -34.63 57.70
CA THR B 585 -28.13 -34.69 59.13
C THR B 585 -26.59 -34.48 59.22
N PRO B 586 -26.06 -33.56 60.08
CA PRO B 586 -24.59 -33.45 60.34
C PRO B 586 -23.75 -34.77 60.45
N GLU B 587 -24.37 -35.89 60.81
CA GLU B 587 -23.78 -37.27 60.59
C GLU B 587 -23.58 -37.58 59.07
N GLN B 588 -24.57 -37.22 58.26
CA GLN B 588 -24.48 -37.25 56.79
C GLN B 588 -23.49 -36.20 56.24
N ARG B 589 -23.41 -35.03 56.88
CA ARG B 589 -22.47 -33.98 56.47
C ARG B 589 -21.01 -34.30 56.79
N LYS B 590 -20.75 -34.84 57.97
CA LYS B 590 -19.40 -35.20 58.37
C LYS B 590 -18.79 -36.32 57.53
N VAL B 591 -19.61 -37.09 56.84
CA VAL B 591 -19.13 -38.17 55.95
C VAL B 591 -18.58 -37.63 54.61
N ALA B 592 -19.05 -36.46 54.18
CA ALA B 592 -18.53 -35.81 52.97
C ALA B 592 -17.28 -34.98 53.22
N LEU B 593 -17.16 -34.38 54.41
CA LEU B 593 -16.00 -33.53 54.74
C LEU B 593 -14.79 -34.37 55.13
N ASP B 594 -14.99 -35.34 56.01
CA ASP B 594 -13.91 -36.25 56.43
C ASP B 594 -13.46 -37.20 55.34
N LEU B 595 -14.24 -37.30 54.25
CA LEU B 595 -13.81 -38.02 53.05
C LEU B 595 -13.27 -37.07 51.98
N LEU B 596 -12.62 -36.00 52.41
CA LEU B 596 -12.12 -34.98 51.48
C LEU B 596 -10.76 -34.34 51.79
N LEU B 597 -10.10 -34.77 52.85
CA LEU B 597 -8.84 -34.14 53.27
C LEU B 597 -7.70 -34.50 52.30
N PRO B 598 -7.50 -35.81 51.99
CA PRO B 598 -6.58 -36.07 50.85
C PRO B 598 -7.00 -35.36 49.53
N TYR B 599 -8.31 -35.24 49.28
CA TYR B 599 -8.79 -34.47 48.14
C TYR B 599 -8.29 -33.00 48.09
N GLN B 600 -8.02 -32.40 49.26
CA GLN B 600 -7.49 -31.01 49.35
C GLN B 600 -6.04 -30.88 49.84
N ARG B 601 -5.55 -31.85 50.64
CA ARG B 601 -4.21 -31.74 51.24
C ARG B 601 -3.14 -31.90 50.18
N SER B 602 -3.36 -32.82 49.24
CA SER B 602 -2.49 -32.99 48.08
C SER B 602 -2.61 -31.78 47.15
N ASP B 603 -3.82 -31.25 47.02
CA ASP B 603 -4.05 -30.03 46.22
C ASP B 603 -3.28 -28.85 46.82
N PHE B 604 -3.37 -28.68 48.14
CA PHE B 604 -2.59 -27.66 48.83
C PHE B 604 -1.10 -27.95 48.76
N GLU B 605 -0.73 -29.23 48.79
CA GLU B 605 0.68 -29.60 48.63
C GLU B 605 1.27 -29.07 47.32
N GLY B 606 0.47 -29.08 46.26
CA GLY B 606 0.89 -28.46 44.99
C GLY B 606 1.16 -26.96 45.09
N ILE B 607 0.41 -26.27 45.95
CA ILE B 607 0.60 -24.84 46.12
C ILE B 607 1.87 -24.55 46.93
N PHE B 608 2.06 -25.29 48.02
CA PHE B 608 3.23 -25.07 48.87
C PHE B 608 4.52 -25.43 48.17
N ARG B 609 4.46 -26.42 47.28
CA ARG B 609 5.65 -26.86 46.54
C ARG B 609 6.18 -25.77 45.62
N ALA B 610 5.27 -25.04 44.97
CA ALA B 610 5.66 -23.98 44.04
C ALA B 610 6.06 -22.69 44.76
N MET B 611 5.44 -22.42 45.92
CA MET B 611 5.62 -21.15 46.62
C MET B 611 6.42 -21.31 47.90
N ASP B 612 7.48 -22.13 47.86
CA ASP B 612 8.34 -22.31 49.03
C ASP B 612 9.12 -21.02 49.31
N GLY B 613 9.11 -20.62 50.58
CA GLY B 613 9.87 -19.45 51.01
C GLY B 613 9.10 -18.17 51.04
N LEU B 614 7.90 -18.15 50.45
CA LEU B 614 7.08 -16.92 50.39
C LEU B 614 5.71 -17.16 51.00
N PRO B 615 5.12 -16.13 51.60
CA PRO B 615 3.82 -16.33 52.26
C PRO B 615 2.69 -16.73 51.33
N VAL B 616 1.88 -17.68 51.75
CA VAL B 616 0.70 -18.13 51.02
C VAL B 616 -0.51 -17.86 51.90
N THR B 617 -1.45 -17.08 51.40
CA THR B 617 -2.61 -16.65 52.17
C THR B 617 -3.86 -17.31 51.59
N ILE B 618 -4.37 -18.30 52.32
CA ILE B 618 -5.49 -19.11 51.86
C ILE B 618 -6.75 -18.64 52.55
N ARG B 619 -7.79 -18.39 51.77
CA ARG B 619 -9.08 -18.03 52.32
C ARG B 619 -9.90 -19.24 52.59
N LEU B 620 -10.93 -19.13 53.39
CA LEU B 620 -11.84 -20.22 53.67
C LEU B 620 -12.90 -20.29 52.57
N LEU B 621 -13.90 -21.15 52.72
CA LEU B 621 -14.89 -21.38 51.67
C LEU B 621 -15.86 -20.19 51.59
N ASP B 622 -15.66 -19.36 50.59
CA ASP B 622 -16.45 -18.14 50.40
C ASP B 622 -17.86 -18.38 49.82
N PRO B 623 -17.96 -18.89 48.60
CA PRO B 623 -19.22 -18.77 47.87
C PRO B 623 -20.29 -19.63 48.43
N PRO B 624 -21.57 -19.35 48.10
CA PRO B 624 -22.66 -20.18 48.63
C PRO B 624 -22.68 -21.55 48.01
N LEU B 625 -23.51 -22.44 48.55
CA LEU B 625 -23.51 -23.83 48.11
C LEU B 625 -24.23 -24.06 46.79
N HIS B 626 -25.19 -23.21 46.44
CA HIS B 626 -26.11 -23.50 45.33
C HIS B 626 -25.59 -23.01 43.98
N GLU B 627 -24.27 -23.16 43.75
CA GLU B 627 -23.63 -22.89 42.45
C GLU B 627 -22.72 -24.04 42.03
N PHE B 628 -22.99 -25.26 42.54
CA PHE B 628 -22.37 -26.52 42.12
C PHE B 628 -23.54 -27.36 41.60
N LEU B 629 -24.03 -27.00 40.42
CA LEU B 629 -25.38 -27.39 39.97
C LEU B 629 -25.30 -28.44 38.86
N LYS B 655 -34.40 -30.74 48.47
CA LYS B 655 -33.04 -30.39 48.87
C LYS B 655 -32.50 -29.16 48.15
N ILE B 656 -32.66 -29.14 46.82
CA ILE B 656 -32.20 -28.00 46.01
C ILE B 656 -33.04 -26.74 46.22
N GLU B 657 -34.25 -26.88 46.74
CA GLU B 657 -35.13 -25.74 47.01
C GLU B 657 -34.72 -24.98 48.27
N ASN B 658 -34.25 -25.68 49.29
CA ASN B 658 -33.74 -25.02 50.48
C ASN B 658 -32.45 -24.20 50.20
N LEU B 659 -31.69 -24.61 49.19
CA LEU B 659 -30.47 -23.91 48.84
C LEU B 659 -30.69 -22.70 47.90
N SER B 660 -31.86 -22.64 47.24
CA SER B 660 -32.17 -21.52 46.34
C SER B 660 -32.38 -20.25 47.15
N GLU B 661 -31.69 -19.18 46.75
CA GLU B 661 -31.70 -17.89 47.44
C GLU B 661 -32.10 -16.76 46.53
N VAL B 662 -32.66 -15.71 47.13
CA VAL B 662 -33.08 -14.50 46.38
C VAL B 662 -31.88 -13.61 46.03
N ASN B 663 -30.94 -13.43 46.96
CA ASN B 663 -29.72 -12.64 46.71
C ASN B 663 -28.51 -13.49 47.14
N PRO B 664 -28.04 -14.39 46.29
CA PRO B 664 -26.91 -15.25 46.66
C PRO B 664 -25.61 -14.53 46.90
N MET B 665 -25.53 -13.25 46.49
CA MET B 665 -24.36 -12.44 46.84
C MET B 665 -24.29 -12.14 48.33
N LEU B 666 -25.44 -12.08 48.99
CA LEU B 666 -25.50 -11.77 50.41
C LEU B 666 -26.32 -12.79 51.18
N GLY B 667 -26.19 -14.05 50.78
CA GLY B 667 -26.92 -15.15 51.38
C GLY B 667 -26.09 -15.93 52.37
N PHE B 668 -26.38 -17.23 52.47
CA PHE B 668 -25.61 -18.14 53.31
C PHE B 668 -24.28 -18.32 52.58
N ARG B 669 -23.26 -17.61 53.04
CA ARG B 669 -22.03 -17.46 52.27
C ARG B 669 -20.88 -17.13 53.20
N GLY B 670 -19.69 -17.53 52.82
CA GLY B 670 -18.48 -17.10 53.51
C GLY B 670 -18.38 -17.70 54.86
N CYS B 671 -18.03 -16.89 55.84
CA CYS B 671 -17.93 -17.38 57.21
C CYS B 671 -19.29 -17.71 57.80
N ARG B 672 -20.35 -17.19 57.20
CA ARG B 672 -21.69 -17.46 57.71
C ARG B 672 -22.04 -18.97 57.54
N LEU B 673 -21.53 -19.58 56.48
CA LEU B 673 -21.56 -21.01 56.37
C LEU B 673 -20.14 -21.43 56.68
N GLY B 674 -19.92 -21.77 57.96
CA GLY B 674 -18.57 -21.89 58.52
C GLY B 674 -18.61 -21.56 60.00
N ILE B 675 -19.57 -20.72 60.38
CA ILE B 675 -19.99 -20.59 61.77
C ILE B 675 -21.20 -21.50 62.01
N SER B 676 -22.22 -21.34 61.18
CA SER B 676 -23.18 -22.43 60.95
C SER B 676 -22.44 -23.50 60.14
N TYR B 677 -22.62 -24.77 60.49
CA TYR B 677 -21.83 -25.84 59.89
C TYR B 677 -20.33 -25.62 60.13
N PRO B 678 -19.88 -25.65 61.40
CA PRO B 678 -18.42 -25.45 61.66
C PRO B 678 -17.49 -26.58 61.20
N GLU B 679 -18.04 -27.67 60.74
CA GLU B 679 -17.21 -28.79 60.31
C GLU B 679 -16.49 -28.52 58.98
N LEU B 680 -16.98 -27.55 58.19
CA LEU B 680 -16.29 -27.17 56.94
C LEU B 680 -15.00 -26.46 57.27
N THR B 681 -15.05 -25.53 58.21
CA THR B 681 -13.86 -24.86 58.68
C THR B 681 -12.91 -25.84 59.36
N GLU B 682 -13.46 -26.74 60.18
CA GLU B 682 -12.67 -27.79 60.84
C GLU B 682 -11.98 -28.69 59.82
N MET B 683 -12.60 -28.91 58.67
CA MET B 683 -12.01 -29.73 57.62
C MET B 683 -10.87 -29.05 56.90
N GLN B 684 -11.14 -27.89 56.27
CA GLN B 684 -10.15 -27.23 55.42
C GLN B 684 -8.99 -26.62 56.22
N VAL B 685 -9.25 -26.19 57.45
CA VAL B 685 -8.16 -25.73 58.32
C VAL B 685 -7.23 -26.89 58.69
N ARG B 686 -7.78 -28.07 58.90
CA ARG B 686 -6.94 -29.27 59.11
C ARG B 686 -6.16 -29.64 57.86
N ALA B 687 -6.75 -29.47 56.69
CA ALA B 687 -6.06 -29.76 55.44
C ALA B 687 -4.85 -28.85 55.23
N ILE B 688 -5.02 -27.58 55.50
CA ILE B 688 -3.93 -26.61 55.29
C ILE B 688 -2.77 -26.85 56.27
N PHE B 689 -3.09 -27.15 57.51
CA PHE B 689 -2.06 -27.36 58.52
C PHE B 689 -1.35 -28.69 58.29
N GLN B 690 -2.10 -29.72 57.88
CA GLN B 690 -1.50 -31.06 57.67
C GLN B 690 -0.60 -31.06 56.43
N ALA B 691 -1.03 -30.34 55.39
CA ALA B 691 -0.17 -30.13 54.22
C ALA B 691 1.01 -29.21 54.55
N ALA B 692 0.83 -28.35 55.53
CA ALA B 692 1.92 -27.44 55.94
C ALA B 692 3.03 -28.20 56.63
N VAL B 693 2.66 -29.04 57.60
CA VAL B 693 3.66 -29.89 58.29
C VAL B 693 4.31 -30.87 57.31
N SER B 694 3.48 -31.50 56.49
CA SER B 694 3.96 -32.46 55.50
C SER B 694 5.01 -31.84 54.59
N MET B 695 4.67 -30.73 53.95
CA MET B 695 5.59 -30.03 53.05
C MET B 695 6.74 -29.34 53.79
N THR B 696 6.57 -29.05 55.09
CA THR B 696 7.62 -28.39 55.86
C THR B 696 8.75 -29.34 56.16
N ASN B 697 8.45 -30.64 56.25
CA ASN B 697 9.48 -31.63 56.59
C ASN B 697 10.51 -31.84 55.49
N GLN B 698 10.15 -31.53 54.24
CA GLN B 698 11.07 -31.65 53.10
C GLN B 698 11.85 -30.35 52.85
N GLY B 699 12.06 -29.55 53.90
CA GLY B 699 12.90 -28.36 53.80
C GLY B 699 12.26 -27.18 53.09
N VAL B 700 11.03 -27.34 52.60
CA VAL B 700 10.35 -26.24 51.93
C VAL B 700 9.88 -25.27 52.99
N THR B 701 10.41 -24.05 52.98
CA THR B 701 10.03 -23.03 53.97
C THR B 701 8.58 -22.62 53.69
N VAL B 702 7.71 -22.77 54.71
CA VAL B 702 6.27 -22.57 54.53
C VAL B 702 5.80 -21.52 55.53
N ILE B 703 5.27 -20.40 55.03
CA ILE B 703 4.64 -19.36 55.85
C ILE B 703 3.16 -19.27 55.49
N PRO B 704 2.28 -20.01 56.16
CA PRO B 704 0.88 -20.01 55.79
C PRO B 704 0.08 -18.92 56.50
N GLU B 705 -1.01 -18.50 55.87
CA GLU B 705 -1.95 -17.53 56.44
C GLU B 705 -3.37 -17.99 56.16
N ILE B 706 -4.24 -17.86 57.16
CA ILE B 706 -5.64 -18.24 57.05
C ILE B 706 -6.49 -16.96 57.04
N MET B 707 -7.35 -16.82 56.03
CA MET B 707 -8.17 -15.64 55.85
C MET B 707 -9.64 -16.03 55.97
N VAL B 708 -10.38 -15.31 56.80
CA VAL B 708 -11.79 -15.57 57.03
C VAL B 708 -12.62 -14.55 56.25
N PRO B 709 -13.48 -15.00 55.35
CA PRO B 709 -14.23 -14.06 54.52
C PRO B 709 -15.53 -13.54 55.12
N LEU B 710 -16.01 -12.44 54.55
CA LEU B 710 -17.30 -11.82 54.91
C LEU B 710 -17.46 -11.53 56.40
N VAL B 711 -16.38 -11.10 57.05
CA VAL B 711 -16.45 -10.71 58.45
C VAL B 711 -17.15 -9.37 58.51
N GLY B 712 -18.24 -9.33 59.26
CA GLY B 712 -18.98 -8.10 59.52
C GLY B 712 -19.06 -7.77 61.00
N THR B 713 -18.91 -8.77 61.86
CA THR B 713 -18.90 -8.58 63.28
C THR B 713 -17.60 -9.14 63.84
N PRO B 714 -17.04 -8.55 64.91
CA PRO B 714 -15.82 -9.12 65.47
C PRO B 714 -16.02 -10.51 66.08
N GLN B 715 -17.24 -10.83 66.50
CA GLN B 715 -17.53 -12.13 67.09
C GLN B 715 -17.54 -13.21 66.02
N GLU B 716 -17.85 -12.87 64.77
CA GLU B 716 -17.70 -13.82 63.68
C GLU B 716 -16.25 -14.24 63.54
N LEU B 717 -15.34 -13.26 63.56
CA LEU B 717 -13.89 -13.54 63.45
C LEU B 717 -13.39 -14.37 64.63
N ARG B 718 -13.75 -13.95 65.83
CA ARG B 718 -13.30 -14.66 67.03
C ARG B 718 -13.81 -16.07 67.08
N HIS B 719 -14.96 -16.32 66.49
CA HIS B 719 -15.48 -17.69 66.39
C HIS B 719 -14.60 -18.52 65.49
N GLN B 720 -14.21 -17.98 64.35
CA GLN B 720 -13.30 -18.67 63.45
C GLN B 720 -11.87 -18.71 63.96
N ILE B 721 -11.49 -17.75 64.80
CA ILE B 721 -10.20 -17.89 65.41
C ILE B 721 -10.18 -19.04 66.43
N SER B 722 -11.25 -19.20 67.22
CA SER B 722 -11.35 -20.32 68.15
C SER B 722 -11.31 -21.66 67.42
N VAL B 723 -11.99 -21.74 66.29
CA VAL B 723 -11.98 -22.98 65.50
C VAL B 723 -10.60 -23.17 64.88
N ILE B 724 -9.97 -22.07 64.46
CA ILE B 724 -8.64 -22.15 63.82
C ILE B 724 -7.55 -22.53 64.84
N ARG B 725 -7.60 -21.93 66.02
CA ARG B 725 -6.64 -22.26 67.08
C ARG B 725 -6.86 -23.68 67.59
N GLY B 726 -8.13 -24.12 67.67
CA GLY B 726 -8.44 -25.47 68.13
C GLY B 726 -7.92 -26.54 67.20
N VAL B 727 -8.29 -26.45 65.92
CA VAL B 727 -7.87 -27.42 64.92
C VAL B 727 -6.37 -27.34 64.68
N ALA B 728 -5.77 -26.18 64.94
CA ALA B 728 -4.33 -26.02 64.80
C ALA B 728 -3.58 -26.81 65.88
N ALA B 729 -4.01 -26.64 67.13
CA ALA B 729 -3.38 -27.35 68.25
C ALA B 729 -3.63 -28.86 68.22
N ASN B 730 -4.78 -29.27 67.69
CA ASN B 730 -5.05 -30.69 67.46
C ASN B 730 -4.18 -31.25 66.33
N VAL B 731 -3.92 -30.45 65.29
CA VAL B 731 -3.05 -30.86 64.17
C VAL B 731 -1.57 -30.94 64.60
N PHE B 732 -1.17 -30.08 65.54
CA PHE B 732 0.18 -30.13 66.10
C PHE B 732 0.42 -31.30 67.08
N ALA B 733 -0.59 -32.16 67.25
CA ALA B 733 -0.39 -33.50 67.85
C ALA B 733 0.23 -34.51 66.88
N GLU B 734 0.08 -34.28 65.59
CA GLU B 734 0.56 -35.19 64.57
C GLU B 734 2.07 -35.19 64.44
N MET B 735 2.75 -34.11 64.87
CA MET B 735 4.21 -34.17 65.03
C MET B 735 4.72 -33.00 65.91
N GLY B 736 5.84 -32.41 65.51
CA GLY B 736 6.30 -31.13 66.05
C GLY B 736 5.47 -29.95 65.53
N VAL B 737 5.33 -28.95 66.38
CA VAL B 737 4.33 -27.88 66.34
C VAL B 737 5.06 -26.63 65.82
N THR B 738 6.18 -26.81 65.11
CA THR B 738 7.15 -25.74 64.91
C THR B 738 6.62 -24.59 64.06
N LEU B 739 5.51 -24.82 63.33
CA LEU B 739 4.97 -23.87 62.35
C LEU B 739 4.17 -22.80 63.05
N GLU B 740 4.71 -21.58 62.96
CA GLU B 740 4.02 -20.39 63.42
C GLU B 740 3.18 -19.84 62.25
N TYR B 741 1.96 -19.40 62.56
CA TYR B 741 1.02 -18.98 61.50
C TYR B 741 0.32 -17.68 61.86
N LYS B 742 -0.41 -17.15 60.88
CA LYS B 742 -1.21 -15.94 61.03
C LYS B 742 -2.63 -16.21 60.55
N VAL B 743 -3.59 -15.60 61.23
CA VAL B 743 -4.99 -15.67 60.84
C VAL B 743 -5.53 -14.25 60.72
N GLY B 744 -6.29 -14.00 59.68
CA GLY B 744 -6.83 -12.66 59.43
C GLY B 744 -8.14 -12.68 58.69
N THR B 745 -8.63 -11.49 58.41
CA THR B 745 -9.93 -11.30 57.76
C THR B 745 -9.76 -10.78 56.35
N MET B 746 -10.79 -10.97 55.55
CA MET B 746 -10.94 -10.21 54.35
C MET B 746 -11.94 -9.13 54.67
N ILE B 747 -11.62 -7.88 54.34
CA ILE B 747 -12.50 -6.73 54.56
C ILE B 747 -13.34 -6.53 53.33
N GLU B 748 -14.48 -7.19 53.29
CA GLU B 748 -15.45 -7.06 52.20
C GLU B 748 -16.69 -6.23 52.57
N ILE B 749 -17.10 -6.28 53.80
CA ILE B 749 -18.35 -5.71 54.25
C ILE B 749 -18.10 -4.31 54.77
N PRO B 750 -18.91 -3.32 54.36
CA PRO B 750 -18.68 -1.95 54.85
C PRO B 750 -18.70 -1.83 56.38
N ARG B 751 -19.52 -2.60 57.05
CA ARG B 751 -19.51 -2.56 58.50
C ARG B 751 -18.16 -2.93 59.09
N ALA B 752 -17.45 -3.85 58.46
CA ALA B 752 -16.10 -4.22 58.96
C ALA B 752 -15.18 -3.04 58.95
N ALA B 753 -15.35 -2.16 57.98
CA ALA B 753 -14.57 -0.95 57.95
C ALA B 753 -15.03 0.02 59.04
N LEU B 754 -16.30 -0.06 59.42
CA LEU B 754 -16.84 0.83 60.43
C LEU B 754 -16.44 0.45 61.85
N ILE B 755 -16.17 -0.83 62.09
CA ILE B 755 -15.82 -1.30 63.42
C ILE B 755 -14.48 -2.04 63.39
N ALA B 756 -13.56 -1.55 62.57
CA ALA B 756 -12.27 -2.21 62.39
C ALA B 756 -11.40 -2.13 63.63
N GLU B 757 -11.67 -1.19 64.54
CA GLU B 757 -10.88 -1.08 65.76
C GLU B 757 -11.05 -2.30 66.67
N GLU B 758 -12.23 -2.91 66.61
CA GLU B 758 -12.51 -4.13 67.37
C GLU B 758 -12.00 -5.38 66.62
N ILE B 759 -11.90 -5.30 65.30
CA ILE B 759 -11.47 -6.44 64.50
C ILE B 759 -9.96 -6.56 64.47
N GLY B 760 -9.27 -5.44 64.36
CA GLY B 760 -7.81 -5.43 64.26
C GLY B 760 -7.07 -5.93 65.48
N LYS B 761 -7.72 -5.87 66.64
CA LYS B 761 -7.11 -6.40 67.87
C LYS B 761 -6.99 -7.93 67.80
N GLU B 762 -7.97 -8.57 67.14
CA GLU B 762 -8.03 -10.03 67.06
C GLU B 762 -7.50 -10.59 65.74
N ALA B 763 -7.03 -9.72 64.84
CA ALA B 763 -6.62 -10.15 63.51
C ALA B 763 -5.14 -9.89 63.30
N ASP B 764 -4.47 -10.78 62.54
CA ASP B 764 -3.07 -10.64 62.21
C ASP B 764 -2.86 -9.87 60.90
N PHE B 765 -3.80 -9.95 59.97
CA PHE B 765 -3.73 -9.20 58.75
C PHE B 765 -5.13 -8.86 58.25
N PHE B 766 -5.21 -7.75 57.50
CA PHE B 766 -6.40 -7.41 56.73
C PHE B 766 -6.11 -7.59 55.25
N SER B 767 -7.15 -7.90 54.48
CA SER B 767 -7.04 -7.95 53.02
C SER B 767 -8.38 -7.46 52.46
N PHE B 768 -8.35 -6.38 51.68
CA PHE B 768 -9.58 -5.81 51.19
C PHE B 768 -10.05 -6.55 49.98
N GLY B 769 -11.26 -7.07 50.05
CA GLY B 769 -11.93 -7.65 48.88
C GLY B 769 -12.76 -6.59 48.18
N THR B 770 -12.14 -5.85 47.27
CA THR B 770 -12.78 -4.65 46.71
C THR B 770 -13.85 -4.94 45.67
N ASN B 771 -13.97 -6.17 45.21
CA ASN B 771 -15.13 -6.58 44.42
C ASN B 771 -16.38 -6.52 45.31
N ASP B 772 -16.40 -7.30 46.39
CA ASP B 772 -17.55 -7.29 47.26
C ASP B 772 -17.73 -5.94 47.96
N LEU B 773 -16.63 -5.24 48.24
CA LEU B 773 -16.75 -3.96 48.94
C LEU B 773 -17.33 -2.89 48.02
N THR B 774 -16.96 -2.92 46.76
CA THR B 774 -17.58 -2.02 45.81
C THR B 774 -19.04 -2.35 45.62
N GLN B 775 -19.35 -3.63 45.52
CA GLN B 775 -20.72 -4.06 45.32
C GLN B 775 -21.64 -3.55 46.44
N MET B 776 -21.19 -3.72 47.68
CA MET B 776 -22.03 -3.38 48.81
C MET B 776 -21.96 -1.93 49.18
N THR B 777 -20.90 -1.22 48.77
CA THR B 777 -20.81 0.22 49.01
C THR B 777 -21.68 0.97 48.01
N PHE B 778 -21.57 0.65 46.73
CA PHE B 778 -22.40 1.25 45.70
C PHE B 778 -23.82 0.73 45.66
N GLY B 779 -24.03 -0.47 46.16
CA GLY B 779 -25.30 -1.17 45.98
C GLY B 779 -25.46 -1.70 44.58
N TYR B 780 -24.39 -2.23 43.99
CA TYR B 780 -24.40 -2.74 42.65
C TYR B 780 -24.11 -4.23 42.67
N SER B 781 -24.96 -5.04 42.03
CA SER B 781 -24.61 -6.43 41.64
C SER B 781 -23.93 -6.37 40.29
N ARG B 782 -22.69 -6.83 40.21
CA ARG B 782 -21.89 -6.68 38.97
C ARG B 782 -22.54 -7.43 37.82
N ASP B 783 -23.00 -8.64 38.08
CA ASP B 783 -23.74 -9.42 37.11
C ASP B 783 -25.06 -8.79 36.63
N ASP B 784 -25.60 -7.85 37.39
CA ASP B 784 -26.84 -7.16 37.02
C ASP B 784 -26.68 -5.67 36.66
N VAL B 785 -25.43 -5.19 36.55
CA VAL B 785 -25.18 -3.77 36.32
C VAL B 785 -25.33 -3.36 34.84
N GLY B 786 -25.33 -4.31 33.90
CA GLY B 786 -25.27 -4.00 32.46
C GLY B 786 -26.48 -3.25 31.91
N LYS B 787 -27.61 -3.30 32.60
CA LYS B 787 -28.80 -2.59 32.12
C LYS B 787 -28.68 -1.07 32.26
N PHE B 788 -27.76 -0.60 33.11
CA PHE B 788 -27.59 0.84 33.37
C PHE B 788 -26.15 1.33 33.39
N LEU B 789 -25.16 0.44 33.52
CA LEU B 789 -23.78 0.88 33.82
C LEU B 789 -23.22 1.71 32.69
N GLN B 790 -23.30 1.18 31.46
CA GLN B 790 -22.74 1.90 30.27
C GLN B 790 -23.50 3.21 30.02
N ILE B 791 -24.78 3.23 30.35
CA ILE B 791 -25.55 4.45 30.27
C ILE B 791 -25.05 5.49 31.30
N TYR B 792 -24.69 5.04 32.50
CA TYR B 792 -24.07 5.92 33.49
C TYR B 792 -22.73 6.45 33.03
N LEU B 793 -21.98 5.64 32.29
CA LEU B 793 -20.72 6.10 31.75
C LEU B 793 -20.90 7.13 30.69
N ALA B 794 -22.02 7.09 29.98
CA ALA B 794 -22.31 8.07 28.91
C ALA B 794 -22.57 9.45 29.50
N GLN B 795 -23.54 9.54 30.40
CA GLN B 795 -24.00 10.80 30.96
C GLN B 795 -23.12 11.38 32.05
N GLY B 796 -21.92 10.83 32.22
CA GLY B 796 -20.97 11.34 33.19
C GLY B 796 -21.42 11.16 34.63
N ILE B 797 -22.25 10.16 34.89
CA ILE B 797 -22.69 9.86 36.25
C ILE B 797 -21.57 9.14 37.01
N LEU B 798 -20.92 8.18 36.35
CA LEU B 798 -19.71 7.54 36.86
C LEU B 798 -18.54 7.92 35.95
N GLN B 799 -17.53 8.54 36.52
CA GLN B 799 -16.32 8.89 35.78
C GLN B 799 -15.52 7.64 35.34
N HIS B 800 -15.64 6.54 36.08
CA HIS B 800 -14.94 5.32 35.75
C HIS B 800 -15.76 4.11 36.16
N ASP B 801 -15.39 2.94 35.67
CA ASP B 801 -16.00 1.69 36.09
C ASP B 801 -15.53 1.37 37.52
N PRO B 802 -16.43 1.32 38.49
CA PRO B 802 -15.99 1.14 39.85
C PRO B 802 -15.46 -0.27 40.15
N PHE B 803 -15.68 -1.23 39.25
CA PHE B 803 -15.15 -2.59 39.40
C PHE B 803 -13.76 -2.73 38.79
N GLU B 804 -13.37 -1.84 37.88
CA GLU B 804 -12.03 -1.82 37.29
C GLU B 804 -11.18 -0.79 38.03
N VAL B 805 -11.69 0.40 38.23
CA VAL B 805 -10.98 1.48 38.92
C VAL B 805 -11.60 1.70 40.28
N ILE B 806 -10.75 1.88 41.29
CA ILE B 806 -11.26 1.97 42.67
C ILE B 806 -11.83 3.34 42.86
N ASP B 807 -12.90 3.44 43.64
CA ASP B 807 -13.57 4.71 43.90
C ASP B 807 -12.98 5.36 45.14
N GLN B 808 -12.21 6.43 44.96
CA GLN B 808 -11.45 7.00 46.06
C GLN B 808 -12.32 7.81 47.03
N LYS B 809 -13.32 8.51 46.50
CA LYS B 809 -14.17 9.36 47.32
C LYS B 809 -15.09 8.58 48.25
N GLY B 810 -15.43 7.35 47.87
CA GLY B 810 -16.38 6.53 48.64
C GLY B 810 -15.75 5.29 49.24
N VAL B 811 -15.59 4.24 48.43
CA VAL B 811 -14.94 3.01 48.86
C VAL B 811 -13.59 3.30 49.47
N GLY B 812 -12.89 4.30 48.95
CA GLY B 812 -11.59 4.67 49.47
C GLY B 812 -11.62 5.14 50.91
N GLN B 813 -12.71 5.79 51.33
CA GLN B 813 -12.87 6.19 52.72
C GLN B 813 -12.99 4.99 53.62
N LEU B 814 -13.66 3.94 53.18
CA LEU B 814 -13.75 2.74 53.97
C LEU B 814 -12.40 2.02 54.04
N ILE B 815 -11.66 2.04 52.95
CA ILE B 815 -10.30 1.48 52.94
C ILE B 815 -9.38 2.31 53.83
N LYS B 816 -9.54 3.63 53.80
CA LYS B 816 -8.73 4.53 54.63
C LYS B 816 -9.01 4.30 56.10
N MET B 817 -10.29 4.28 56.48
CA MET B 817 -10.64 4.19 57.90
C MET B 817 -10.38 2.81 58.45
N ALA B 818 -10.59 1.79 57.65
CA ALA B 818 -10.31 0.44 58.11
C ALA B 818 -8.81 0.23 58.28
N THR B 819 -7.99 0.87 57.45
CA THR B 819 -6.54 0.77 57.59
C THR B 819 -6.06 1.56 58.81
N GLU B 820 -6.62 2.75 59.01
CA GLU B 820 -6.21 3.61 60.14
C GLU B 820 -6.63 3.00 61.47
N LYS B 821 -7.88 2.57 61.57
CA LYS B 821 -8.37 1.88 62.77
C LYS B 821 -7.61 0.57 63.02
N GLY B 822 -7.32 -0.16 61.97
CA GLY B 822 -6.61 -1.42 62.11
C GLY B 822 -5.22 -1.22 62.66
N ARG B 823 -4.47 -0.30 62.05
CA ARG B 823 -3.11 -0.04 62.49
C ARG B 823 -3.09 0.54 63.90
N ALA B 824 -4.07 1.36 64.25
CA ALA B 824 -4.12 1.98 65.58
C ALA B 824 -4.44 0.96 66.68
N ALA B 825 -5.13 -0.12 66.31
CA ALA B 825 -5.41 -1.20 67.26
C ALA B 825 -4.35 -2.32 67.25
N ASN B 826 -3.53 -2.39 66.20
CA ASN B 826 -2.48 -3.37 66.10
C ASN B 826 -1.34 -2.82 65.23
N PRO B 827 -0.21 -2.41 65.84
CA PRO B 827 0.89 -1.86 65.00
C PRO B 827 1.54 -2.85 64.04
N SER B 828 1.52 -4.13 64.38
CA SER B 828 2.10 -5.18 63.53
C SER B 828 1.10 -5.73 62.48
N LEU B 829 0.09 -4.94 62.14
CA LEU B 829 -0.94 -5.41 61.24
C LEU B 829 -0.50 -5.26 59.80
N LYS B 830 -0.39 -6.39 59.09
CA LYS B 830 -0.10 -6.40 57.66
C LYS B 830 -1.43 -6.21 56.93
N VAL B 831 -1.52 -5.18 56.08
CA VAL B 831 -2.76 -4.86 55.37
C VAL B 831 -2.50 -4.95 53.88
N GLY B 832 -3.31 -5.73 53.18
CA GLY B 832 -3.21 -5.83 51.72
C GLY B 832 -4.54 -5.77 51.01
N ILE B 833 -4.53 -6.16 49.74
CA ILE B 833 -5.74 -6.20 48.93
C ILE B 833 -5.60 -7.26 47.83
N CYS B 834 -6.65 -8.07 47.67
CA CYS B 834 -6.65 -9.18 46.72
C CYS B 834 -7.85 -9.09 45.76
N GLY B 835 -8.34 -7.87 45.52
CA GLY B 835 -9.41 -7.66 44.56
C GLY B 835 -8.89 -7.49 43.15
N GLU B 836 -9.83 -7.31 42.21
CA GLU B 836 -9.47 -7.11 40.79
C GLU B 836 -8.77 -5.77 40.56
N HIS B 837 -8.82 -4.87 41.55
CA HIS B 837 -8.21 -3.54 41.44
C HIS B 837 -6.72 -3.56 41.64
N GLY B 838 -6.14 -4.71 42.01
CA GLY B 838 -4.70 -4.79 42.19
C GLY B 838 -3.87 -4.55 40.92
N GLY B 839 -4.49 -4.64 39.74
CA GLY B 839 -3.81 -4.42 38.48
C GLY B 839 -3.93 -3.00 37.95
N GLU B 840 -4.98 -2.28 38.34
CA GLU B 840 -5.24 -0.96 37.77
C GLU B 840 -4.23 0.05 38.34
N PRO B 841 -3.55 0.83 37.50
CA PRO B 841 -2.50 1.73 38.01
C PRO B 841 -2.97 2.83 38.95
N SER B 842 -4.10 3.45 38.64
CA SER B 842 -4.65 4.52 39.52
C SER B 842 -5.06 3.98 40.90
N SER B 843 -5.55 2.74 40.92
CA SER B 843 -5.85 2.08 42.18
C SER B 843 -4.57 1.78 42.97
N VAL B 844 -3.59 1.15 42.32
CA VAL B 844 -2.31 0.86 42.98
C VAL B 844 -1.67 2.16 43.51
N ALA B 845 -1.81 3.24 42.76
CA ALA B 845 -1.32 4.53 43.24
C ALA B 845 -2.06 4.95 44.51
N PHE B 846 -3.35 4.67 44.56
CA PHE B 846 -4.16 5.01 45.73
C PHE B 846 -3.81 4.17 46.94
N PHE B 847 -3.52 2.88 46.71
CA PHE B 847 -3.21 1.98 47.82
C PHE B 847 -1.85 2.28 48.41
N ASP B 848 -0.94 2.80 47.61
CA ASP B 848 0.32 3.30 48.16
C ASP B 848 0.07 4.57 48.94
N GLY B 849 -0.91 5.36 48.50
CA GLY B 849 -1.32 6.56 49.22
C GLY B 849 -1.82 6.25 50.62
N VAL B 850 -2.73 5.27 50.70
CA VAL B 850 -3.32 4.89 51.99
C VAL B 850 -2.27 4.23 52.88
N GLY B 851 -1.31 3.55 52.27
CA GLY B 851 -0.19 2.96 52.99
C GLY B 851 -0.38 1.49 53.23
N LEU B 852 -0.83 0.75 52.21
CA LEU B 852 -0.97 -0.70 52.32
C LEU B 852 0.39 -1.35 52.17
N ASP B 853 0.44 -2.64 52.45
CA ASP B 853 1.68 -3.40 52.38
C ASP B 853 1.82 -4.24 51.11
N TYR B 854 0.70 -4.71 50.54
CA TYR B 854 0.77 -5.43 49.28
C TYR B 854 -0.51 -5.32 48.50
N VAL B 855 -0.38 -5.47 47.20
CA VAL B 855 -1.52 -5.65 46.31
C VAL B 855 -1.40 -7.04 45.74
N SER B 856 -2.52 -7.73 45.59
CA SER B 856 -2.55 -9.08 45.01
C SER B 856 -3.46 -9.07 43.79
N CYS B 857 -2.98 -9.65 42.70
CA CYS B 857 -3.73 -9.67 41.45
C CYS B 857 -3.44 -10.93 40.66
N SER B 858 -4.17 -11.13 39.58
CA SER B 858 -4.00 -12.29 38.69
C SER B 858 -2.55 -12.46 38.26
N PRO B 859 -2.11 -13.70 37.99
CA PRO B 859 -0.69 -13.93 37.68
C PRO B 859 -0.18 -13.18 36.45
N PHE B 860 -0.95 -13.14 35.39
CA PHE B 860 -0.52 -12.39 34.20
C PHE B 860 -0.59 -10.89 34.39
N ARG B 861 -1.37 -10.44 35.38
CA ARG B 861 -1.40 -9.03 35.73
C ARG B 861 -0.30 -8.64 36.71
N VAL B 862 0.47 -9.60 37.20
CA VAL B 862 1.48 -9.30 38.21
C VAL B 862 2.49 -8.25 37.75
N PRO B 863 3.09 -8.38 36.56
CA PRO B 863 4.02 -7.32 36.12
C PRO B 863 3.39 -5.91 35.98
N ILE B 864 2.12 -5.85 35.65
CA ILE B 864 1.43 -4.57 35.56
C ILE B 864 1.44 -3.88 36.93
N ALA B 865 1.06 -4.62 37.96
CA ALA B 865 1.13 -4.09 39.32
C ALA B 865 2.56 -3.79 39.71
N ARG B 866 3.49 -4.62 39.29
CA ARG B 866 4.89 -4.39 39.60
C ARG B 866 5.35 -3.06 38.99
N LEU B 867 4.83 -2.69 37.81
CA LEU B 867 5.14 -1.40 37.21
C LEU B 867 4.33 -0.29 37.86
N ALA B 868 3.06 -0.56 38.18
CA ALA B 868 2.21 0.47 38.74
C ALA B 868 2.65 0.83 40.16
N ALA B 869 3.13 -0.13 40.91
CA ALA B 869 3.67 0.13 42.24
C ALA B 869 4.97 0.93 42.18
N ALA B 870 5.69 0.85 41.07
CA ALA B 870 6.96 1.57 40.91
C ALA B 870 6.79 3.00 40.44
N GLN B 871 5.69 3.32 39.76
CA GLN B 871 5.49 4.64 39.18
C GLN B 871 5.00 5.65 40.19
N VAL B 872 4.98 5.31 41.49
CA VAL B 872 4.69 6.29 42.55
C VAL B 872 5.79 6.34 43.64
#